data_4HK6
#
_entry.id   4HK6
#
_cell.length_a   77.259
_cell.length_b   145.284
_cell.length_c   77.506
_cell.angle_alpha   90.00
_cell.angle_beta   95.84
_cell.angle_gamma   90.00
#
_symmetry.space_group_name_H-M   'P 1 21 1'
#
loop_
_entity.id
_entity.type
_entity.pdbx_description
1 polymer 'Uracil-5-carboxylate decarboxylase'
2 non-polymer 'ZINC ION'
3 non-polymer 5-nitrouracil
4 water water
#
_entity_poly.entity_id   1
_entity_poly.type   'polypeptide(L)'
_entity_poly.pdbx_seq_one_letter_code
;MGSMAASTPVVVDIHTHMYPPSYIAMLEKRQTIPLVRTFPQADEPRLILLSSELAALDAALADPAAKLPGRPLSTHFASL
AQKMHFMDTNGIRVSVISLANPWFDFLAPDEAPGIADAVNAEFSDMCAQHVGRLFFFAALPLSAPVDAVKASIERVKNLK
YCRGIILGTSGLGKGLDDPHLLPVFEAVADAKLLVFLHPHYGLPNEVYGPRSEEYGHVLPLALGFPMETTIAVARMYMAG
VFDHVRNLQMLLAHSGGTLPFLAGRIESCIVHDGHLVKTGKVPKDRRTIWTVLKEQIYLDAVIYSEVGLQAAIASSGADR
LMFGTDHPFFPPIEEDVQGPWDSSRLNAQAVIKAVGEGSSDAAAVMGLNAVRVLSLKAELEHHHHHH
;
_entity_poly.pdbx_strand_id   A,B,C,D
#
loop_
_chem_comp.id
_chem_comp.type
_chem_comp.name
_chem_comp.formula
5NU non-polymer 5-nitrouracil 'C4 H3 N3 O4'
ZN non-polymer 'ZINC ION' 'Zn 2'
#
# COMPACT_ATOMS: atom_id res chain seq x y z
N PRO A 9 12.98 -18.75 27.36
CA PRO A 9 12.55 -17.56 26.64
C PRO A 9 11.61 -16.70 27.49
N VAL A 10 11.54 -15.42 27.17
CA VAL A 10 10.75 -14.47 27.94
C VAL A 10 9.24 -14.61 27.69
N VAL A 11 8.46 -14.61 28.77
CA VAL A 11 7.01 -14.62 28.68
C VAL A 11 6.47 -13.20 28.83
N VAL A 12 5.84 -12.70 27.76
CA VAL A 12 5.24 -11.36 27.76
C VAL A 12 3.71 -11.43 27.75
N ASP A 13 3.09 -10.61 28.60
CA ASP A 13 1.65 -10.46 28.65
C ASP A 13 1.28 -9.10 28.02
N ILE A 14 0.72 -9.11 26.81
CA ILE A 14 0.34 -7.84 26.15
C ILE A 14 -1.09 -7.36 26.41
N HIS A 15 -1.86 -8.14 27.17
CA HIS A 15 -3.26 -7.83 27.41
C HIS A 15 -3.55 -7.92 28.89
N THR A 16 -3.39 -6.79 29.57
CA THR A 16 -3.39 -6.75 31.03
C THR A 16 -3.60 -5.31 31.45
N HIS A 17 -4.50 -5.11 32.42
CA HIS A 17 -5.06 -3.80 32.71
C HIS A 17 -4.83 -3.29 34.10
N MET A 18 -4.97 -1.98 34.26
CA MET A 18 -4.95 -1.32 35.56
C MET A 18 -5.84 -0.07 35.51
N TYR A 19 -6.44 0.26 36.65
CA TYR A 19 -6.96 1.59 36.89
C TYR A 19 -6.03 2.26 37.90
N PRO A 20 -5.41 3.39 37.54
CA PRO A 20 -4.63 4.12 38.54
C PRO A 20 -5.55 4.62 39.66
N PRO A 21 -5.02 4.73 40.88
CA PRO A 21 -5.81 5.13 42.04
C PRO A 21 -6.68 6.37 41.82
N SER A 22 -6.12 7.41 41.18
CA SER A 22 -6.88 8.63 40.89
C SER A 22 -8.05 8.40 39.91
N TYR A 23 -7.87 7.48 38.97
CA TYR A 23 -8.96 7.08 38.07
C TYR A 23 -10.12 6.48 38.84
N ILE A 24 -9.80 5.66 39.84
CA ILE A 24 -10.80 5.10 40.77
C ILE A 24 -11.52 6.21 41.54
N ALA A 25 -10.81 7.29 41.84
CA ALA A 25 -11.39 8.45 42.51
C ALA A 25 -12.55 9.04 41.69
N MET A 26 -12.32 9.23 40.39
CA MET A 26 -13.35 9.72 39.49
C MET A 26 -14.60 8.84 39.52
N LEU A 27 -14.39 7.52 39.61
CA LEU A 27 -15.47 6.54 39.50
C LEU A 27 -16.49 6.54 40.65
N GLU A 28 -16.04 6.76 41.89
CA GLU A 28 -17.03 6.95 42.97
C GLU A 28 -17.50 8.40 43.13
N LYS A 29 -17.14 9.25 42.18
CA LYS A 29 -17.69 10.60 42.10
C LYS A 29 -18.73 10.70 40.98
N ARG A 30 -18.85 9.62 40.19
CA ARG A 30 -19.79 9.56 39.07
C ARG A 30 -21.17 9.06 39.49
N GLN A 31 -22.21 9.70 38.94
CA GLN A 31 -23.59 9.33 39.24
C GLN A 31 -24.14 8.32 38.22
N THR A 32 -23.52 8.25 37.04
CA THR A 32 -23.90 7.28 36.03
C THR A 32 -22.71 6.41 35.60
N ILE A 33 -23.04 5.24 35.05
CA ILE A 33 -22.06 4.30 34.48
C ILE A 33 -21.06 5.02 33.56
N PRO A 34 -19.75 4.74 33.72
CA PRO A 34 -19.12 3.81 34.67
C PRO A 34 -19.03 4.38 36.10
N LEU A 35 -19.20 3.52 37.09
CA LEU A 35 -19.15 3.97 38.48
C LEU A 35 -18.63 2.89 39.43
N VAL A 36 -18.19 3.33 40.61
CA VAL A 36 -17.84 2.46 41.73
C VAL A 36 -18.73 2.81 42.93
N ARG A 37 -19.28 1.80 43.57
CA ARG A 37 -20.11 1.98 44.76
C ARG A 37 -19.91 0.84 45.75
N THR A 38 -19.95 1.21 47.04
CA THR A 38 -19.84 0.25 48.12
C THR A 38 -21.24 -0.13 48.61
N PHE A 39 -21.45 -1.42 48.88
CA PHE A 39 -22.72 -1.92 49.36
C PHE A 39 -22.57 -2.56 50.75
N PRO A 40 -23.59 -2.40 51.63
CA PRO A 40 -23.58 -2.90 53.00
C PRO A 40 -22.98 -4.30 53.22
N GLN A 41 -23.35 -5.27 52.39
CA GLN A 41 -22.99 -6.68 52.64
C GLN A 41 -21.56 -7.12 52.26
N ALA A 42 -20.83 -6.27 51.53
CA ALA A 42 -19.44 -6.55 51.17
C ALA A 42 -18.60 -5.28 51.13
N ASP A 43 -17.59 -5.21 51.98
CA ASP A 43 -16.71 -4.03 52.07
C ASP A 43 -15.82 -3.83 50.82
N GLU A 44 -15.72 -4.87 50.01
CA GLU A 44 -15.11 -4.77 48.69
C GLU A 44 -16.09 -4.04 47.77
N PRO A 45 -15.68 -2.87 47.22
CA PRO A 45 -16.57 -2.05 46.37
C PRO A 45 -16.97 -2.75 45.06
N ARG A 46 -18.00 -2.24 44.42
CA ARG A 46 -18.49 -2.83 43.16
C ARG A 46 -18.11 -1.98 41.95
N LEU A 47 -17.50 -2.63 40.96
CA LEU A 47 -17.15 -1.97 39.70
C LEU A 47 -18.24 -2.21 38.64
N ILE A 48 -18.91 -1.13 38.25
CA ILE A 48 -20.03 -1.19 37.32
C ILE A 48 -19.72 -0.39 36.06
N LEU A 49 -19.33 -1.10 35.00
CA LEU A 49 -18.80 -0.49 33.78
C LEU A 49 -19.73 -0.57 32.58
N LEU A 50 -20.53 -1.63 32.53
CA LEU A 50 -21.23 -2.01 31.31
C LEU A 50 -22.72 -1.66 31.34
N SER A 51 -23.26 -1.43 30.15
CA SER A 51 -24.69 -1.18 29.95
C SER A 51 -25.55 -2.34 30.44
N SER A 52 -25.03 -3.57 30.31
CA SER A 52 -25.71 -4.78 30.77
C SER A 52 -25.96 -4.82 32.29
N GLU A 53 -25.08 -4.18 33.05
CA GLU A 53 -25.17 -4.17 34.51
C GLU A 53 -26.15 -3.11 35.05
N LEU A 54 -26.70 -2.29 34.16
CA LEU A 54 -27.56 -1.17 34.54
C LEU A 54 -28.83 -1.60 35.27
N ALA A 55 -29.45 -2.68 34.81
CA ALA A 55 -30.65 -3.24 35.42
C ALA A 55 -30.40 -3.72 36.85
N ALA A 56 -29.33 -4.50 37.02
CA ALA A 56 -28.95 -5.06 38.32
C ALA A 56 -28.53 -4.00 39.34
N LEU A 57 -28.06 -2.85 38.85
CA LEU A 57 -27.73 -1.71 39.69
C LEU A 57 -29.00 -1.07 40.25
N ASP A 58 -29.99 -0.87 39.38
CA ASP A 58 -31.28 -0.28 39.77
C ASP A 58 -32.02 -1.17 40.78
N ALA A 59 -31.88 -2.48 40.60
CA ALA A 59 -32.46 -3.47 41.51
C ALA A 59 -31.78 -3.44 42.88
N ALA A 60 -30.47 -3.25 42.88
CA ALA A 60 -29.68 -3.21 44.12
C ALA A 60 -29.80 -1.88 44.86
N LEU A 61 -30.09 -0.81 44.11
CA LEU A 61 -30.28 0.53 44.69
C LEU A 61 -31.62 0.69 45.39
N ALA A 62 -32.61 -0.08 44.94
CA ALA A 62 -33.95 -0.04 45.53
C ALA A 62 -34.14 -1.11 46.60
N ASP A 63 -33.76 -2.35 46.26
CA ASP A 63 -33.96 -3.50 47.14
C ASP A 63 -32.63 -3.98 47.74
N PRO A 64 -32.49 -3.94 49.08
CA PRO A 64 -31.29 -4.45 49.74
C PRO A 64 -31.18 -5.99 49.71
N ALA A 65 -32.13 -6.65 49.06
CA ALA A 65 -32.16 -8.12 48.96
C ALA A 65 -31.63 -8.65 47.62
N ALA A 66 -31.68 -7.81 46.59
CA ALA A 66 -31.19 -8.18 45.24
C ALA A 66 -29.68 -8.36 45.22
N LYS A 67 -29.18 -9.07 44.20
CA LYS A 67 -27.74 -9.36 44.08
C LYS A 67 -26.87 -8.13 43.92
N LEU A 68 -25.62 -8.21 44.41
CA LEU A 68 -24.63 -7.17 44.22
C LEU A 68 -24.37 -6.95 42.73
N PRO A 69 -24.42 -5.70 42.27
CA PRO A 69 -24.24 -5.41 40.84
C PRO A 69 -22.77 -5.34 40.42
N GLY A 70 -22.54 -5.37 39.11
CA GLY A 70 -21.20 -5.30 38.54
C GLY A 70 -20.31 -6.41 39.04
N ARG A 71 -19.02 -6.11 39.20
CA ARG A 71 -18.05 -7.08 39.68
C ARG A 71 -17.28 -6.50 40.85
N PRO A 72 -16.64 -7.37 41.68
CA PRO A 72 -15.87 -6.85 42.82
C PRO A 72 -14.65 -6.03 42.39
N LEU A 73 -14.53 -4.82 42.94
CA LEU A 73 -13.32 -4.04 42.76
C LEU A 73 -12.24 -4.55 43.72
N SER A 74 -11.51 -5.57 43.28
CA SER A 74 -10.42 -6.13 44.06
C SER A 74 -9.21 -5.20 44.05
N THR A 75 -8.22 -5.52 44.88
CA THR A 75 -6.98 -4.74 44.96
C THR A 75 -6.12 -4.92 43.71
N HIS A 76 -6.47 -5.90 42.88
CA HIS A 76 -5.72 -6.20 41.66
C HIS A 76 -5.90 -5.17 40.58
N PHE A 77 -6.94 -4.34 40.71
CA PHE A 77 -7.20 -3.28 39.76
C PHE A 77 -6.25 -2.08 39.89
N ALA A 78 -6.01 -1.64 41.12
CA ALA A 78 -5.25 -0.40 41.37
C ALA A 78 -3.82 -0.60 41.90
N SER A 79 -3.50 -1.80 42.37
CA SER A 79 -2.21 -2.03 43.02
C SER A 79 -1.14 -2.61 42.09
N LEU A 80 -0.06 -1.85 41.94
CA LEU A 80 1.08 -2.25 41.12
C LEU A 80 1.82 -3.43 41.74
N ALA A 81 1.82 -3.49 43.08
CA ALA A 81 2.37 -4.62 43.81
C ALA A 81 1.63 -5.92 43.47
N GLN A 82 0.31 -5.83 43.43
CA GLN A 82 -0.51 -6.98 43.01
C GLN A 82 -0.27 -7.40 41.56
N LYS A 83 -0.07 -6.42 40.68
CA LYS A 83 0.29 -6.71 39.29
C LYS A 83 1.57 -7.53 39.22
N MET A 84 2.59 -7.08 39.95
CA MET A 84 3.89 -7.77 39.96
C MET A 84 3.79 -9.15 40.61
N HIS A 85 2.95 -9.26 41.64
CA HIS A 85 2.72 -10.54 42.31
C HIS A 85 2.07 -11.52 41.37
N PHE A 86 1.00 -11.07 40.70
CA PHE A 86 0.36 -11.87 39.66
C PHE A 86 1.41 -12.38 38.65
N MET A 87 2.27 -11.49 38.19
CA MET A 87 3.31 -11.83 37.20
C MET A 87 4.27 -12.91 37.73
N ASP A 88 4.75 -12.73 38.95
CA ASP A 88 5.68 -13.67 39.56
C ASP A 88 5.06 -15.06 39.76
N THR A 89 3.82 -15.09 40.24
CA THR A 89 3.11 -16.36 40.48
C THR A 89 2.71 -17.09 39.21
N ASN A 90 2.53 -16.35 38.12
CA ASN A 90 2.06 -16.94 36.87
C ASN A 90 3.12 -17.06 35.78
N GLY A 91 4.37 -16.81 36.14
CA GLY A 91 5.53 -17.00 35.25
C GLY A 91 5.64 -15.99 34.13
N ILE A 92 5.20 -14.76 34.39
CA ILE A 92 5.22 -13.68 33.41
C ILE A 92 6.36 -12.71 33.70
N ARG A 93 7.27 -12.57 32.74
CA ARG A 93 8.44 -11.71 32.92
C ARG A 93 8.15 -10.25 32.59
N VAL A 94 7.37 -10.02 31.53
CA VAL A 94 7.04 -8.66 31.09
C VAL A 94 5.52 -8.48 30.89
N SER A 95 5.01 -7.33 31.30
CA SER A 95 3.62 -6.96 31.03
C SER A 95 3.56 -5.62 30.30
N VAL A 96 2.78 -5.57 29.23
CA VAL A 96 2.51 -4.30 28.56
C VAL A 96 1.13 -3.87 29.03
N ILE A 97 1.10 -3.07 30.09
CA ILE A 97 -0.17 -2.73 30.75
C ILE A 97 -0.96 -1.66 30.01
N SER A 98 -2.27 -1.63 30.24
CA SER A 98 -3.10 -0.60 29.65
C SER A 98 -4.23 -0.23 30.60
N LEU A 99 -4.68 1.01 30.49
CA LEU A 99 -5.88 1.45 31.18
C LEU A 99 -7.05 0.63 30.66
N ALA A 100 -7.92 0.21 31.56
CA ALA A 100 -9.06 -0.62 31.17
C ALA A 100 -10.19 0.24 30.63
N ASN A 101 -11.12 -0.41 29.94
CA ASN A 101 -12.37 0.23 29.51
C ASN A 101 -13.11 0.88 30.70
N PRO A 102 -13.77 2.02 30.48
CA PRO A 102 -14.00 2.74 29.22
C PRO A 102 -13.02 3.89 28.96
N TRP A 103 -11.82 3.83 29.55
CA TRP A 103 -10.76 4.82 29.30
C TRP A 103 -11.26 6.22 29.57
N PHE A 104 -11.13 7.11 28.57
CA PHE A 104 -11.53 8.51 28.74
C PHE A 104 -12.75 8.90 27.92
N ASP A 105 -13.48 7.90 27.44
CA ASP A 105 -14.63 8.12 26.56
C ASP A 105 -15.77 8.94 27.17
N PHE A 106 -15.94 8.84 28.49
CA PHE A 106 -17.03 9.51 29.21
C PHE A 106 -16.72 10.95 29.65
N LEU A 107 -15.48 11.39 29.45
CA LEU A 107 -15.03 12.72 29.89
C LEU A 107 -15.45 13.86 28.96
N ALA A 108 -15.75 15.02 29.56
CA ALA A 108 -16.07 16.23 28.81
C ALA A 108 -14.87 16.67 27.96
N PRO A 109 -15.14 17.23 26.76
CA PRO A 109 -14.07 17.64 25.84
C PRO A 109 -13.01 18.56 26.44
N ASP A 110 -13.43 19.44 27.36
CA ASP A 110 -12.53 20.42 27.98
C ASP A 110 -11.55 19.81 28.98
N GLU A 111 -12.03 18.87 29.79
CA GLU A 111 -11.22 18.24 30.85
C GLU A 111 -10.39 17.05 30.36
N ALA A 112 -10.76 16.50 29.19
CA ALA A 112 -10.18 15.25 28.68
C ALA A 112 -8.65 15.27 28.48
N PRO A 113 -8.12 16.27 27.72
CA PRO A 113 -6.69 16.25 27.41
C PRO A 113 -5.79 16.33 28.64
N GLY A 114 -6.19 17.12 29.64
CA GLY A 114 -5.41 17.26 30.87
C GLY A 114 -5.42 15.98 31.69
N ILE A 115 -6.58 15.34 31.79
CA ILE A 115 -6.72 14.09 32.52
C ILE A 115 -5.92 12.96 31.85
N ALA A 116 -6.04 12.84 30.51
CA ALA A 116 -5.28 11.85 29.74
C ALA A 116 -3.79 12.02 30.00
N ASP A 117 -3.33 13.25 29.84
CA ASP A 117 -1.95 13.64 30.06
C ASP A 117 -1.45 13.21 31.45
N ALA A 118 -2.25 13.43 32.48
CA ALA A 118 -1.89 13.02 33.85
C ALA A 118 -1.83 11.49 34.00
N VAL A 119 -2.87 10.80 33.52
CA VAL A 119 -2.96 9.35 33.63
C VAL A 119 -1.84 8.67 32.84
N ASN A 120 -1.60 9.14 31.61
CA ASN A 120 -0.53 8.57 30.79
C ASN A 120 0.83 8.74 31.43
N ALA A 121 1.03 9.88 32.11
CA ALA A 121 2.26 10.13 32.87
C ALA A 121 2.40 9.21 34.07
N GLU A 122 1.27 8.92 34.75
CA GLU A 122 1.25 7.96 35.86
C GLU A 122 1.70 6.57 35.40
N PHE A 123 1.15 6.12 34.27
CA PHE A 123 1.48 4.82 33.71
C PHE A 123 2.97 4.70 33.40
N SER A 124 3.54 5.74 32.79
CA SER A 124 4.99 5.82 32.57
C SER A 124 5.78 5.71 33.88
N ASP A 125 5.31 6.41 34.92
CA ASP A 125 5.98 6.35 36.21
C ASP A 125 5.92 4.94 36.82
N MET A 126 4.75 4.31 36.73
CA MET A 126 4.57 2.94 37.24
C MET A 126 5.55 1.98 36.57
N CYS A 127 5.69 2.09 35.26
CA CYS A 127 6.64 1.25 34.50
C CYS A 127 8.09 1.46 34.96
N ALA A 128 8.42 2.69 35.34
CA ALA A 128 9.76 3.03 35.82
C ALA A 128 10.10 2.34 37.14
N GLN A 129 9.08 1.95 37.91
CA GLN A 129 9.29 1.24 39.17
C GLN A 129 9.89 -0.17 39.01
N HIS A 130 9.72 -0.76 37.83
CA HIS A 130 10.24 -2.11 37.57
C HIS A 130 10.84 -2.22 36.20
N VAL A 131 11.98 -1.55 36.02
CA VAL A 131 12.64 -1.38 34.72
C VAL A 131 12.84 -2.71 33.98
N GLY A 132 12.37 -2.74 32.73
CA GLY A 132 12.52 -3.93 31.87
C GLY A 132 11.39 -4.94 31.99
N ARG A 133 10.50 -4.74 32.96
CA ARG A 133 9.39 -5.65 33.20
C ARG A 133 8.04 -5.03 32.85
N LEU A 134 8.00 -3.70 32.68
CA LEU A 134 6.74 -3.01 32.43
C LEU A 134 6.82 -1.99 31.33
N PHE A 135 5.89 -2.11 30.39
CA PHE A 135 5.68 -1.14 29.33
C PHE A 135 4.18 -0.87 29.30
N PHE A 136 3.74 0.10 28.52
CA PHE A 136 2.30 0.40 28.49
C PHE A 136 1.78 0.90 27.14
N PHE A 137 0.50 0.62 26.89
CA PHE A 137 -0.27 1.26 25.84
C PHE A 137 -0.93 2.48 26.46
N ALA A 138 -0.79 3.63 25.81
CA ALA A 138 -1.38 4.88 26.28
C ALA A 138 -2.81 5.06 25.79
N ALA A 139 -3.62 5.77 26.57
CA ALA A 139 -4.98 6.06 26.16
C ALA A 139 -5.14 7.52 25.72
N LEU A 140 -6.06 7.76 24.80
CA LEU A 140 -6.20 9.08 24.17
C LEU A 140 -7.49 9.77 24.57
N PRO A 141 -7.47 11.12 24.62
CA PRO A 141 -8.66 11.91 24.94
C PRO A 141 -9.55 12.11 23.71
N LEU A 142 -10.25 11.06 23.30
CA LEU A 142 -10.98 11.07 22.03
C LEU A 142 -12.28 11.88 22.04
N SER A 143 -12.76 12.26 23.23
CA SER A 143 -13.93 13.12 23.34
C SER A 143 -13.56 14.57 23.05
N ALA A 144 -12.26 14.85 23.02
CA ALA A 144 -11.74 16.17 22.69
C ALA A 144 -11.53 16.31 21.18
N PRO A 145 -11.32 17.55 20.68
CA PRO A 145 -11.02 17.81 19.27
C PRO A 145 -9.81 17.01 18.76
N VAL A 146 -9.83 16.70 17.46
CA VAL A 146 -8.77 15.92 16.80
C VAL A 146 -7.36 16.50 17.01
N ASP A 147 -7.26 17.83 17.01
CA ASP A 147 -5.99 18.54 17.26
C ASP A 147 -5.40 18.24 18.65
N ALA A 148 -6.24 18.25 19.69
CA ALA A 148 -5.80 17.87 21.04
C ALA A 148 -5.40 16.37 21.12
N VAL A 149 -6.05 15.54 20.31
CA VAL A 149 -5.76 14.11 20.24
C VAL A 149 -4.38 13.87 19.61
N LYS A 150 -4.09 14.61 18.54
CA LYS A 150 -2.78 14.57 17.88
C LYS A 150 -1.65 15.08 18.79
N ALA A 151 -1.95 16.12 19.57
CA ALA A 151 -1.00 16.66 20.53
C ALA A 151 -0.69 15.62 21.61
N SER A 152 -1.71 14.90 22.06
CA SER A 152 -1.55 13.84 23.04
C SER A 152 -0.71 12.68 22.46
N ILE A 153 -0.85 12.44 21.17
CA ILE A 153 -0.09 11.39 20.48
C ILE A 153 1.40 11.71 20.47
N GLU A 154 1.75 12.94 20.07
CA GLU A 154 3.15 13.41 20.10
C GLU A 154 3.76 13.30 21.50
N ARG A 155 2.98 13.65 22.51
CA ARG A 155 3.44 13.55 23.91
C ARG A 155 3.70 12.10 24.32
N VAL A 156 2.71 11.21 24.18
CA VAL A 156 2.86 9.83 24.67
C VAL A 156 3.97 9.06 23.97
N LYS A 157 4.29 9.44 22.73
CA LYS A 157 5.36 8.76 21.99
C LYS A 157 6.74 9.06 22.59
N ASN A 158 6.83 10.13 23.38
CA ASN A 158 8.08 10.51 24.05
C ASN A 158 8.12 10.13 25.53
N LEU A 159 7.09 9.43 25.99
CA LEU A 159 7.08 8.89 27.34
C LEU A 159 7.87 7.60 27.40
N LYS A 160 8.76 7.48 28.38
CA LYS A 160 9.51 6.25 28.61
C LYS A 160 8.53 5.09 28.76
N TYR A 161 8.86 3.97 28.12
CA TYR A 161 8.13 2.70 28.27
C TYR A 161 6.78 2.64 27.55
N CYS A 162 6.38 3.71 26.87
CA CYS A 162 5.17 3.67 26.04
C CYS A 162 5.46 2.92 24.75
N ARG A 163 4.58 2.00 24.39
CA ARG A 163 4.81 1.15 23.22
C ARG A 163 3.63 1.11 22.26
N GLY A 164 2.60 1.87 22.57
CA GLY A 164 1.45 1.99 21.69
C GLY A 164 0.27 2.69 22.31
N ILE A 165 -0.87 2.54 21.66
CA ILE A 165 -2.11 3.18 22.04
C ILE A 165 -3.17 2.10 22.28
N ILE A 166 -3.97 2.25 23.34
CA ILE A 166 -5.18 1.44 23.47
C ILE A 166 -6.36 2.30 23.05
N LEU A 167 -7.26 1.75 22.25
CA LEU A 167 -8.51 2.46 21.97
C LEU A 167 -9.75 1.59 21.81
N GLY A 168 -10.89 2.18 22.11
CA GLY A 168 -12.17 1.51 22.00
C GLY A 168 -12.75 1.69 20.62
N THR A 169 -13.94 1.15 20.43
CA THR A 169 -14.54 1.01 19.11
C THR A 169 -15.41 2.19 18.73
N SER A 170 -15.70 3.08 19.66
CA SER A 170 -16.54 4.25 19.34
C SER A 170 -15.77 5.38 18.65
N GLY A 171 -14.44 5.36 18.72
CA GLY A 171 -13.62 6.40 18.09
C GLY A 171 -13.96 7.77 18.65
N LEU A 172 -14.23 8.71 17.74
CA LEU A 172 -14.67 10.04 18.14
C LEU A 172 -16.14 10.06 18.56
N GLY A 173 -16.83 8.95 18.38
CA GLY A 173 -18.24 8.85 18.74
C GLY A 173 -19.09 8.25 17.63
N LYS A 174 -18.47 8.05 16.47
CA LYS A 174 -19.16 7.51 15.31
C LYS A 174 -18.48 6.26 14.77
N GLY A 175 -17.65 5.61 15.59
CA GLY A 175 -16.98 4.39 15.18
C GLY A 175 -15.68 4.65 14.45
N LEU A 176 -15.03 3.57 14.03
CA LEU A 176 -13.68 3.64 13.48
C LEU A 176 -13.62 3.88 11.97
N ASP A 177 -14.79 3.89 11.31
CA ASP A 177 -14.87 4.22 9.89
C ASP A 177 -15.23 5.69 9.66
N ASP A 178 -15.23 6.46 10.74
CA ASP A 178 -15.41 7.91 10.71
C ASP A 178 -14.21 8.52 9.97
N PRO A 179 -14.47 9.28 8.88
CA PRO A 179 -13.38 9.92 8.13
C PRO A 179 -12.58 10.93 8.96
N HIS A 180 -13.21 11.57 9.94
CA HIS A 180 -12.53 12.53 10.82
C HIS A 180 -11.49 11.86 11.69
N LEU A 181 -11.57 10.54 11.80
CA LEU A 181 -10.62 9.76 12.60
C LEU A 181 -9.38 9.39 11.79
N LEU A 182 -9.45 9.55 10.47
CA LEU A 182 -8.33 9.20 9.61
C LEU A 182 -7.01 9.90 10.01
N PRO A 183 -7.05 11.21 10.35
CA PRO A 183 -5.82 11.87 10.77
C PRO A 183 -5.22 11.30 12.06
N VAL A 184 -6.08 10.81 12.97
CA VAL A 184 -5.60 10.15 14.19
C VAL A 184 -4.83 8.86 13.86
N PHE A 185 -5.43 8.00 13.03
CA PHE A 185 -4.76 6.79 12.56
C PHE A 185 -3.42 7.09 11.89
N GLU A 186 -3.40 8.18 11.11
CA GLU A 186 -2.17 8.62 10.43
C GLU A 186 -1.07 9.02 11.43
N ALA A 187 -1.45 9.86 12.40
CA ALA A 187 -0.52 10.30 13.44
C ALA A 187 0.02 9.12 14.24
N VAL A 188 -0.86 8.21 14.66
CA VAL A 188 -0.45 7.03 15.44
C VAL A 188 0.52 6.16 14.65
N ALA A 189 0.20 5.91 13.39
CA ALA A 189 1.02 5.06 12.53
C ALA A 189 2.36 5.71 12.19
N ASP A 190 2.35 7.02 11.96
CA ASP A 190 3.58 7.76 11.69
C ASP A 190 4.49 7.80 12.90
N ALA A 191 3.90 7.79 14.09
CA ALA A 191 4.65 7.72 15.34
C ALA A 191 5.15 6.29 15.65
N LYS A 192 4.85 5.34 14.77
CA LYS A 192 5.24 3.93 14.95
C LYS A 192 4.70 3.32 16.25
N LEU A 193 3.50 3.74 16.64
CA LEU A 193 2.80 3.20 17.80
C LEU A 193 1.77 2.14 17.39
N LEU A 194 1.88 0.96 17.98
CA LEU A 194 0.91 -0.11 17.76
C LEU A 194 -0.44 0.30 18.38
N VAL A 195 -1.52 0.06 17.64
CA VAL A 195 -2.86 0.35 18.15
C VAL A 195 -3.48 -0.94 18.69
N PHE A 196 -3.83 -0.92 19.97
CA PHE A 196 -4.48 -2.06 20.60
C PHE A 196 -5.96 -1.74 20.64
N LEU A 197 -6.72 -2.46 19.82
CA LEU A 197 -8.16 -2.27 19.73
C LEU A 197 -8.87 -3.18 20.72
N HIS A 198 -9.71 -2.58 21.55
CA HIS A 198 -10.31 -3.30 22.66
C HIS A 198 -11.77 -2.95 22.76
N PRO A 199 -12.61 -3.96 23.07
CA PRO A 199 -14.06 -3.78 23.20
C PRO A 199 -14.48 -3.13 24.52
N HIS A 200 -15.71 -2.64 24.55
CA HIS A 200 -16.34 -2.13 25.78
C HIS A 200 -17.82 -2.00 25.68
N TYR A 201 -18.29 -1.46 24.56
CA TYR A 201 -19.70 -1.14 24.38
C TYR A 201 -20.56 -2.36 24.12
N GLY A 202 -19.95 -3.42 23.60
CA GLY A 202 -20.65 -4.67 23.32
C GLY A 202 -21.79 -4.48 22.34
N LEU A 203 -22.89 -5.16 22.60
CA LEU A 203 -24.07 -5.10 21.73
C LEU A 203 -25.27 -4.56 22.51
N PRO A 204 -26.26 -3.96 21.81
CA PRO A 204 -27.45 -3.50 22.52
C PRO A 204 -28.06 -4.64 23.32
N ASN A 205 -28.39 -4.38 24.58
CA ASN A 205 -28.74 -5.44 25.52
C ASN A 205 -29.93 -6.32 25.14
N GLU A 206 -30.80 -5.78 24.30
CA GLU A 206 -32.00 -6.50 23.86
C GLU A 206 -31.69 -7.82 23.13
N VAL A 207 -30.49 -7.94 22.53
CA VAL A 207 -30.13 -9.16 21.79
C VAL A 207 -30.02 -10.39 22.68
N TYR A 208 -29.78 -10.16 23.97
CA TYR A 208 -29.61 -11.26 24.92
C TYR A 208 -30.95 -11.78 25.47
N GLY A 209 -32.02 -11.07 25.18
CA GLY A 209 -33.36 -11.50 25.52
C GLY A 209 -33.72 -11.30 26.98
N PRO A 210 -34.96 -11.68 27.36
CA PRO A 210 -35.52 -11.36 28.68
C PRO A 210 -35.01 -12.21 29.85
N ARG A 211 -34.18 -13.22 29.58
CA ARG A 211 -33.62 -14.05 30.65
C ARG A 211 -32.14 -13.76 30.88
N SER A 212 -31.64 -12.70 30.26
CA SER A 212 -30.21 -12.38 30.31
C SER A 212 -29.61 -12.28 31.73
N GLU A 213 -30.39 -11.73 32.67
CA GLU A 213 -29.96 -11.57 34.06
C GLU A 213 -29.54 -12.90 34.70
N GLU A 214 -30.19 -13.98 34.28
CA GLU A 214 -29.96 -15.31 34.87
C GLU A 214 -28.61 -15.90 34.51
N TYR A 215 -27.98 -15.41 33.45
CA TYR A 215 -26.72 -15.99 32.97
C TYR A 215 -25.48 -15.23 33.42
N GLY A 216 -25.64 -14.34 34.40
CA GLY A 216 -24.51 -13.55 34.90
C GLY A 216 -23.97 -12.62 33.83
N HIS A 217 -22.65 -12.57 33.72
CA HIS A 217 -21.94 -11.72 32.76
C HIS A 217 -21.57 -12.46 31.49
N VAL A 218 -21.92 -13.74 31.43
CA VAL A 218 -21.48 -14.63 30.34
C VAL A 218 -21.75 -14.12 28.91
N LEU A 219 -22.99 -13.78 28.58
CA LEU A 219 -23.30 -13.33 27.22
C LEU A 219 -22.60 -12.01 26.81
N PRO A 220 -22.70 -10.94 27.63
CA PRO A 220 -21.99 -9.72 27.22
C PRO A 220 -20.46 -9.86 27.14
N LEU A 221 -19.87 -10.66 28.02
CA LEU A 221 -18.42 -10.83 28.01
C LEU A 221 -17.94 -11.85 26.97
N ALA A 222 -18.59 -13.01 26.94
CA ALA A 222 -18.20 -14.07 26.01
C ALA A 222 -18.60 -13.78 24.57
N LEU A 223 -19.69 -13.04 24.37
CA LEU A 223 -20.19 -12.80 23.01
C LEU A 223 -20.14 -11.34 22.59
N GLY A 224 -20.74 -10.46 23.40
CA GLY A 224 -20.81 -9.03 23.08
C GLY A 224 -19.48 -8.38 22.77
N PHE A 225 -18.48 -8.65 23.60
CA PHE A 225 -17.14 -8.07 23.44
C PHE A 225 -16.49 -8.47 22.11
N PRO A 226 -16.27 -9.78 21.88
CA PRO A 226 -15.59 -10.15 20.65
C PRO A 226 -16.36 -9.81 19.37
N MET A 227 -17.69 -9.75 19.48
CA MET A 227 -18.52 -9.35 18.34
C MET A 227 -18.38 -7.87 18.03
N GLU A 228 -18.34 -7.05 19.08
CA GLU A 228 -18.06 -5.62 18.94
C GLU A 228 -16.74 -5.37 18.24
N THR A 229 -15.71 -6.14 18.60
CA THR A 229 -14.39 -6.01 17.98
C THR A 229 -14.45 -6.35 16.50
N THR A 230 -15.13 -7.45 16.19
CA THR A 230 -15.26 -7.91 14.80
C THR A 230 -15.95 -6.86 13.92
N ILE A 231 -17.06 -6.31 14.43
CA ILE A 231 -17.82 -5.29 13.70
C ILE A 231 -17.00 -4.01 13.48
N ALA A 232 -16.31 -3.56 14.53
CA ALA A 232 -15.44 -2.38 14.42
C ALA A 232 -14.33 -2.56 13.38
N VAL A 233 -13.59 -3.67 13.44
CA VAL A 233 -12.54 -3.95 12.46
C VAL A 233 -13.09 -4.12 11.04
N ALA A 234 -14.25 -4.77 10.93
CA ALA A 234 -14.85 -4.99 9.62
C ALA A 234 -15.24 -3.67 8.97
N ARG A 235 -15.78 -2.76 9.78
CA ARG A 235 -16.14 -1.41 9.33
C ARG A 235 -14.91 -0.64 8.85
N MET A 236 -13.81 -0.73 9.61
CA MET A 236 -12.54 -0.11 9.23
C MET A 236 -12.07 -0.63 7.87
N TYR A 237 -12.14 -1.95 7.71
CA TYR A 237 -11.65 -2.59 6.49
C TYR A 237 -12.51 -2.19 5.28
N MET A 238 -13.83 -2.21 5.45
CA MET A 238 -14.75 -1.84 4.38
C MET A 238 -14.59 -0.38 3.95
N ALA A 239 -14.26 0.49 4.91
CA ALA A 239 -14.07 1.91 4.61
C ALA A 239 -12.69 2.21 4.03
N GLY A 240 -11.85 1.19 3.94
CA GLY A 240 -10.54 1.34 3.30
C GLY A 240 -9.46 1.93 4.19
N VAL A 241 -9.72 1.99 5.49
CA VAL A 241 -8.77 2.53 6.46
C VAL A 241 -7.37 1.94 6.33
N PHE A 242 -7.29 0.62 6.15
CA PHE A 242 -6.00 -0.06 6.04
C PHE A 242 -5.25 0.31 4.76
N ASP A 243 -5.99 0.61 3.69
CA ASP A 243 -5.39 1.06 2.42
C ASP A 243 -4.99 2.53 2.45
N HIS A 244 -5.77 3.34 3.17
CA HIS A 244 -5.45 4.75 3.34
C HIS A 244 -4.28 4.96 4.27
N VAL A 245 -4.15 4.11 5.28
CA VAL A 245 -3.04 4.20 6.23
C VAL A 245 -2.23 2.90 6.21
N ARG A 246 -1.36 2.79 5.22
CA ARG A 246 -0.64 1.56 4.92
C ARG A 246 0.35 1.13 6.01
N ASN A 247 0.87 2.11 6.75
CA ASN A 247 1.82 1.83 7.83
C ASN A 247 1.17 1.53 9.19
N LEU A 248 -0.16 1.61 9.24
CA LEU A 248 -0.90 1.29 10.46
C LEU A 248 -0.82 -0.19 10.83
N GLN A 249 -0.49 -0.44 12.11
CA GLN A 249 -0.47 -1.78 12.67
C GLN A 249 -1.46 -1.80 13.84
N MET A 250 -2.31 -2.83 13.87
CA MET A 250 -3.31 -2.96 14.91
C MET A 250 -3.20 -4.32 15.62
N LEU A 251 -3.29 -4.28 16.94
CA LEU A 251 -3.38 -5.48 17.74
C LEU A 251 -4.83 -5.63 18.15
N LEU A 252 -5.41 -6.80 17.88
CA LEU A 252 -6.83 -7.03 18.14
C LEU A 252 -7.02 -7.89 19.37
N ALA A 253 -7.86 -7.39 20.27
CA ALA A 253 -8.21 -8.11 21.50
C ALA A 253 -8.93 -9.40 21.19
N HIS A 254 -8.68 -10.41 22.02
CA HIS A 254 -9.35 -11.70 21.98
C HIS A 254 -9.26 -12.38 20.63
N SER A 255 -8.05 -12.42 20.09
CA SER A 255 -7.77 -13.06 18.79
C SER A 255 -8.60 -12.54 17.63
N GLY A 256 -8.93 -11.25 17.67
CA GLY A 256 -9.70 -10.62 16.60
C GLY A 256 -11.20 -10.74 16.82
N GLY A 257 -11.59 -11.17 18.02
CA GLY A 257 -13.00 -11.32 18.35
C GLY A 257 -13.55 -12.59 17.73
N THR A 258 -13.95 -12.48 16.45
CA THR A 258 -14.38 -13.63 15.66
C THR A 258 -13.82 -13.55 14.22
N LEU A 259 -12.99 -12.55 13.96
CA LEU A 259 -12.50 -12.28 12.60
C LEU A 259 -11.85 -13.48 11.90
N PRO A 260 -10.95 -14.22 12.59
CA PRO A 260 -10.33 -15.35 11.90
C PRO A 260 -11.36 -16.38 11.43
N PHE A 261 -12.44 -16.54 12.19
CA PHE A 261 -13.50 -17.50 11.83
C PHE A 261 -14.40 -17.01 10.69
N LEU A 262 -14.62 -15.69 10.59
CA LEU A 262 -15.55 -15.11 9.62
C LEU A 262 -14.90 -14.47 8.38
N ALA A 263 -13.57 -14.46 8.32
CA ALA A 263 -12.84 -13.80 7.24
C ALA A 263 -13.25 -14.35 5.86
N GLY A 264 -13.38 -15.67 5.77
CA GLY A 264 -13.83 -16.32 4.55
C GLY A 264 -15.22 -15.85 4.13
N ARG A 265 -16.13 -15.80 5.10
CA ARG A 265 -17.49 -15.34 4.86
C ARG A 265 -17.53 -13.87 4.43
N ILE A 266 -16.69 -13.05 5.05
CA ILE A 266 -16.56 -11.63 4.69
C ILE A 266 -16.13 -11.45 3.24
N GLU A 267 -15.08 -12.16 2.84
CA GLU A 267 -14.59 -12.17 1.46
C GLU A 267 -15.67 -12.57 0.47
N SER A 268 -16.38 -13.65 0.79
CA SER A 268 -17.43 -14.16 -0.08
C SER A 268 -18.56 -13.14 -0.24
N CYS A 269 -19.02 -12.58 0.87
CA CYS A 269 -20.07 -11.56 0.82
C CYS A 269 -19.67 -10.32 0.01
N ILE A 270 -18.39 -9.93 0.09
CA ILE A 270 -17.87 -8.80 -0.69
C ILE A 270 -17.92 -9.07 -2.20
N VAL A 271 -17.31 -10.17 -2.64
CA VAL A 271 -17.21 -10.47 -4.07
C VAL A 271 -18.57 -10.85 -4.68
N HIS A 272 -19.52 -11.22 -3.82
CA HIS A 272 -20.89 -11.52 -4.27
C HIS A 272 -21.88 -10.40 -4.03
N ASP A 273 -21.41 -9.23 -3.58
CA ASP A 273 -22.33 -8.10 -3.35
C ASP A 273 -22.58 -7.34 -4.65
N GLY A 274 -23.83 -7.36 -5.10
CA GLY A 274 -24.22 -6.72 -6.35
C GLY A 274 -23.92 -5.24 -6.40
N HIS A 275 -24.39 -4.51 -5.40
CA HIS A 275 -24.17 -3.08 -5.30
C HIS A 275 -22.71 -2.71 -5.29
N LEU A 276 -21.89 -3.43 -4.53
CA LEU A 276 -20.46 -3.14 -4.44
C LEU A 276 -19.72 -3.42 -5.76
N VAL A 277 -19.99 -4.58 -6.35
CA VAL A 277 -19.35 -4.95 -7.60
C VAL A 277 -19.70 -3.95 -8.71
N LYS A 278 -20.98 -3.60 -8.81
CA LYS A 278 -21.46 -2.74 -9.89
C LYS A 278 -21.05 -1.27 -9.76
N THR A 279 -20.70 -0.85 -8.55
CA THR A 279 -20.21 0.51 -8.31
C THR A 279 -18.69 0.58 -8.17
N GLY A 280 -18.00 -0.43 -8.71
CA GLY A 280 -16.54 -0.47 -8.76
C GLY A 280 -15.82 -0.55 -7.42
N LYS A 281 -16.49 -1.08 -6.41
CA LYS A 281 -15.90 -1.17 -5.07
C LYS A 281 -15.18 -2.49 -4.82
N VAL A 282 -15.17 -3.37 -5.83
CA VAL A 282 -14.47 -4.65 -5.71
C VAL A 282 -13.50 -4.83 -6.91
N PRO A 283 -12.50 -3.94 -7.04
CA PRO A 283 -11.55 -4.09 -8.16
C PRO A 283 -10.68 -5.35 -8.00
N LYS A 284 -10.03 -5.77 -9.07
CA LYS A 284 -9.26 -7.01 -9.08
C LYS A 284 -7.99 -7.00 -8.24
N ASP A 285 -7.35 -5.83 -8.12
CA ASP A 285 -6.10 -5.69 -7.35
C ASP A 285 -6.37 -5.46 -5.85
N ARG A 286 -7.65 -5.46 -5.49
CA ARG A 286 -8.13 -5.26 -4.13
C ARG A 286 -7.38 -6.09 -3.07
N ARG A 287 -6.95 -5.44 -2.00
CA ARG A 287 -6.30 -6.15 -0.89
C ARG A 287 -7.37 -6.85 -0.06
N THR A 288 -7.27 -8.16 0.01
CA THR A 288 -8.27 -8.97 0.70
C THR A 288 -8.09 -8.85 2.21
N ILE A 289 -9.11 -9.28 2.96
CA ILE A 289 -9.02 -9.27 4.41
C ILE A 289 -7.89 -10.19 4.90
N TRP A 290 -7.59 -11.24 4.13
CA TRP A 290 -6.50 -12.16 4.43
C TRP A 290 -5.16 -11.50 4.36
N THR A 291 -5.00 -10.65 3.35
CA THR A 291 -3.79 -9.87 3.16
C THR A 291 -3.57 -8.91 4.33
N VAL A 292 -4.63 -8.22 4.74
CA VAL A 292 -4.55 -7.26 5.84
C VAL A 292 -4.25 -7.99 7.15
N LEU A 293 -4.85 -9.17 7.32
CA LEU A 293 -4.57 -10.03 8.47
C LEU A 293 -3.11 -10.44 8.61
N LYS A 294 -2.42 -10.58 7.46
CA LYS A 294 -1.02 -10.98 7.45
C LYS A 294 -0.07 -9.79 7.50
N GLU A 295 -0.56 -8.59 7.18
CA GLU A 295 0.32 -7.43 7.00
C GLU A 295 0.14 -6.28 8.01
N GLN A 296 -1.08 -6.08 8.49
CA GLN A 296 -1.37 -4.91 9.35
C GLN A 296 -2.10 -5.26 10.65
N ILE A 297 -2.36 -6.55 10.85
CA ILE A 297 -3.07 -6.99 12.05
C ILE A 297 -2.24 -7.98 12.85
N TYR A 298 -2.17 -7.73 14.15
CA TYR A 298 -1.68 -8.70 15.11
C TYR A 298 -2.85 -9.16 15.95
N LEU A 299 -2.77 -10.40 16.42
CA LEU A 299 -3.83 -10.94 17.25
C LEU A 299 -3.27 -11.34 18.60
N ASP A 300 -3.98 -10.98 19.66
CA ASP A 300 -3.63 -11.52 20.97
C ASP A 300 -4.11 -12.97 21.05
N ALA A 301 -3.63 -13.71 22.06
CA ALA A 301 -3.98 -15.12 22.15
C ALA A 301 -4.91 -15.37 23.32
N VAL A 302 -5.69 -14.35 23.67
CA VAL A 302 -6.69 -14.48 24.70
C VAL A 302 -7.92 -15.12 24.06
N ILE A 303 -7.84 -16.44 23.90
CA ILE A 303 -8.84 -17.19 23.17
C ILE A 303 -9.26 -18.48 23.89
N TYR A 304 -8.46 -18.90 24.88
CA TYR A 304 -8.84 -19.98 25.83
C TYR A 304 -8.89 -21.40 25.27
N SER A 305 -8.62 -21.56 23.98
CA SER A 305 -8.70 -22.88 23.36
C SER A 305 -7.75 -22.99 22.19
N GLU A 306 -7.14 -24.17 22.04
CA GLU A 306 -6.32 -24.45 20.86
C GLU A 306 -7.10 -24.38 19.55
N VAL A 307 -8.41 -24.59 19.63
CA VAL A 307 -9.28 -24.55 18.44
C VAL A 307 -9.32 -23.13 17.86
N GLY A 308 -9.71 -22.17 18.69
CA GLY A 308 -9.68 -20.76 18.31
C GLY A 308 -8.29 -20.32 17.93
N LEU A 309 -7.29 -20.72 18.73
CA LEU A 309 -5.90 -20.29 18.52
C LEU A 309 -5.34 -20.73 17.16
N GLN A 310 -5.61 -21.98 16.80
CA GLN A 310 -5.21 -22.50 15.49
C GLN A 310 -5.81 -21.71 14.33
N ALA A 311 -7.07 -21.29 14.47
CA ALA A 311 -7.71 -20.45 13.46
C ALA A 311 -7.03 -19.09 13.37
N ALA A 312 -6.68 -18.53 14.53
CA ALA A 312 -5.93 -17.27 14.58
C ALA A 312 -4.54 -17.41 13.94
N ILE A 313 -3.83 -18.48 14.30
CA ILE A 313 -2.51 -18.77 13.72
C ILE A 313 -2.60 -18.92 12.19
N ALA A 314 -3.61 -19.64 11.71
CA ALA A 314 -3.78 -19.86 10.28
C ALA A 314 -4.10 -18.54 9.57
N SER A 315 -4.70 -17.61 10.29
CA SER A 315 -5.13 -16.32 9.75
C SER A 315 -4.00 -15.31 9.64
N SER A 316 -3.24 -15.16 10.71
CA SER A 316 -2.23 -14.11 10.79
C SER A 316 -0.78 -14.62 10.77
N GLY A 317 -0.60 -15.91 11.00
CA GLY A 317 0.73 -16.50 11.12
C GLY A 317 1.16 -16.56 12.58
N ALA A 318 2.00 -17.55 12.91
CA ALA A 318 2.50 -17.74 14.27
C ALA A 318 3.38 -16.58 14.75
N ASP A 319 3.89 -15.79 13.81
CA ASP A 319 4.74 -14.65 14.13
C ASP A 319 3.94 -13.38 14.47
N ARG A 320 2.61 -13.45 14.38
CA ARG A 320 1.74 -12.29 14.62
C ARG A 320 0.72 -12.51 15.74
N LEU A 321 0.95 -13.56 16.53
CA LEU A 321 0.13 -13.88 17.69
C LEU A 321 0.87 -13.57 18.99
N MET A 322 0.14 -13.06 19.97
CA MET A 322 0.74 -12.60 21.22
C MET A 322 -0.07 -12.98 22.46
N PHE A 323 0.57 -13.73 23.36
CA PHE A 323 -0.02 -14.13 24.63
C PHE A 323 -0.51 -12.95 25.49
N GLY A 324 -1.63 -13.15 26.17
CA GLY A 324 -2.19 -12.18 27.09
C GLY A 324 -3.03 -12.91 28.13
N THR A 325 -3.40 -12.22 29.21
CA THR A 325 -4.12 -12.86 30.32
C THR A 325 -5.44 -12.19 30.64
N ASP A 326 -5.57 -10.94 30.25
CA ASP A 326 -6.71 -10.09 30.61
C ASP A 326 -6.84 -9.83 32.11
N HIS A 327 -5.73 -9.94 32.82
CA HIS A 327 -5.66 -9.60 34.23
C HIS A 327 -6.07 -8.16 34.39
N PRO A 328 -6.90 -7.83 35.40
CA PRO A 328 -7.40 -8.68 36.48
C PRO A 328 -8.88 -9.05 36.38
N PHE A 329 -9.45 -9.08 35.17
CA PHE A 329 -10.89 -9.20 35.03
C PHE A 329 -11.49 -10.57 35.36
N PHE A 330 -10.69 -11.63 35.25
CA PHE A 330 -11.18 -12.98 35.54
C PHE A 330 -10.39 -13.71 36.65
N PRO A 331 -10.56 -13.27 37.92
CA PRO A 331 -9.97 -13.98 39.07
C PRO A 331 -10.62 -15.35 39.31
N PRO A 332 -9.88 -16.30 39.90
CA PRO A 332 -10.48 -17.57 40.33
C PRO A 332 -11.59 -17.27 41.32
N ILE A 333 -12.68 -18.02 41.26
CA ILE A 333 -13.83 -17.73 42.10
C ILE A 333 -13.73 -18.41 43.45
N GLU A 334 -13.24 -19.65 43.47
CA GLU A 334 -13.17 -20.42 44.71
C GLU A 334 -11.75 -20.82 45.08
N GLU A 335 -10.81 -20.57 44.17
CA GLU A 335 -9.39 -20.80 44.42
C GLU A 335 -8.72 -19.52 44.93
N ASP A 336 -7.50 -19.66 45.42
CA ASP A 336 -6.75 -18.53 45.96
C ASP A 336 -6.44 -17.49 44.87
N VAL A 337 -6.94 -16.28 45.07
CA VAL A 337 -6.73 -15.17 44.14
C VAL A 337 -5.25 -14.73 44.13
N GLN A 338 -4.50 -15.15 45.15
CA GLN A 338 -3.07 -14.88 45.26
C GLN A 338 -2.22 -16.01 44.65
N GLY A 339 -2.89 -17.05 44.16
CA GLY A 339 -2.21 -18.16 43.48
C GLY A 339 -2.22 -18.00 41.97
N PRO A 340 -1.88 -19.06 41.23
CA PRO A 340 -1.96 -18.99 39.78
C PRO A 340 -3.41 -18.83 39.31
N TRP A 341 -3.62 -18.07 38.23
CA TRP A 341 -4.94 -17.84 37.64
C TRP A 341 -5.22 -18.79 36.51
N ASP A 342 -6.35 -19.47 36.58
CA ASP A 342 -6.80 -20.38 35.54
C ASP A 342 -6.96 -19.65 34.20
N SER A 343 -7.44 -18.40 34.27
CA SER A 343 -7.70 -17.59 33.08
C SER A 343 -6.42 -17.28 32.30
N SER A 344 -5.29 -17.30 32.99
CA SER A 344 -3.99 -17.15 32.35
C SER A 344 -3.46 -18.50 31.86
N ARG A 345 -3.58 -19.53 32.70
CA ARG A 345 -3.10 -20.88 32.37
C ARG A 345 -3.85 -21.51 31.19
N LEU A 346 -5.14 -21.23 31.07
CA LEU A 346 -5.94 -21.73 29.93
C LEU A 346 -5.34 -21.29 28.59
N ASN A 347 -4.89 -20.04 28.51
CA ASN A 347 -4.29 -19.51 27.29
C ASN A 347 -2.89 -20.06 27.01
N ALA A 348 -2.11 -20.26 28.07
CA ALA A 348 -0.79 -20.89 27.96
C ALA A 348 -0.93 -22.33 27.46
N GLN A 349 -1.89 -23.05 28.04
CA GLN A 349 -2.18 -24.43 27.65
C GLN A 349 -2.64 -24.52 26.18
N ALA A 350 -3.41 -23.52 25.74
CA ALA A 350 -3.89 -23.47 24.37
C ALA A 350 -2.74 -23.32 23.38
N VAL A 351 -1.74 -22.52 23.74
CA VAL A 351 -0.50 -22.39 22.96
C VAL A 351 0.23 -23.73 22.86
N ILE A 352 0.46 -24.37 23.99
CA ILE A 352 1.11 -25.69 24.07
C ILE A 352 0.38 -26.73 23.20
N LYS A 353 -0.94 -26.80 23.37
CA LYS A 353 -1.74 -27.76 22.61
C LYS A 353 -1.74 -27.49 21.09
N ALA A 354 -1.65 -26.23 20.69
CA ALA A 354 -1.69 -25.86 19.28
C ALA A 354 -0.35 -26.01 18.55
N VAL A 355 0.74 -25.60 19.19
CA VAL A 355 2.05 -25.59 18.52
C VAL A 355 3.13 -26.44 19.19
N GLY A 356 2.82 -27.01 20.34
CA GLY A 356 3.76 -27.89 21.05
C GLY A 356 4.66 -27.16 22.03
N GLU A 357 4.82 -27.73 23.21
CA GLU A 357 5.68 -27.16 24.25
C GLU A 357 7.14 -27.11 23.80
N GLY A 358 7.80 -25.98 24.05
CA GLY A 358 9.21 -25.83 23.76
C GLY A 358 9.55 -25.60 22.30
N SER A 359 8.54 -25.47 21.44
CA SER A 359 8.78 -25.17 20.02
C SER A 359 9.11 -23.68 19.84
N SER A 360 9.63 -23.32 18.67
CA SER A 360 9.93 -21.92 18.39
C SER A 360 8.66 -21.08 18.16
N ASP A 361 7.59 -21.70 17.67
CA ASP A 361 6.28 -21.06 17.57
C ASP A 361 5.74 -20.71 18.95
N ALA A 362 5.87 -21.65 19.89
CA ALA A 362 5.46 -21.46 21.28
C ALA A 362 6.16 -20.26 21.93
N ALA A 363 7.49 -20.20 21.79
CA ALA A 363 8.29 -19.10 22.33
C ALA A 363 7.90 -17.76 21.71
N ALA A 364 7.65 -17.77 20.40
CA ALA A 364 7.20 -16.59 19.67
C ALA A 364 5.91 -16.06 20.26
N VAL A 365 4.91 -16.94 20.39
CA VAL A 365 3.58 -16.54 20.85
C VAL A 365 3.58 -16.10 22.31
N MET A 366 4.32 -16.86 23.14
CA MET A 366 4.40 -16.59 24.57
C MET A 366 5.17 -15.32 24.94
N GLY A 367 5.95 -14.77 24.01
CA GLY A 367 6.66 -13.53 24.30
C GLY A 367 7.56 -12.90 23.23
N LEU A 368 8.27 -13.74 22.47
CA LEU A 368 9.25 -13.23 21.49
C LEU A 368 8.67 -12.41 20.34
N ASN A 369 7.42 -12.67 19.96
CA ASN A 369 6.74 -11.81 18.99
C ASN A 369 6.58 -10.39 19.53
N ALA A 370 6.10 -10.30 20.77
CA ALA A 370 5.91 -9.01 21.44
C ALA A 370 7.23 -8.26 21.63
N VAL A 371 8.27 -9.00 22.03
CA VAL A 371 9.61 -8.43 22.18
C VAL A 371 10.08 -7.80 20.87
N ARG A 372 9.96 -8.55 19.78
CA ARG A 372 10.37 -8.06 18.45
C ARG A 372 9.51 -6.86 18.01
N VAL A 373 8.19 -7.06 18.02
CA VAL A 373 7.26 -6.09 17.45
C VAL A 373 7.25 -4.79 18.24
N LEU A 374 7.24 -4.90 19.58
CA LEU A 374 7.17 -3.73 20.44
C LEU A 374 8.52 -3.22 20.95
N SER A 375 9.63 -3.77 20.43
CA SER A 375 10.98 -3.36 20.85
C SER A 375 11.10 -3.26 22.37
N LEU A 376 11.02 -4.40 23.03
CA LEU A 376 10.96 -4.45 24.49
C LEU A 376 12.35 -4.54 25.14
N LYS A 377 13.21 -3.59 24.79
CA LYS A 377 14.56 -3.48 25.34
C LYS A 377 14.87 -2.05 25.74
N PRO B 9 20.42 -21.45 -21.71
CA PRO B 9 20.75 -20.04 -21.65
C PRO B 9 22.16 -19.78 -21.13
N VAL B 10 22.79 -18.74 -21.67
CA VAL B 10 24.15 -18.36 -21.31
C VAL B 10 24.16 -16.92 -20.78
N VAL B 11 24.93 -16.67 -19.73
CA VAL B 11 25.10 -15.33 -19.18
C VAL B 11 26.26 -14.59 -19.86
N VAL B 12 25.93 -13.50 -20.53
CA VAL B 12 26.92 -12.66 -21.21
C VAL B 12 26.96 -11.28 -20.57
N ASP B 13 28.17 -10.81 -20.29
CA ASP B 13 28.40 -9.48 -19.76
C ASP B 13 28.95 -8.59 -20.89
N ILE B 14 28.20 -7.59 -21.32
CA ILE B 14 28.68 -6.70 -22.39
C ILE B 14 29.27 -5.38 -21.89
N HIS B 15 29.27 -5.17 -20.57
CA HIS B 15 29.78 -3.93 -20.02
C HIS B 15 30.77 -4.27 -18.96
N THR B 16 32.03 -4.39 -19.37
CA THR B 16 33.09 -4.90 -18.49
C THR B 16 34.45 -4.48 -19.08
N HIS B 17 35.36 -4.03 -18.22
CA HIS B 17 36.53 -3.30 -18.67
C HIS B 17 37.84 -3.85 -18.21
N MET B 18 38.89 -3.51 -18.96
CA MET B 18 40.26 -3.78 -18.56
C MET B 18 41.16 -2.63 -18.99
N TYR B 19 42.28 -2.48 -18.30
CA TYR B 19 43.41 -1.73 -18.82
C TYR B 19 44.58 -2.69 -19.01
N PRO B 20 45.08 -2.85 -20.24
CA PRO B 20 46.31 -3.62 -20.40
C PRO B 20 47.44 -2.99 -19.60
N PRO B 21 48.38 -3.82 -19.08
CA PRO B 21 49.51 -3.32 -18.30
C PRO B 21 50.33 -2.23 -19.01
N SER B 22 50.48 -2.35 -20.33
CA SER B 22 51.13 -1.29 -21.13
C SER B 22 50.40 0.06 -21.01
N TYR B 23 49.07 0.01 -20.92
CA TYR B 23 48.25 1.21 -20.77
C TYR B 23 48.43 1.83 -19.38
N ILE B 24 48.48 0.97 -18.35
CA ILE B 24 48.77 1.39 -16.98
C ILE B 24 50.13 2.09 -16.90
N ALA B 25 51.10 1.54 -17.63
CA ALA B 25 52.45 2.09 -17.72
C ALA B 25 52.46 3.54 -18.21
N MET B 26 51.64 3.84 -19.21
CA MET B 26 51.47 5.21 -19.69
C MET B 26 50.97 6.14 -18.59
N LEU B 27 49.95 5.69 -17.86
CA LEU B 27 49.29 6.48 -16.82
C LEU B 27 50.20 6.93 -15.68
N GLU B 28 51.14 6.07 -15.26
CA GLU B 28 52.09 6.47 -14.21
C GLU B 28 53.22 7.36 -14.74
N LYS B 29 53.35 7.44 -16.07
CA LYS B 29 54.32 8.35 -16.71
C LYS B 29 53.73 9.75 -16.85
N ARG B 30 52.41 9.86 -16.71
CA ARG B 30 51.69 11.10 -16.98
C ARG B 30 51.69 12.07 -15.81
N GLN B 31 51.83 13.36 -16.15
CA GLN B 31 51.86 14.45 -15.17
C GLN B 31 50.48 15.00 -14.87
N THR B 32 49.59 14.99 -15.87
CA THR B 32 48.22 15.46 -15.68
C THR B 32 47.22 14.32 -15.88
N ILE B 33 46.03 14.48 -15.29
CA ILE B 33 44.91 13.55 -15.42
C ILE B 33 44.60 13.25 -16.89
N PRO B 34 44.39 11.96 -17.23
CA PRO B 34 44.38 10.76 -16.38
C PRO B 34 45.78 10.30 -15.96
N LEU B 35 45.89 9.80 -14.73
CA LEU B 35 47.18 9.34 -14.19
C LEU B 35 47.06 8.31 -13.06
N VAL B 36 48.17 7.64 -12.80
CA VAL B 36 48.30 6.70 -11.68
C VAL B 36 49.47 7.14 -10.79
N ARG B 37 49.23 7.22 -9.48
CA ARG B 37 50.26 7.56 -8.51
C ARG B 37 50.16 6.70 -7.24
N THR B 38 51.31 6.26 -6.74
CA THR B 38 51.37 5.54 -5.48
C THR B 38 51.61 6.53 -4.34
N PHE B 39 50.80 6.39 -3.27
CA PHE B 39 50.89 7.28 -2.12
C PHE B 39 51.44 6.54 -0.88
N PRO B 40 52.21 7.25 -0.02
CA PRO B 40 52.87 6.67 1.15
C PRO B 40 52.07 5.60 1.89
N GLN B 41 50.87 5.96 2.36
CA GLN B 41 50.06 5.11 3.23
C GLN B 41 49.59 3.79 2.61
N ALA B 42 48.97 3.88 1.43
CA ALA B 42 48.43 2.69 0.74
C ALA B 42 49.41 2.14 -0.30
N ASP B 43 49.74 0.85 -0.17
CA ASP B 43 50.63 0.18 -1.13
C ASP B 43 49.96 -0.08 -2.48
N GLU B 44 48.66 0.17 -2.53
CA GLU B 44 47.90 0.08 -3.77
C GLU B 44 47.94 1.45 -4.46
N PRO B 45 48.34 1.49 -5.76
CA PRO B 45 48.35 2.76 -6.49
C PRO B 45 46.97 3.40 -6.59
N ARG B 46 46.94 4.71 -6.82
CA ARG B 46 45.68 5.45 -6.99
C ARG B 46 45.41 5.77 -8.45
N LEU B 47 44.23 5.37 -8.91
CA LEU B 47 43.77 5.66 -10.27
C LEU B 47 42.97 6.96 -10.26
N ILE B 48 43.43 7.94 -11.06
CA ILE B 48 42.82 9.26 -11.11
C ILE B 48 42.47 9.62 -12.57
N LEU B 49 41.19 9.48 -12.90
CA LEU B 49 40.71 9.58 -14.28
C LEU B 49 39.91 10.84 -14.59
N LEU B 50 39.24 11.36 -13.57
CA LEU B 50 38.17 12.35 -13.78
C LEU B 50 38.55 13.75 -13.31
N SER B 51 37.98 14.75 -13.99
CA SER B 51 38.12 16.17 -13.63
C SER B 51 37.67 16.47 -12.20
N SER B 52 36.71 15.70 -11.69
CA SER B 52 36.18 15.86 -10.33
C SER B 52 37.21 15.52 -9.23
N GLU B 53 38.20 14.71 -9.59
CA GLU B 53 39.23 14.26 -8.65
C GLU B 53 40.42 15.21 -8.57
N LEU B 54 40.40 16.26 -9.40
CA LEU B 54 41.52 17.19 -9.51
C LEU B 54 41.78 17.94 -8.19
N ALA B 55 40.71 18.46 -7.58
CA ALA B 55 40.82 19.17 -6.30
C ALA B 55 41.46 18.31 -5.21
N ALA B 56 41.01 17.07 -5.09
CA ALA B 56 41.52 16.12 -4.10
C ALA B 56 42.96 15.67 -4.40
N LEU B 57 43.31 15.59 -5.68
CA LEU B 57 44.68 15.25 -6.08
C LEU B 57 45.66 16.34 -5.63
N ASP B 58 45.31 17.60 -5.90
CA ASP B 58 46.13 18.74 -5.51
C ASP B 58 46.29 18.85 -4.00
N ALA B 59 45.20 18.58 -3.28
CA ALA B 59 45.20 18.58 -1.81
C ALA B 59 46.06 17.47 -1.22
N ALA B 60 46.04 16.30 -1.87
CA ALA B 60 46.81 15.15 -1.41
C ALA B 60 48.30 15.24 -1.73
N LEU B 61 48.65 16.06 -2.72
CA LEU B 61 50.04 16.33 -3.06
C LEU B 61 50.65 17.35 -2.10
N ALA B 62 49.81 18.27 -1.60
CA ALA B 62 50.22 19.31 -0.68
C ALA B 62 50.13 18.87 0.78
N ASP B 63 49.17 17.99 1.06
CA ASP B 63 48.90 17.55 2.44
C ASP B 63 48.90 16.02 2.54
N PRO B 64 49.90 15.45 3.25
CA PRO B 64 49.97 13.99 3.47
C PRO B 64 48.93 13.49 4.48
N ALA B 65 48.22 14.41 5.13
CA ALA B 65 47.15 14.07 6.07
C ALA B 65 45.80 13.97 5.35
N ALA B 66 45.72 14.58 4.17
CA ALA B 66 44.49 14.63 3.36
C ALA B 66 44.09 13.24 2.82
N LYS B 67 42.84 13.11 2.39
CA LYS B 67 42.34 11.83 1.89
C LYS B 67 42.99 11.40 0.57
N LEU B 68 43.09 10.10 0.37
CA LEU B 68 43.65 9.52 -0.86
C LEU B 68 42.80 9.92 -2.06
N PRO B 69 43.44 10.45 -3.12
CA PRO B 69 42.70 10.91 -4.29
C PRO B 69 42.33 9.75 -5.22
N GLY B 70 41.33 9.98 -6.08
CA GLY B 70 40.90 8.99 -7.06
C GLY B 70 40.37 7.72 -6.43
N ARG B 71 40.57 6.60 -7.13
CA ARG B 71 40.13 5.29 -6.65
C ARG B 71 41.31 4.31 -6.67
N PRO B 72 41.23 3.22 -5.87
CA PRO B 72 42.35 2.28 -5.82
C PRO B 72 42.53 1.53 -7.13
N LEU B 73 43.78 1.45 -7.61
CA LEU B 73 44.11 0.60 -8.74
C LEU B 73 44.30 -0.83 -8.25
N SER B 74 43.22 -1.60 -8.22
CA SER B 74 43.27 -2.99 -7.79
C SER B 74 43.86 -3.85 -8.91
N THR B 75 44.11 -5.12 -8.60
CA THR B 75 44.63 -6.07 -9.59
C THR B 75 43.57 -6.44 -10.65
N HIS B 76 42.31 -6.10 -10.39
CA HIS B 76 41.20 -6.43 -11.29
C HIS B 76 41.17 -5.63 -12.56
N PHE B 77 41.90 -4.52 -12.60
CA PHE B 77 41.95 -3.71 -13.81
C PHE B 77 42.79 -4.34 -14.90
N ALA B 78 43.96 -4.88 -14.53
CA ALA B 78 44.92 -5.34 -15.53
C ALA B 78 45.07 -6.86 -15.68
N SER B 79 44.51 -7.63 -14.74
CA SER B 79 44.74 -9.07 -14.72
C SER B 79 43.61 -9.89 -15.37
N LEU B 80 43.97 -10.64 -16.40
CA LEU B 80 43.05 -11.52 -17.09
C LEU B 80 42.58 -12.66 -16.18
N ALA B 81 43.49 -13.18 -15.36
CA ALA B 81 43.15 -14.21 -14.37
C ALA B 81 42.07 -13.70 -13.40
N GLN B 82 42.23 -12.46 -12.93
CA GLN B 82 41.21 -11.83 -12.08
C GLN B 82 39.88 -11.65 -12.78
N LYS B 83 39.92 -11.37 -14.09
CA LYS B 83 38.71 -11.22 -14.89
C LYS B 83 37.96 -12.56 -14.97
N MET B 84 38.70 -13.63 -15.26
CA MET B 84 38.12 -14.97 -15.34
C MET B 84 37.58 -15.42 -13.98
N HIS B 85 38.33 -15.11 -12.92
CA HIS B 85 37.90 -15.44 -11.55
C HIS B 85 36.62 -14.72 -11.21
N PHE B 86 36.55 -13.43 -11.53
CA PHE B 86 35.32 -12.66 -11.36
C PHE B 86 34.14 -13.30 -12.09
N MET B 87 34.37 -13.71 -13.33
CA MET B 87 33.34 -14.36 -14.15
C MET B 87 32.87 -15.69 -13.53
N ASP B 88 33.82 -16.50 -13.08
CA ASP B 88 33.52 -17.79 -12.47
C ASP B 88 32.73 -17.61 -11.18
N THR B 89 33.14 -16.64 -10.36
CA THR B 89 32.53 -16.44 -9.05
C THR B 89 31.18 -15.70 -9.10
N ASN B 90 30.89 -15.06 -10.22
CA ASN B 90 29.63 -14.34 -10.39
C ASN B 90 28.68 -14.97 -11.43
N GLY B 91 29.02 -16.17 -11.90
CA GLY B 91 28.16 -16.94 -12.81
C GLY B 91 28.07 -16.40 -14.22
N ILE B 92 29.17 -15.82 -14.71
CA ILE B 92 29.20 -15.23 -16.04
C ILE B 92 29.96 -16.15 -17.01
N ARG B 93 29.27 -16.59 -18.07
CA ARG B 93 29.91 -17.47 -19.06
C ARG B 93 30.83 -16.71 -20.01
N VAL B 94 30.34 -15.59 -20.53
CA VAL B 94 31.01 -14.84 -21.60
C VAL B 94 31.16 -13.36 -21.23
N SER B 95 32.35 -12.82 -21.46
CA SER B 95 32.56 -11.37 -21.34
C SER B 95 32.97 -10.74 -22.66
N VAL B 96 32.30 -9.65 -23.01
CA VAL B 96 32.74 -8.78 -24.10
C VAL B 96 33.43 -7.57 -23.47
N ILE B 97 34.76 -7.64 -23.39
CA ILE B 97 35.55 -6.63 -22.67
C ILE B 97 35.87 -5.41 -23.52
N SER B 98 36.10 -4.29 -22.85
CA SER B 98 36.49 -3.05 -23.52
C SER B 98 37.50 -2.30 -22.68
N LEU B 99 38.39 -1.57 -23.35
CA LEU B 99 39.24 -0.63 -22.68
C LEU B 99 38.36 0.39 -21.95
N ALA B 100 38.72 0.69 -20.71
CA ALA B 100 37.98 1.65 -19.92
C ALA B 100 38.31 3.08 -20.35
N ASN B 101 37.45 4.02 -19.95
CA ASN B 101 37.70 5.45 -20.14
C ASN B 101 39.03 5.86 -19.50
N PRO B 102 39.73 6.85 -20.09
CA PRO B 102 39.38 7.70 -21.23
C PRO B 102 39.96 7.21 -22.56
N TRP B 103 40.25 5.92 -22.66
CA TRP B 103 40.75 5.32 -23.91
C TRP B 103 41.99 6.01 -24.40
N PHE B 104 41.98 6.49 -25.64
CA PHE B 104 43.15 7.15 -26.21
C PHE B 104 42.98 8.66 -26.41
N ASP B 105 41.96 9.23 -25.78
CA ASP B 105 41.56 10.64 -26.01
C ASP B 105 42.66 11.68 -25.71
N PHE B 106 43.56 11.34 -24.78
CA PHE B 106 44.58 12.27 -24.32
C PHE B 106 45.88 12.21 -25.16
N LEU B 107 45.92 11.31 -26.14
CA LEU B 107 47.12 11.09 -26.93
C LEU B 107 47.23 12.07 -28.11
N ALA B 108 48.46 12.44 -28.45
CA ALA B 108 48.72 13.32 -29.58
C ALA B 108 48.37 12.62 -30.89
N PRO B 109 47.95 13.38 -31.92
CA PRO B 109 47.44 12.80 -33.18
C PRO B 109 48.38 11.80 -33.85
N ASP B 110 49.68 12.00 -33.72
CA ASP B 110 50.66 11.19 -34.45
C ASP B 110 50.97 9.86 -33.77
N GLU B 111 50.79 9.80 -32.46
CA GLU B 111 51.09 8.57 -31.70
C GLU B 111 49.88 7.67 -31.50
N ALA B 112 48.68 8.27 -31.48
CA ALA B 112 47.43 7.55 -31.19
C ALA B 112 47.17 6.30 -32.05
N PRO B 113 47.27 6.41 -33.40
CA PRO B 113 46.96 5.24 -34.24
C PRO B 113 47.85 4.04 -33.97
N GLY B 114 49.12 4.28 -33.66
CA GLY B 114 50.07 3.22 -33.37
C GLY B 114 49.78 2.54 -32.04
N ILE B 115 49.46 3.36 -31.03
CA ILE B 115 49.14 2.82 -29.72
C ILE B 115 47.80 2.07 -29.75
N ALA B 116 46.81 2.64 -30.42
CA ALA B 116 45.50 1.98 -30.58
C ALA B 116 45.66 0.61 -31.23
N ASP B 117 46.43 0.55 -32.31
CA ASP B 117 46.71 -0.70 -33.00
C ASP B 117 47.28 -1.76 -32.07
N ALA B 118 48.30 -1.38 -31.31
CA ALA B 118 48.95 -2.30 -30.39
C ALA B 118 47.99 -2.77 -29.30
N VAL B 119 47.21 -1.85 -28.74
CA VAL B 119 46.27 -2.17 -27.67
C VAL B 119 45.14 -3.09 -28.13
N ASN B 120 44.56 -2.77 -29.29
CA ASN B 120 43.53 -3.63 -29.89
C ASN B 120 44.05 -5.04 -30.20
N ALA B 121 45.31 -5.14 -30.63
CA ALA B 121 45.99 -6.42 -30.80
C ALA B 121 46.14 -7.16 -29.46
N GLU B 122 46.48 -6.44 -28.39
CA GLU B 122 46.55 -7.04 -27.06
C GLU B 122 45.21 -7.64 -26.62
N PHE B 123 44.12 -6.91 -26.88
CA PHE B 123 42.77 -7.39 -26.54
C PHE B 123 42.41 -8.67 -27.31
N SER B 124 42.72 -8.71 -28.60
CA SER B 124 42.52 -9.92 -29.40
C SER B 124 43.27 -11.11 -28.81
N ASP B 125 44.54 -10.90 -28.47
CA ASP B 125 45.41 -11.91 -27.87
C ASP B 125 44.90 -12.38 -26.51
N MET B 126 44.33 -11.46 -25.72
CA MET B 126 43.72 -11.81 -24.43
C MET B 126 42.52 -12.74 -24.62
N CYS B 127 41.65 -12.38 -25.56
CA CYS B 127 40.47 -13.20 -25.87
C CYS B 127 40.87 -14.61 -26.36
N ALA B 128 41.98 -14.68 -27.10
CA ALA B 128 42.54 -15.96 -27.58
C ALA B 128 42.92 -16.92 -26.46
N GLN B 129 43.17 -16.40 -25.25
CA GLN B 129 43.54 -17.22 -24.11
C GLN B 129 42.36 -18.04 -23.56
N HIS B 130 41.14 -17.56 -23.78
CA HIS B 130 39.92 -18.21 -23.30
C HIS B 130 38.86 -18.17 -24.37
N VAL B 131 39.16 -18.85 -25.48
CA VAL B 131 38.28 -18.92 -26.65
C VAL B 131 36.85 -19.30 -26.26
N GLY B 132 35.89 -18.50 -26.72
CA GLY B 132 34.48 -18.77 -26.45
C GLY B 132 33.97 -18.10 -25.20
N ARG B 133 34.88 -17.57 -24.38
CA ARG B 133 34.49 -16.89 -23.16
C ARG B 133 34.82 -15.40 -23.20
N LEU B 134 35.65 -14.98 -24.16
CA LEU B 134 36.04 -13.58 -24.27
C LEU B 134 35.95 -13.04 -25.68
N PHE B 135 35.26 -11.92 -25.80
CA PHE B 135 35.26 -11.10 -27.01
C PHE B 135 35.56 -9.67 -26.57
N PHE B 136 35.70 -8.75 -27.52
CA PHE B 136 36.01 -7.36 -27.15
C PHE B 136 35.44 -6.31 -28.10
N PHE B 137 35.23 -5.12 -27.55
CA PHE B 137 35.00 -3.92 -28.34
C PHE B 137 36.34 -3.23 -28.42
N ALA B 138 36.70 -2.81 -29.63
CA ALA B 138 37.95 -2.11 -29.87
C ALA B 138 37.78 -0.61 -29.61
N ALA B 139 38.86 0.06 -29.25
CA ALA B 139 38.85 1.52 -29.10
C ALA B 139 39.57 2.15 -30.30
N LEU B 140 39.16 3.37 -30.65
CA LEU B 140 39.66 4.03 -31.85
C LEU B 140 40.50 5.25 -31.50
N PRO B 141 41.54 5.55 -32.31
CA PRO B 141 42.40 6.71 -32.07
C PRO B 141 41.71 8.02 -32.50
N LEU B 142 40.66 8.41 -31.78
CA LEU B 142 39.83 9.57 -32.17
C LEU B 142 40.48 10.95 -32.04
N SER B 143 41.68 11.01 -31.44
CA SER B 143 42.48 12.24 -31.44
C SER B 143 43.33 12.37 -32.72
N ALA B 144 43.34 11.31 -33.53
CA ALA B 144 44.05 11.31 -34.80
C ALA B 144 43.12 11.74 -35.95
N PRO B 145 43.68 12.02 -37.15
CA PRO B 145 42.84 12.39 -38.30
C PRO B 145 41.89 11.27 -38.74
N VAL B 146 40.79 11.68 -39.39
CA VAL B 146 39.72 10.76 -39.78
C VAL B 146 40.22 9.58 -40.62
N ASP B 147 41.16 9.84 -41.53
CA ASP B 147 41.79 8.76 -42.32
C ASP B 147 42.42 7.68 -41.46
N ALA B 148 43.11 8.08 -40.39
CA ALA B 148 43.72 7.12 -39.47
C ALA B 148 42.65 6.33 -38.70
N VAL B 149 41.54 6.99 -38.36
CA VAL B 149 40.43 6.35 -37.67
C VAL B 149 39.79 5.29 -38.56
N LYS B 150 39.56 5.64 -39.83
CA LYS B 150 39.03 4.70 -40.83
C LYS B 150 39.95 3.49 -41.04
N ALA B 151 41.25 3.73 -41.05
CA ALA B 151 42.24 2.68 -41.22
C ALA B 151 42.23 1.72 -40.03
N SER B 152 42.13 2.29 -38.83
CA SER B 152 42.04 1.51 -37.61
C SER B 152 40.74 0.70 -37.56
N ILE B 153 39.66 1.28 -38.05
CA ILE B 153 38.38 0.57 -38.15
C ILE B 153 38.53 -0.68 -39.03
N GLU B 154 39.09 -0.50 -40.23
CA GLU B 154 39.30 -1.62 -41.15
C GLU B 154 40.13 -2.72 -40.50
N ARG B 155 41.15 -2.32 -39.74
CA ARG B 155 42.03 -3.25 -39.06
C ARG B 155 41.33 -4.02 -37.95
N VAL B 156 40.50 -3.34 -37.15
CA VAL B 156 39.85 -4.00 -36.01
C VAL B 156 38.76 -5.00 -36.43
N LYS B 157 38.14 -4.75 -37.58
CA LYS B 157 37.10 -5.66 -38.06
C LYS B 157 37.67 -6.99 -38.51
N ASN B 158 38.98 -7.02 -38.75
CA ASN B 158 39.68 -8.24 -39.14
C ASN B 158 40.49 -8.88 -38.00
N LEU B 159 40.30 -8.38 -36.79
CA LEU B 159 40.90 -8.99 -35.61
C LEU B 159 39.96 -10.06 -35.07
N LYS B 160 40.49 -11.23 -34.77
CA LYS B 160 39.72 -12.28 -34.14
C LYS B 160 39.08 -11.76 -32.84
N TYR B 161 37.82 -12.13 -32.60
CA TYR B 161 37.11 -11.85 -31.35
C TYR B 161 36.61 -10.42 -31.14
N CYS B 162 36.88 -9.53 -32.08
CA CYS B 162 36.35 -8.17 -32.03
C CYS B 162 34.89 -8.19 -32.47
N ARG B 163 34.02 -7.62 -31.65
CA ARG B 163 32.60 -7.58 -31.97
C ARG B 163 32.02 -6.17 -31.95
N GLY B 164 32.90 -5.17 -31.96
CA GLY B 164 32.44 -3.79 -32.03
C GLY B 164 33.47 -2.78 -31.61
N ILE B 165 32.98 -1.58 -31.33
CA ILE B 165 33.78 -0.40 -31.05
C ILE B 165 33.23 0.24 -29.77
N ILE B 166 34.12 0.60 -28.84
CA ILE B 166 33.72 1.47 -27.73
C ILE B 166 34.17 2.88 -28.07
N LEU B 167 33.32 3.87 -27.83
CA LEU B 167 33.76 5.27 -27.94
C LEU B 167 33.10 6.21 -26.95
N GLY B 168 33.82 7.30 -26.67
CA GLY B 168 33.34 8.32 -25.74
C GLY B 168 32.55 9.40 -26.44
N THR B 169 32.09 10.35 -25.64
CA THR B 169 31.15 11.36 -26.10
C THR B 169 31.81 12.55 -26.79
N SER B 170 33.14 12.64 -26.72
CA SER B 170 33.83 13.80 -27.29
C SER B 170 34.07 13.69 -28.80
N GLY B 171 33.95 12.49 -29.35
CA GLY B 171 34.18 12.25 -30.78
C GLY B 171 35.57 12.69 -31.17
N LEU B 172 35.65 13.55 -32.18
CA LEU B 172 36.92 14.10 -32.63
C LEU B 172 37.38 15.30 -31.79
N GLY B 173 36.56 15.66 -30.80
CA GLY B 173 36.84 16.81 -29.95
C GLY B 173 35.68 17.78 -29.89
N LYS B 174 34.69 17.60 -30.77
CA LYS B 174 33.54 18.48 -30.82
C LYS B 174 32.19 17.76 -30.63
N GLY B 175 32.23 16.56 -30.05
CA GLY B 175 31.01 15.80 -29.78
C GLY B 175 30.53 14.96 -30.96
N LEU B 176 29.43 14.26 -30.77
CA LEU B 176 28.96 13.27 -31.74
C LEU B 176 28.05 13.82 -32.84
N ASP B 177 27.72 15.09 -32.75
CA ASP B 177 26.97 15.78 -33.81
C ASP B 177 27.90 16.57 -34.74
N ASP B 178 29.21 16.34 -34.61
CA ASP B 178 30.21 16.95 -35.49
C ASP B 178 30.13 16.26 -36.85
N PRO B 179 29.85 17.03 -37.93
CA PRO B 179 29.71 16.44 -39.26
C PRO B 179 30.98 15.71 -39.77
N HIS B 180 32.15 16.12 -39.29
CA HIS B 180 33.40 15.43 -39.63
C HIS B 180 33.41 14.00 -39.16
N LEU B 181 32.54 13.68 -38.21
CA LEU B 181 32.48 12.34 -37.62
C LEU B 181 31.59 11.38 -38.43
N LEU B 182 30.75 11.93 -39.30
CA LEU B 182 29.84 11.13 -40.12
C LEU B 182 30.51 9.99 -40.90
N PRO B 183 31.68 10.24 -41.53
CA PRO B 183 32.34 9.13 -42.22
C PRO B 183 32.83 8.04 -41.26
N VAL B 184 33.14 8.40 -40.01
CA VAL B 184 33.53 7.41 -39.01
C VAL B 184 32.34 6.51 -38.70
N PHE B 185 31.18 7.12 -38.46
CA PHE B 185 29.94 6.37 -38.25
C PHE B 185 29.59 5.48 -39.45
N GLU B 186 29.79 6.00 -40.66
CA GLU B 186 29.50 5.23 -41.88
C GLU B 186 30.40 4.01 -41.98
N ALA B 187 31.69 4.21 -41.76
CA ALA B 187 32.68 3.14 -41.82
C ALA B 187 32.44 2.05 -40.76
N VAL B 188 32.06 2.45 -39.55
CA VAL B 188 31.77 1.47 -38.49
C VAL B 188 30.49 0.70 -38.81
N ALA B 189 29.47 1.43 -39.26
CA ALA B 189 28.20 0.80 -39.64
C ALA B 189 28.39 -0.18 -40.79
N ASP B 190 29.15 0.24 -41.81
CA ASP B 190 29.41 -0.62 -42.98
C ASP B 190 30.21 -1.86 -42.64
N ALA B 191 31.09 -1.74 -41.64
CA ALA B 191 31.86 -2.88 -41.14
C ALA B 191 31.03 -3.76 -40.19
N LYS B 192 29.76 -3.39 -40.01
CA LYS B 192 28.80 -4.12 -39.15
C LYS B 192 29.28 -4.31 -37.71
N LEU B 193 29.94 -3.27 -37.19
CA LEU B 193 30.42 -3.26 -35.82
C LEU B 193 29.44 -2.47 -34.96
N LEU B 194 29.02 -3.08 -33.85
CA LEU B 194 28.22 -2.38 -32.86
C LEU B 194 29.05 -1.28 -32.21
N VAL B 195 28.44 -0.12 -31.99
CA VAL B 195 29.09 1.00 -31.33
C VAL B 195 28.62 1.09 -29.87
N PHE B 196 29.53 0.86 -28.95
CA PHE B 196 29.24 0.95 -27.52
C PHE B 196 29.59 2.37 -27.06
N LEU B 197 28.56 3.15 -26.75
CA LEU B 197 28.74 4.53 -26.34
C LEU B 197 28.85 4.63 -24.83
N HIS B 198 29.96 5.21 -24.37
CA HIS B 198 30.30 5.20 -22.96
C HIS B 198 30.67 6.58 -22.47
N PRO B 199 30.26 6.92 -21.24
CA PRO B 199 30.58 8.23 -20.66
C PRO B 199 32.00 8.32 -20.11
N HIS B 200 32.42 9.54 -19.80
CA HIS B 200 33.71 9.80 -19.16
C HIS B 200 33.81 11.21 -18.66
N TYR B 201 33.47 12.15 -19.53
CA TYR B 201 33.69 13.57 -19.28
C TYR B 201 32.73 14.17 -18.28
N GLY B 202 31.58 13.50 -18.09
CA GLY B 202 30.55 13.95 -17.16
C GLY B 202 30.13 15.39 -17.40
N LEU B 203 29.85 16.10 -16.32
CA LEU B 203 29.40 17.49 -16.41
C LEU B 203 30.44 18.39 -15.73
N PRO B 204 30.51 19.67 -16.12
CA PRO B 204 31.44 20.60 -15.47
C PRO B 204 31.24 20.57 -13.95
N ASN B 205 32.35 20.47 -13.21
CA ASN B 205 32.27 20.22 -11.78
C ASN B 205 31.48 21.20 -10.91
N GLU B 206 31.37 22.44 -11.38
CA GLU B 206 30.65 23.50 -10.67
C GLU B 206 29.18 23.17 -10.41
N VAL B 207 28.58 22.34 -11.25
CA VAL B 207 27.17 21.99 -11.07
C VAL B 207 26.90 21.25 -9.75
N TYR B 208 27.93 20.59 -9.23
CA TYR B 208 27.79 19.83 -7.98
C TYR B 208 27.94 20.68 -6.73
N GLY B 209 28.37 21.94 -6.89
CA GLY B 209 28.37 22.91 -5.80
C GLY B 209 29.57 22.82 -4.86
N PRO B 210 29.65 23.76 -3.89
CA PRO B 210 30.83 23.90 -3.02
C PRO B 210 31.02 22.78 -1.99
N ARG B 211 30.05 21.89 -1.86
CA ARG B 211 30.14 20.79 -0.90
C ARG B 211 30.39 19.42 -1.54
N SER B 212 30.68 19.42 -2.84
CA SER B 212 30.75 18.15 -3.59
C SER B 212 31.82 17.15 -3.10
N GLU B 213 32.95 17.65 -2.61
CA GLU B 213 33.99 16.78 -2.05
C GLU B 213 33.50 15.92 -0.88
N GLU B 214 32.44 16.35 -0.20
CA GLU B 214 31.88 15.62 0.92
C GLU B 214 31.13 14.36 0.50
N TYR B 215 30.73 14.30 -0.77
CA TYR B 215 29.86 13.21 -1.24
C TYR B 215 30.60 12.09 -1.98
N GLY B 216 31.92 12.05 -1.86
CA GLY B 216 32.72 11.02 -2.52
C GLY B 216 32.57 11.13 -4.03
N HIS B 217 32.42 9.98 -4.70
CA HIS B 217 32.30 9.94 -6.15
C HIS B 217 30.87 9.86 -6.60
N VAL B 218 29.93 9.98 -5.66
CA VAL B 218 28.52 9.71 -5.91
C VAL B 218 27.88 10.59 -6.98
N LEU B 219 28.11 11.90 -6.91
CA LEU B 219 27.49 12.80 -7.90
C LEU B 219 28.04 12.66 -9.33
N PRO B 220 29.38 12.67 -9.50
CA PRO B 220 29.86 12.49 -10.88
C PRO B 220 29.55 11.12 -11.48
N LEU B 221 29.58 10.06 -10.67
CA LEU B 221 29.31 8.71 -11.17
C LEU B 221 27.82 8.37 -11.30
N ALA B 222 27.03 8.76 -10.30
CA ALA B 222 25.59 8.46 -10.34
C ALA B 222 24.82 9.41 -11.26
N LEU B 223 25.33 10.62 -11.45
CA LEU B 223 24.58 11.62 -12.21
C LEU B 223 25.29 12.07 -13.47
N GLY B 224 26.52 12.53 -13.31
CA GLY B 224 27.33 13.06 -14.42
C GLY B 224 27.49 12.12 -15.61
N PHE B 225 27.83 10.86 -15.34
CA PHE B 225 28.03 9.86 -16.40
C PHE B 225 26.76 9.64 -17.24
N PRO B 226 25.65 9.24 -16.59
CA PRO B 226 24.43 9.00 -17.36
C PRO B 226 23.86 10.27 -18.03
N MET B 227 24.07 11.43 -17.44
CA MET B 227 23.59 12.68 -18.06
C MET B 227 24.42 13.09 -19.29
N GLU B 228 25.72 12.82 -19.22
CA GLU B 228 26.64 13.00 -20.36
C GLU B 228 26.20 12.14 -21.56
N THR B 229 25.91 10.87 -21.31
CA THR B 229 25.46 9.93 -22.34
C THR B 229 24.17 10.41 -23.02
N THR B 230 23.22 10.85 -22.20
CA THR B 230 21.93 11.34 -22.67
C THR B 230 22.12 12.54 -23.59
N ILE B 231 22.94 13.49 -23.15
CA ILE B 231 23.23 14.69 -23.93
C ILE B 231 23.88 14.34 -25.27
N ALA B 232 24.89 13.47 -25.22
CA ALA B 232 25.61 13.08 -26.44
C ALA B 232 24.69 12.44 -27.46
N VAL B 233 23.87 11.47 -27.03
CA VAL B 233 22.92 10.80 -27.93
C VAL B 233 21.85 11.74 -28.45
N ALA B 234 21.31 12.59 -27.57
CA ALA B 234 20.32 13.59 -27.98
C ALA B 234 20.86 14.52 -29.07
N ARG B 235 22.13 14.90 -28.91
CA ARG B 235 22.84 15.70 -29.90
C ARG B 235 22.97 14.94 -31.25
N MET B 236 23.37 13.67 -31.19
CA MET B 236 23.37 12.80 -32.38
C MET B 236 22.02 12.80 -33.07
N TYR B 237 20.98 12.50 -32.30
CA TYR B 237 19.62 12.43 -32.81
C TYR B 237 19.20 13.74 -33.47
N MET B 238 19.45 14.85 -32.80
CA MET B 238 19.02 16.17 -33.30
C MET B 238 19.72 16.53 -34.61
N ALA B 239 20.98 16.11 -34.76
CA ALA B 239 21.75 16.41 -35.97
C ALA B 239 21.43 15.44 -37.12
N GLY B 240 20.55 14.48 -36.86
CA GLY B 240 20.08 13.54 -37.89
C GLY B 240 21.03 12.37 -38.19
N VAL B 241 21.96 12.10 -37.27
CA VAL B 241 22.97 11.05 -37.50
C VAL B 241 22.31 9.70 -37.78
N PHE B 242 21.24 9.40 -37.05
CA PHE B 242 20.57 8.10 -37.20
C PHE B 242 19.86 7.96 -38.54
N ASP B 243 19.47 9.09 -39.12
CA ASP B 243 18.84 9.12 -40.44
C ASP B 243 19.86 9.03 -41.57
N HIS B 244 20.98 9.73 -41.41
CA HIS B 244 22.05 9.72 -42.41
C HIS B 244 22.74 8.39 -42.48
N VAL B 245 22.90 7.72 -41.34
CA VAL B 245 23.52 6.40 -41.25
C VAL B 245 22.51 5.35 -40.74
N ARG B 246 21.68 4.84 -41.64
CA ARG B 246 20.55 3.98 -41.25
C ARG B 246 20.94 2.60 -40.74
N ASN B 247 22.10 2.11 -41.15
CA ASN B 247 22.59 0.82 -40.69
C ASN B 247 23.41 0.91 -39.38
N LEU B 248 23.55 2.10 -38.81
CA LEU B 248 24.25 2.26 -37.53
C LEU B 248 23.47 1.67 -36.38
N GLN B 249 24.14 0.82 -35.60
CA GLN B 249 23.58 0.24 -34.38
C GLN B 249 24.44 0.68 -33.19
N MET B 250 23.80 1.30 -32.20
CA MET B 250 24.51 1.79 -31.03
C MET B 250 24.04 1.13 -29.75
N LEU B 251 24.99 0.70 -28.93
CA LEU B 251 24.68 0.22 -27.59
C LEU B 251 24.96 1.33 -26.59
N LEU B 252 23.97 1.67 -25.76
CA LEU B 252 24.10 2.76 -24.78
C LEU B 252 24.40 2.28 -23.36
N ALA B 253 25.48 2.80 -22.79
CA ALA B 253 25.84 2.51 -21.40
C ALA B 253 24.76 2.97 -20.42
N HIS B 254 24.60 2.21 -19.34
CA HIS B 254 23.71 2.58 -18.23
C HIS B 254 22.30 2.81 -18.67
N SER B 255 21.80 1.86 -19.46
CA SER B 255 20.43 1.87 -19.99
C SER B 255 20.05 3.18 -20.68
N GLY B 256 21.02 3.81 -21.35
CA GLY B 256 20.77 5.03 -22.11
C GLY B 256 20.95 6.29 -21.29
N GLY B 257 21.58 6.15 -20.13
CA GLY B 257 21.82 7.26 -19.24
C GLY B 257 20.53 7.63 -18.53
N THR B 258 19.77 8.53 -19.14
CA THR B 258 18.43 8.86 -18.63
C THR B 258 17.42 8.85 -19.78
N LEU B 259 17.87 8.44 -20.96
CA LEU B 259 17.07 8.55 -22.19
C LEU B 259 15.66 7.95 -22.14
N PRO B 260 15.50 6.71 -21.62
CA PRO B 260 14.14 6.12 -21.59
C PRO B 260 13.14 6.96 -20.78
N PHE B 261 13.65 7.67 -19.77
CA PHE B 261 12.81 8.49 -18.91
C PHE B 261 12.44 9.82 -19.58
N LEU B 262 13.37 10.35 -20.38
CA LEU B 262 13.24 11.70 -20.96
C LEU B 262 12.73 11.76 -22.40
N ALA B 263 12.61 10.60 -23.04
CA ALA B 263 12.27 10.53 -24.45
C ALA B 263 10.99 11.27 -24.78
N GLY B 264 9.95 11.06 -23.96
CA GLY B 264 8.68 11.78 -24.12
C GLY B 264 8.84 13.28 -24.03
N ARG B 265 9.64 13.73 -23.06
CA ARG B 265 9.93 15.15 -22.93
C ARG B 265 10.72 15.70 -24.12
N ILE B 266 11.70 14.94 -24.61
CA ILE B 266 12.41 15.34 -25.82
C ILE B 266 11.43 15.52 -26.99
N GLU B 267 10.58 14.53 -27.22
CA GLU B 267 9.58 14.59 -28.29
C GLU B 267 8.64 15.80 -28.17
N SER B 268 8.17 16.08 -26.95
CA SER B 268 7.29 17.21 -26.72
C SER B 268 7.99 18.54 -27.00
N CYS B 269 9.24 18.67 -26.55
CA CYS B 269 10.01 19.88 -26.79
C CYS B 269 10.31 20.09 -28.30
N ILE B 270 10.51 19.00 -29.04
CA ILE B 270 10.75 19.11 -30.49
C ILE B 270 9.50 19.66 -31.22
N VAL B 271 8.36 19.01 -31.04
CA VAL B 271 7.12 19.39 -31.74
C VAL B 271 6.54 20.74 -31.26
N HIS B 272 7.01 21.22 -30.11
CA HIS B 272 6.58 22.51 -29.59
C HIS B 272 7.60 23.60 -29.78
N ASP B 273 8.68 23.32 -30.49
CA ASP B 273 9.73 24.33 -30.68
C ASP B 273 9.43 25.23 -31.87
N GLY B 274 9.12 26.50 -31.59
CA GLY B 274 8.78 27.47 -32.62
C GLY B 274 9.80 27.55 -33.74
N HIS B 275 11.07 27.67 -33.37
CA HIS B 275 12.15 27.79 -34.33
C HIS B 275 12.33 26.57 -35.19
N LEU B 276 12.25 25.39 -34.57
CA LEU B 276 12.41 24.15 -35.33
C LEU B 276 11.24 23.91 -36.27
N VAL B 277 10.03 24.14 -35.79
CA VAL B 277 8.82 23.91 -36.59
C VAL B 277 8.76 24.85 -37.80
N LYS B 278 9.04 26.13 -37.59
CA LYS B 278 8.89 27.12 -38.64
C LYS B 278 10.03 27.16 -39.67
N THR B 279 11.16 26.54 -39.32
CA THR B 279 12.28 26.41 -40.27
C THR B 279 12.29 25.04 -40.95
N GLY B 280 11.18 24.31 -40.81
CA GLY B 280 10.99 23.03 -41.49
C GLY B 280 11.76 21.84 -40.94
N LYS B 281 12.18 21.91 -39.68
CA LYS B 281 12.97 20.83 -39.08
C LYS B 281 12.11 19.77 -38.41
N VAL B 282 10.80 19.97 -38.39
CA VAL B 282 9.88 19.00 -37.80
C VAL B 282 8.82 18.55 -38.83
N PRO B 283 9.23 17.80 -39.88
CA PRO B 283 8.27 17.31 -40.88
C PRO B 283 7.44 16.15 -40.35
N LYS B 284 6.29 15.88 -41.00
CA LYS B 284 5.37 14.83 -40.56
C LYS B 284 5.91 13.40 -40.63
N ASP B 285 6.80 13.13 -41.59
CA ASP B 285 7.35 11.76 -41.76
C ASP B 285 8.60 11.51 -40.91
N ARG B 286 8.96 12.51 -40.11
CA ARG B 286 10.08 12.46 -39.18
C ARG B 286 10.12 11.17 -38.34
N ARG B 287 11.30 10.56 -38.26
CA ARG B 287 11.50 9.41 -37.39
C ARG B 287 11.68 9.87 -35.93
N THR B 288 10.75 9.49 -35.07
CA THR B 288 10.78 9.89 -33.67
C THR B 288 11.90 9.17 -32.92
N ILE B 289 12.28 9.72 -31.77
CA ILE B 289 13.29 9.12 -30.90
C ILE B 289 12.85 7.72 -30.41
N TRP B 290 11.54 7.49 -30.36
CA TRP B 290 11.00 6.17 -30.00
C TRP B 290 11.29 5.15 -31.06
N THR B 291 11.22 5.57 -32.32
CA THR B 291 11.53 4.70 -33.47
C THR B 291 13.03 4.34 -33.45
N VAL B 292 13.87 5.35 -33.25
CA VAL B 292 15.31 5.14 -33.18
C VAL B 292 15.66 4.19 -32.03
N LEU B 293 14.94 4.29 -30.92
CA LEU B 293 15.12 3.41 -29.76
C LEU B 293 14.76 1.95 -30.03
N LYS B 294 13.82 1.72 -30.95
CA LYS B 294 13.40 0.38 -31.34
C LYS B 294 14.25 -0.20 -32.48
N GLU B 295 14.86 0.68 -33.28
CA GLU B 295 15.49 0.28 -34.53
C GLU B 295 17.02 0.35 -34.58
N GLN B 296 17.62 1.31 -33.88
CA GLN B 296 19.07 1.51 -33.98
C GLN B 296 19.79 1.57 -32.63
N ILE B 297 19.03 1.48 -31.55
CA ILE B 297 19.61 1.58 -30.22
C ILE B 297 19.41 0.32 -29.39
N TYR B 298 20.49 -0.12 -28.77
CA TYR B 298 20.44 -1.14 -27.74
C TYR B 298 20.79 -0.49 -26.41
N LEU B 299 20.27 -1.06 -25.34
CA LEU B 299 20.53 -0.54 -24.00
C LEU B 299 21.15 -1.64 -23.14
N ASP B 300 22.21 -1.30 -22.42
CA ASP B 300 22.70 -2.22 -21.41
C ASP B 300 21.75 -2.19 -20.20
N ALA B 301 21.86 -3.19 -19.33
CA ALA B 301 20.98 -3.30 -18.17
C ALA B 301 21.69 -2.92 -16.88
N VAL B 302 22.68 -2.02 -16.99
CA VAL B 302 23.45 -1.56 -15.85
C VAL B 302 22.68 -0.37 -15.26
N ILE B 303 21.62 -0.70 -14.53
CA ILE B 303 20.66 0.30 -14.06
C ILE B 303 20.28 0.10 -12.58
N TYR B 304 20.65 -1.06 -12.03
CA TYR B 304 20.61 -1.33 -10.59
C TYR B 304 19.22 -1.44 -9.95
N SER B 305 18.17 -1.24 -10.75
CA SER B 305 16.79 -1.28 -10.26
C SER B 305 15.83 -1.75 -11.35
N GLU B 306 14.81 -2.52 -10.94
CA GLU B 306 13.76 -2.94 -11.87
C GLU B 306 12.91 -1.75 -12.32
N VAL B 307 12.94 -0.67 -11.56
CA VAL B 307 12.23 0.55 -11.92
C VAL B 307 12.83 1.10 -13.22
N GLY B 308 14.13 1.39 -13.19
CA GLY B 308 14.84 1.84 -14.38
C GLY B 308 14.80 0.83 -15.51
N LEU B 309 15.01 -0.44 -15.18
CA LEU B 309 15.00 -1.50 -16.20
C LEU B 309 13.69 -1.60 -16.98
N GLN B 310 12.57 -1.53 -16.28
CA GLN B 310 11.26 -1.59 -16.92
C GLN B 310 11.05 -0.44 -17.89
N ALA B 311 11.49 0.75 -17.51
CA ALA B 311 11.43 1.90 -18.40
C ALA B 311 12.26 1.64 -19.65
N ALA B 312 13.44 1.04 -19.47
CA ALA B 312 14.31 0.72 -20.59
C ALA B 312 13.68 -0.32 -21.52
N ILE B 313 13.13 -1.39 -20.95
CA ILE B 313 12.46 -2.43 -21.74
C ILE B 313 11.29 -1.82 -22.53
N ALA B 314 10.48 -1.00 -21.86
CA ALA B 314 9.36 -0.32 -22.51
C ALA B 314 9.81 0.58 -23.67
N SER B 315 11.02 1.13 -23.58
CA SER B 315 11.54 1.99 -24.63
C SER B 315 12.12 1.22 -25.80
N SER B 316 12.89 0.19 -25.52
CA SER B 316 13.63 -0.52 -26.57
C SER B 316 13.15 -1.93 -26.88
N GLY B 317 12.49 -2.56 -25.93
CA GLY B 317 12.05 -3.95 -26.09
C GLY B 317 12.99 -4.90 -25.36
N ALA B 318 12.42 -5.98 -24.84
CA ALA B 318 13.19 -6.99 -24.10
C ALA B 318 14.26 -7.67 -24.95
N ASP B 319 14.09 -7.61 -26.27
CA ASP B 319 15.07 -8.17 -27.19
C ASP B 319 16.25 -7.23 -27.49
N ARG B 320 16.24 -6.03 -26.89
CA ARG B 320 17.31 -5.05 -27.13
C ARG B 320 18.02 -4.58 -25.85
N LEU B 321 17.74 -5.26 -24.74
CA LEU B 321 18.41 -5.03 -23.47
C LEU B 321 19.48 -6.09 -23.21
N MET B 322 20.64 -5.66 -22.69
CA MET B 322 21.77 -6.55 -22.50
C MET B 322 22.44 -6.38 -21.13
N PHE B 323 22.51 -7.46 -20.36
CA PHE B 323 23.17 -7.49 -19.06
C PHE B 323 24.62 -7.03 -19.11
N GLY B 324 25.03 -6.32 -18.06
CA GLY B 324 26.40 -5.86 -17.87
C GLY B 324 26.68 -5.69 -16.38
N THR B 325 27.96 -5.53 -16.01
CA THR B 325 28.35 -5.46 -14.61
C THR B 325 29.17 -4.22 -14.28
N ASP B 326 29.76 -3.61 -15.31
CA ASP B 326 30.73 -2.50 -15.15
C ASP B 326 31.96 -2.88 -14.32
N HIS B 327 32.33 -4.16 -14.37
CA HIS B 327 33.54 -4.65 -13.70
C HIS B 327 34.75 -3.97 -14.31
N PRO B 328 35.74 -3.56 -13.48
CA PRO B 328 35.92 -3.69 -12.04
C PRO B 328 35.74 -2.39 -11.26
N PHE B 329 34.88 -1.50 -11.74
CA PHE B 329 34.77 -0.16 -11.14
C PHE B 329 34.05 -0.09 -9.79
N PHE B 330 33.14 -1.02 -9.51
CA PHE B 330 32.43 -1.00 -8.21
C PHE B 330 32.65 -2.28 -7.38
N PRO B 331 33.87 -2.45 -6.83
CA PRO B 331 34.13 -3.58 -5.94
C PRO B 331 33.42 -3.44 -4.59
N PRO B 332 33.14 -4.57 -3.90
CA PRO B 332 32.60 -4.49 -2.55
C PRO B 332 33.58 -3.75 -1.65
N ILE B 333 33.08 -2.91 -0.75
CA ILE B 333 33.97 -2.14 0.12
C ILE B 333 34.36 -2.93 1.37
N GLU B 334 33.44 -3.73 1.88
CA GLU B 334 33.68 -4.46 3.12
C GLU B 334 33.50 -5.97 3.01
N GLU B 335 33.04 -6.45 1.86
CA GLU B 335 32.98 -7.88 1.58
C GLU B 335 34.24 -8.35 0.86
N ASP B 336 34.33 -9.65 0.61
CA ASP B 336 35.49 -10.23 -0.08
C ASP B 336 35.47 -9.84 -1.56
N VAL B 337 36.51 -9.14 -1.99
CA VAL B 337 36.63 -8.71 -3.38
C VAL B 337 36.80 -9.91 -4.33
N GLN B 338 37.21 -11.05 -3.77
CA GLN B 338 37.32 -12.31 -4.53
C GLN B 338 36.03 -13.13 -4.51
N GLY B 339 34.99 -12.63 -3.85
CA GLY B 339 33.69 -13.29 -3.83
C GLY B 339 32.71 -12.67 -4.82
N PRO B 340 31.40 -13.00 -4.68
CA PRO B 340 30.39 -12.37 -5.54
C PRO B 340 30.34 -10.86 -5.34
N TRP B 341 30.08 -10.11 -6.41
CA TRP B 341 29.99 -8.66 -6.35
C TRP B 341 28.57 -8.20 -6.34
N ASP B 342 28.22 -7.46 -5.29
CA ASP B 342 26.91 -6.84 -5.16
C ASP B 342 26.54 -6.03 -6.41
N SER B 343 27.52 -5.30 -6.94
CA SER B 343 27.31 -4.45 -8.12
C SER B 343 26.83 -5.24 -9.35
N SER B 344 27.31 -6.48 -9.47
CA SER B 344 26.81 -7.39 -10.49
C SER B 344 25.45 -7.97 -10.11
N ARG B 345 25.33 -8.44 -8.87
CA ARG B 345 24.10 -9.06 -8.38
C ARG B 345 22.88 -8.13 -8.44
N LEU B 346 23.07 -6.85 -8.09
CA LEU B 346 21.99 -5.87 -8.17
C LEU B 346 21.31 -5.85 -9.54
N ASN B 347 22.11 -5.88 -10.60
CA ASN B 347 21.58 -5.84 -11.95
C ASN B 347 20.86 -7.12 -12.34
N ALA B 348 21.40 -8.27 -11.91
CA ALA B 348 20.75 -9.56 -12.14
C ALA B 348 19.42 -9.65 -11.40
N GLN B 349 19.39 -9.18 -10.15
CA GLN B 349 18.16 -9.08 -9.36
C GLN B 349 17.13 -8.18 -10.05
N ALA B 350 17.60 -7.07 -10.60
CA ALA B 350 16.73 -6.14 -11.33
C ALA B 350 16.04 -6.84 -12.49
N VAL B 351 16.80 -7.63 -13.25
CA VAL B 351 16.25 -8.42 -14.36
C VAL B 351 15.19 -9.41 -13.87
N ILE B 352 15.49 -10.11 -12.78
CA ILE B 352 14.57 -11.09 -12.20
C ILE B 352 13.25 -10.44 -11.75
N LYS B 353 13.34 -9.34 -11.00
CA LYS B 353 12.16 -8.61 -10.53
C LYS B 353 11.34 -8.01 -11.67
N ALA B 354 12.01 -7.58 -12.74
CA ALA B 354 11.33 -6.95 -13.87
C ALA B 354 10.59 -7.93 -14.79
N VAL B 355 11.21 -9.07 -15.11
CA VAL B 355 10.63 -9.99 -16.09
C VAL B 355 10.47 -11.43 -15.58
N GLY B 356 10.88 -11.67 -14.34
CA GLY B 356 10.69 -12.97 -13.71
C GLY B 356 11.76 -13.99 -14.04
N GLU B 357 12.15 -14.75 -13.02
CA GLU B 357 13.18 -15.79 -13.16
C GLU B 357 12.77 -16.91 -14.12
N GLY B 358 13.73 -17.39 -14.90
CA GLY B 358 13.51 -18.49 -15.83
C GLY B 358 12.71 -18.15 -17.08
N SER B 359 12.24 -16.91 -17.18
CA SER B 359 11.45 -16.49 -18.34
C SER B 359 12.35 -16.33 -19.56
N SER B 360 11.75 -16.32 -20.74
CA SER B 360 12.52 -16.17 -21.98
C SER B 360 13.02 -14.73 -22.12
N ASP B 361 12.32 -13.79 -21.49
CA ASP B 361 12.79 -12.40 -21.37
C ASP B 361 14.05 -12.31 -20.53
N ALA B 362 14.06 -13.02 -19.40
CA ALA B 362 15.23 -13.10 -18.53
C ALA B 362 16.44 -13.66 -19.26
N ALA B 363 16.25 -14.77 -19.98
CA ALA B 363 17.34 -15.42 -20.71
C ALA B 363 17.91 -14.50 -21.80
N ALA B 364 17.03 -13.76 -22.46
CA ALA B 364 17.42 -12.81 -23.50
C ALA B 364 18.31 -11.69 -22.96
N VAL B 365 17.87 -11.04 -21.88
CA VAL B 365 18.60 -9.90 -21.32
C VAL B 365 19.92 -10.35 -20.72
N MET B 366 19.91 -11.49 -20.04
CA MET B 366 21.10 -12.03 -19.37
C MET B 366 22.22 -12.49 -20.32
N GLY B 367 21.89 -12.78 -21.58
CA GLY B 367 22.92 -13.16 -22.54
C GLY B 367 22.52 -13.50 -23.97
N LEU B 368 21.31 -13.99 -24.17
CA LEU B 368 20.89 -14.44 -25.51
C LEU B 368 20.74 -13.32 -26.53
N ASN B 369 20.35 -12.13 -26.08
CA ASN B 369 20.36 -10.95 -26.94
C ASN B 369 21.76 -10.66 -27.46
N ALA B 370 22.73 -10.67 -26.55
CA ALA B 370 24.13 -10.41 -26.91
C ALA B 370 24.71 -11.49 -27.85
N VAL B 371 24.38 -12.74 -27.58
CA VAL B 371 24.76 -13.87 -28.46
C VAL B 371 24.24 -13.64 -29.88
N ARG B 372 22.96 -13.33 -30.00
CA ARG B 372 22.34 -13.06 -31.30
C ARG B 372 22.92 -11.82 -31.99
N VAL B 373 22.87 -10.68 -31.30
CA VAL B 373 23.32 -9.42 -31.87
C VAL B 373 24.82 -9.38 -32.19
N LEU B 374 25.64 -9.93 -31.31
CA LEU B 374 27.08 -9.92 -31.54
C LEU B 374 27.64 -11.16 -32.28
N SER B 375 26.76 -12.07 -32.70
CA SER B 375 27.16 -13.33 -33.32
C SER B 375 28.21 -14.05 -32.48
N LEU B 376 27.84 -14.37 -31.25
CA LEU B 376 28.70 -15.13 -30.37
C LEU B 376 28.28 -16.59 -30.41
N PRO C 9 -18.69 -41.52 -4.05
CA PRO C 9 -19.46 -41.00 -2.93
C PRO C 9 -20.42 -39.90 -3.37
N VAL C 10 -21.63 -39.93 -2.81
CA VAL C 10 -22.70 -38.99 -3.15
C VAL C 10 -22.52 -37.62 -2.48
N VAL C 11 -22.69 -36.54 -3.26
CA VAL C 11 -22.66 -35.18 -2.74
C VAL C 11 -24.08 -34.72 -2.35
N VAL C 12 -24.22 -34.28 -1.09
CA VAL C 12 -25.48 -33.80 -0.53
C VAL C 12 -25.34 -32.35 -0.06
N ASP C 13 -26.29 -31.51 -0.47
CA ASP C 13 -26.37 -30.12 -0.05
C ASP C 13 -27.48 -29.99 1.01
N ILE C 14 -27.11 -29.74 2.27
CA ILE C 14 -28.13 -29.60 3.33
C ILE C 14 -28.54 -28.16 3.63
N HIS C 15 -27.96 -27.21 2.91
CA HIS C 15 -28.25 -25.80 3.14
C HIS C 15 -28.59 -25.17 1.83
N THR C 16 -29.88 -25.21 1.48
CA THR C 16 -30.33 -24.79 0.15
C THR C 16 -31.82 -24.48 0.21
N HIS C 17 -32.23 -23.37 -0.42
CA HIS C 17 -33.54 -22.77 -0.16
C HIS C 17 -34.43 -22.61 -1.35
N MET C 18 -35.73 -22.53 -1.06
CA MET C 18 -36.75 -22.16 -2.05
C MET C 18 -37.86 -21.35 -1.42
N TYR C 19 -38.51 -20.52 -2.22
CA TYR C 19 -39.82 -19.98 -1.88
C TYR C 19 -40.82 -20.51 -2.91
N PRO C 20 -41.81 -21.32 -2.48
CA PRO C 20 -42.88 -21.71 -3.41
C PRO C 20 -43.63 -20.49 -3.94
N PRO C 21 -44.20 -20.56 -5.16
CA PRO C 21 -44.93 -19.43 -5.74
C PRO C 21 -46.05 -18.86 -4.85
N SER C 22 -46.76 -19.71 -4.11
CA SER C 22 -47.79 -19.26 -3.18
C SER C 22 -47.23 -18.40 -2.02
N TYR C 23 -46.02 -18.74 -1.58
CA TYR C 23 -45.30 -17.97 -0.57
C TYR C 23 -44.88 -16.60 -1.11
N ILE C 24 -44.31 -16.60 -2.32
CA ILE C 24 -43.96 -15.35 -3.02
C ILE C 24 -45.20 -14.46 -3.15
N ALA C 25 -46.34 -15.08 -3.50
CA ALA C 25 -47.61 -14.38 -3.61
C ALA C 25 -47.93 -13.62 -2.32
N MET C 26 -47.77 -14.27 -1.18
CA MET C 26 -47.95 -13.62 0.13
C MET C 26 -47.06 -12.40 0.28
N LEU C 27 -45.78 -12.56 -0.05
CA LEU C 27 -44.79 -11.48 0.05
C LEU C 27 -45.10 -10.27 -0.85
N GLU C 28 -45.62 -10.54 -2.05
CA GLU C 28 -46.01 -9.46 -2.96
C GLU C 28 -47.17 -8.63 -2.41
N LYS C 29 -47.96 -9.25 -1.54
CA LYS C 29 -49.15 -8.61 -0.98
C LYS C 29 -48.92 -7.91 0.37
N ARG C 30 -47.70 -7.98 0.88
CA ARG C 30 -47.40 -7.41 2.19
C ARG C 30 -46.98 -5.95 2.13
N GLN C 31 -47.41 -5.18 3.13
CA GLN C 31 -47.13 -3.74 3.21
C GLN C 31 -45.85 -3.44 3.98
N THR C 32 -45.48 -4.33 4.89
CA THR C 32 -44.23 -4.17 5.65
C THR C 32 -43.35 -5.42 5.54
N ILE C 33 -42.06 -5.24 5.78
CA ILE C 33 -41.05 -6.29 5.71
C ILE C 33 -41.47 -7.53 6.52
N PRO C 34 -41.32 -8.74 5.93
CA PRO C 34 -40.76 -9.05 4.60
C PRO C 34 -41.75 -8.85 3.46
N LEU C 35 -41.27 -8.37 2.32
CA LEU C 35 -42.14 -8.12 1.16
C LEU C 35 -41.40 -8.20 -0.17
N VAL C 36 -42.17 -8.28 -1.25
CA VAL C 36 -41.62 -8.21 -2.61
C VAL C 36 -42.27 -7.05 -3.35
N ARG C 37 -41.47 -6.23 -3.99
CA ARG C 37 -41.95 -5.13 -4.81
C ARG C 37 -41.23 -5.05 -6.14
N THR C 38 -41.99 -4.79 -7.20
CA THR C 38 -41.45 -4.56 -8.52
C THR C 38 -41.23 -3.06 -8.70
N PHE C 39 -40.14 -2.69 -9.38
CA PHE C 39 -39.85 -1.31 -9.71
C PHE C 39 -39.77 -1.13 -11.22
N PRO C 40 -40.30 -0.01 -11.74
CA PRO C 40 -40.34 0.23 -13.20
C PRO C 40 -39.00 0.05 -13.90
N GLN C 41 -37.92 0.50 -13.27
CA GLN C 41 -36.57 0.43 -13.87
C GLN C 41 -35.95 -0.97 -13.87
N ALA C 42 -36.23 -1.76 -12.84
CA ALA C 42 -35.66 -3.11 -12.71
C ALA C 42 -36.44 -4.13 -13.53
N ASP C 43 -35.75 -5.19 -13.96
CA ASP C 43 -36.40 -6.25 -14.73
C ASP C 43 -36.69 -7.51 -13.90
N GLU C 44 -36.32 -7.47 -12.62
CA GLU C 44 -36.67 -8.51 -11.66
C GLU C 44 -37.31 -7.82 -10.46
N PRO C 45 -38.28 -8.49 -9.80
CA PRO C 45 -38.81 -7.93 -8.56
C PRO C 45 -37.75 -7.86 -7.48
N ARG C 46 -38.00 -7.08 -6.44
CA ARG C 46 -37.06 -6.94 -5.34
C ARG C 46 -37.54 -7.72 -4.12
N LEU C 47 -36.62 -8.49 -3.55
CA LEU C 47 -36.86 -9.21 -2.30
C LEU C 47 -36.31 -8.38 -1.14
N ILE C 48 -37.20 -8.01 -0.22
CA ILE C 48 -36.85 -7.13 0.90
C ILE C 48 -37.19 -7.84 2.22
N LEU C 49 -36.16 -8.38 2.85
CA LEU C 49 -36.32 -9.29 4.00
C LEU C 49 -35.85 -8.72 5.33
N LEU C 50 -34.91 -7.78 5.26
CA LEU C 50 -34.17 -7.39 6.46
C LEU C 50 -34.47 -5.96 6.91
N SER C 51 -34.41 -5.76 8.22
CA SER C 51 -34.54 -4.45 8.85
C SER C 51 -33.52 -3.46 8.27
N SER C 52 -32.32 -3.97 7.97
CA SER C 52 -31.24 -3.18 7.39
C SER C 52 -31.56 -2.56 6.02
N GLU C 53 -32.49 -3.19 5.30
CA GLU C 53 -32.89 -2.72 3.97
C GLU C 53 -33.97 -1.64 4.03
N LEU C 54 -34.54 -1.44 5.21
CA LEU C 54 -35.67 -0.53 5.43
C LEU C 54 -35.44 0.89 4.91
N ALA C 55 -34.28 1.46 5.21
CA ALA C 55 -33.94 2.81 4.77
C ALA C 55 -33.91 2.95 3.25
N ALA C 56 -33.21 2.03 2.59
CA ALA C 56 -33.10 2.04 1.13
C ALA C 56 -34.44 1.88 0.42
N LEU C 57 -35.35 1.12 1.03
CA LEU C 57 -36.72 0.97 0.51
C LEU C 57 -37.49 2.30 0.56
N ASP C 58 -37.46 2.95 1.72
CA ASP C 58 -38.09 4.27 1.90
C ASP C 58 -37.58 5.28 0.88
N ALA C 59 -36.27 5.26 0.62
CA ALA C 59 -35.65 6.14 -0.36
C ALA C 59 -36.02 5.78 -1.79
N ALA C 60 -36.13 4.48 -2.08
CA ALA C 60 -36.48 3.99 -3.42
C ALA C 60 -37.92 4.32 -3.78
N LEU C 61 -38.79 4.36 -2.78
CA LEU C 61 -40.19 4.72 -2.98
C LEU C 61 -40.36 6.23 -3.17
N ALA C 62 -39.56 7.00 -2.45
CA ALA C 62 -39.63 8.46 -2.48
C ALA C 62 -38.84 9.09 -3.63
N ASP C 63 -38.04 8.27 -4.32
CA ASP C 63 -37.15 8.75 -5.38
C ASP C 63 -36.87 7.67 -6.41
N PRO C 64 -37.18 7.94 -7.70
CA PRO C 64 -36.87 7.01 -8.78
C PRO C 64 -35.38 6.91 -9.08
N ALA C 65 -34.61 7.92 -8.65
CA ALA C 65 -33.17 7.97 -8.91
C ALA C 65 -32.36 7.09 -7.97
N ALA C 66 -32.91 6.81 -6.79
CA ALA C 66 -32.21 6.03 -5.75
C ALA C 66 -32.02 4.55 -6.12
N LYS C 67 -31.04 3.90 -5.51
CA LYS C 67 -30.71 2.51 -5.80
C LYS C 67 -31.87 1.57 -5.47
N LEU C 68 -31.94 0.44 -6.17
CA LEU C 68 -32.94 -0.57 -5.90
C LEU C 68 -32.75 -1.18 -4.52
N PRO C 69 -33.83 -1.27 -3.72
CA PRO C 69 -33.71 -1.83 -2.38
C PRO C 69 -33.69 -3.35 -2.38
N GLY C 70 -33.29 -3.93 -1.25
CA GLY C 70 -33.22 -5.37 -1.11
C GLY C 70 -32.30 -6.04 -2.13
N ARG C 71 -32.69 -7.23 -2.55
CA ARG C 71 -31.91 -8.00 -3.51
C ARG C 71 -32.83 -8.48 -4.63
N PRO C 72 -32.27 -8.87 -5.80
CA PRO C 72 -33.14 -9.33 -6.87
C PRO C 72 -33.85 -10.63 -6.50
N LEU C 73 -35.17 -10.65 -6.68
CA LEU C 73 -35.91 -11.92 -6.60
C LEU C 73 -35.73 -12.62 -7.94
N SER C 74 -34.67 -13.42 -8.03
CA SER C 74 -34.37 -14.17 -9.23
C SER C 74 -35.32 -15.36 -9.36
N THR C 75 -35.37 -15.95 -10.55
CA THR C 75 -36.23 -17.10 -10.82
C THR C 75 -35.83 -18.33 -10.00
N HIS C 76 -34.58 -18.36 -9.52
CA HIS C 76 -34.06 -19.47 -8.71
C HIS C 76 -34.83 -19.74 -7.45
N PHE C 77 -35.49 -18.71 -6.90
CA PHE C 77 -36.21 -18.86 -5.65
C PHE C 77 -37.43 -19.77 -5.76
N ALA C 78 -38.17 -19.65 -6.87
CA ALA C 78 -39.40 -20.39 -7.06
C ALA C 78 -39.30 -21.60 -7.99
N SER C 79 -38.23 -21.70 -8.77
CA SER C 79 -38.13 -22.70 -9.82
C SER C 79 -37.45 -24.00 -9.39
N LEU C 80 -38.24 -25.06 -9.25
CA LEU C 80 -37.71 -26.38 -8.96
C LEU C 80 -36.83 -26.88 -10.11
N ALA C 81 -37.23 -26.56 -11.34
CA ALA C 81 -36.46 -26.92 -12.53
C ALA C 81 -35.05 -26.34 -12.49
N GLN C 82 -34.94 -25.08 -12.09
CA GLN C 82 -33.63 -24.44 -11.96
C GLN C 82 -32.82 -24.97 -10.76
N LYS C 83 -33.52 -25.37 -9.71
CA LYS C 83 -32.87 -26.03 -8.58
C LYS C 83 -32.18 -27.32 -9.05
N MET C 84 -32.88 -28.12 -9.84
CA MET C 84 -32.33 -29.34 -10.42
C MET C 84 -31.15 -29.05 -11.34
N HIS C 85 -31.29 -28.02 -12.18
CA HIS C 85 -30.21 -27.58 -13.06
C HIS C 85 -28.99 -27.13 -12.28
N PHE C 86 -29.20 -26.37 -11.22
CA PHE C 86 -28.10 -25.95 -10.33
C PHE C 86 -27.34 -27.16 -9.77
N MET C 87 -28.10 -28.15 -9.31
CA MET C 87 -27.53 -29.38 -8.74
C MET C 87 -26.67 -30.14 -9.75
N ASP C 88 -27.19 -30.30 -10.96
CA ASP C 88 -26.44 -30.96 -12.05
C ASP C 88 -25.20 -30.19 -12.43
N THR C 89 -25.34 -28.86 -12.55
CA THR C 89 -24.24 -28.01 -13.00
C THR C 89 -23.16 -27.83 -11.93
N ASN C 90 -23.50 -28.16 -10.68
CA ASN C 90 -22.56 -27.98 -9.59
C ASN C 90 -22.15 -29.28 -8.90
N GLY C 91 -22.49 -30.41 -9.51
CA GLY C 91 -22.06 -31.74 -9.03
C GLY C 91 -22.72 -32.20 -7.74
N ILE C 92 -23.98 -31.81 -7.55
CA ILE C 92 -24.73 -32.11 -6.34
C ILE C 92 -25.78 -33.16 -6.68
N ARG C 93 -25.71 -34.30 -6.01
CA ARG C 93 -26.64 -35.39 -6.24
C ARG C 93 -27.97 -35.23 -5.47
N VAL C 94 -27.88 -34.81 -4.21
CA VAL C 94 -29.05 -34.68 -3.34
C VAL C 94 -29.09 -33.29 -2.68
N SER C 95 -30.28 -32.67 -2.68
CA SER C 95 -30.50 -31.45 -1.91
C SER C 95 -31.53 -31.68 -0.83
N VAL C 96 -31.24 -31.17 0.37
CA VAL C 96 -32.26 -31.10 1.41
C VAL C 96 -32.71 -29.65 1.43
N ILE C 97 -33.83 -29.38 0.76
CA ILE C 97 -34.30 -28.02 0.61
C ILE C 97 -35.10 -27.57 1.82
N SER C 98 -35.07 -26.29 2.06
CA SER C 98 -35.80 -25.69 3.15
C SER C 98 -36.37 -24.40 2.69
N LEU C 99 -37.48 -24.03 3.29
CA LEU C 99 -38.00 -22.72 3.10
C LEU C 99 -37.01 -21.68 3.67
N ALA C 100 -36.82 -20.60 2.95
CA ALA C 100 -35.99 -19.52 3.43
C ALA C 100 -36.69 -18.66 4.47
N ASN C 101 -35.86 -18.05 5.28
CA ASN C 101 -36.17 -16.90 6.08
C ASN C 101 -37.05 -15.86 5.39
N PRO C 102 -38.12 -15.43 6.03
CA PRO C 102 -38.36 -15.72 7.44
C PRO C 102 -39.45 -16.74 7.78
N TRP C 103 -39.66 -17.71 6.93
CA TRP C 103 -40.57 -18.80 7.21
C TRP C 103 -41.96 -18.31 7.51
N PHE C 104 -42.54 -18.75 8.61
CA PHE C 104 -43.87 -18.32 8.95
C PHE C 104 -43.97 -17.33 10.10
N ASP C 105 -42.87 -16.71 10.47
CA ASP C 105 -42.79 -15.85 11.66
C ASP C 105 -43.76 -14.67 11.65
N PHE C 106 -44.02 -14.11 10.47
CA PHE C 106 -44.85 -12.91 10.30
C PHE C 106 -46.36 -13.17 10.23
N LEU C 107 -46.76 -14.44 10.21
CA LEU C 107 -48.17 -14.81 10.07
C LEU C 107 -48.98 -14.65 11.36
N ALA C 108 -50.23 -14.21 11.22
CA ALA C 108 -51.16 -14.11 12.35
C ALA C 108 -51.46 -15.50 12.92
N PRO C 109 -51.66 -15.59 14.26
CA PRO C 109 -51.84 -16.89 14.92
C PRO C 109 -52.92 -17.78 14.32
N ASP C 110 -54.03 -17.19 13.88
CA ASP C 110 -55.18 -17.96 13.37
C ASP C 110 -54.93 -18.60 12.00
N GLU C 111 -54.26 -17.88 11.11
CA GLU C 111 -54.00 -18.35 9.75
C GLU C 111 -52.79 -19.29 9.65
N ALA C 112 -51.85 -19.14 10.60
CA ALA C 112 -50.54 -19.81 10.52
C ALA C 112 -50.58 -21.33 10.29
N PRO C 113 -51.32 -22.08 11.13
CA PRO C 113 -51.28 -23.54 10.98
C PRO C 113 -51.73 -24.04 9.61
N GLY C 114 -52.78 -23.43 9.07
CA GLY C 114 -53.33 -23.80 7.76
C GLY C 114 -52.32 -23.55 6.65
N ILE C 115 -51.70 -22.38 6.67
CA ILE C 115 -50.71 -21.99 5.66
C ILE C 115 -49.44 -22.84 5.76
N ALA C 116 -48.96 -23.09 6.97
CA ALA C 116 -47.78 -23.94 7.20
C ALA C 116 -48.00 -25.33 6.62
N ASP C 117 -49.15 -25.92 6.95
CA ASP C 117 -49.54 -27.24 6.43
C ASP C 117 -49.56 -27.32 4.91
N ALA C 118 -50.19 -26.32 4.29
CA ALA C 118 -50.23 -26.25 2.84
C ALA C 118 -48.83 -26.17 2.22
N VAL C 119 -47.97 -25.31 2.78
CA VAL C 119 -46.63 -25.08 2.24
C VAL C 119 -45.70 -26.28 2.44
N ASN C 120 -45.75 -26.87 3.64
CA ASN C 120 -45.02 -28.11 3.91
C ASN C 120 -45.46 -29.22 2.96
N ALA C 121 -46.78 -29.32 2.71
CA ALA C 121 -47.31 -30.26 1.71
C ALA C 121 -46.74 -29.99 0.31
N GLU C 122 -46.63 -28.73 -0.07
CA GLU C 122 -46.02 -28.33 -1.36
C GLU C 122 -44.58 -28.83 -1.50
N PHE C 123 -43.80 -28.67 -0.42
CA PHE C 123 -42.41 -29.12 -0.40
C PHE C 123 -42.29 -30.63 -0.57
N SER C 124 -43.17 -31.37 0.10
CA SER C 124 -43.24 -32.82 -0.06
C SER C 124 -43.50 -33.18 -1.54
N ASP C 125 -44.46 -32.49 -2.14
CA ASP C 125 -44.78 -32.70 -3.56
C ASP C 125 -43.62 -32.34 -4.48
N MET C 126 -42.89 -31.28 -4.16
CA MET C 126 -41.68 -30.90 -4.89
C MET C 126 -40.65 -32.02 -4.88
N CYS C 127 -40.38 -32.56 -3.69
CA CYS C 127 -39.43 -33.66 -3.51
C CYS C 127 -39.84 -34.90 -4.28
N ALA C 128 -41.15 -35.11 -4.40
CA ALA C 128 -41.71 -36.24 -5.14
C ALA C 128 -41.46 -36.16 -6.66
N GLN C 129 -41.08 -34.99 -7.16
CA GLN C 129 -40.82 -34.82 -8.59
C GLN C 129 -39.48 -35.45 -8.99
N HIS C 130 -38.57 -35.62 -8.04
CA HIS C 130 -37.26 -36.20 -8.32
C HIS C 130 -36.85 -37.12 -7.23
N VAL C 131 -37.55 -38.26 -7.17
CA VAL C 131 -37.37 -39.27 -6.13
C VAL C 131 -35.90 -39.62 -5.91
N GLY C 132 -35.46 -39.52 -4.66
CA GLY C 132 -34.08 -39.85 -4.29
C GLY C 132 -33.08 -38.71 -4.38
N ARG C 133 -33.45 -37.64 -5.06
CA ARG C 133 -32.55 -36.48 -5.18
C ARG C 133 -33.00 -35.30 -4.31
N LEU C 134 -34.21 -35.36 -3.78
CA LEU C 134 -34.75 -34.25 -2.98
C LEU C 134 -35.39 -34.65 -1.67
N PHE C 135 -34.95 -34.01 -0.60
CA PHE C 135 -35.61 -34.13 0.70
C PHE C 135 -35.82 -32.72 1.24
N PHE C 136 -36.51 -32.58 2.38
CA PHE C 136 -36.72 -31.23 2.90
C PHE C 136 -36.80 -31.10 4.41
N PHE C 137 -36.48 -29.89 4.88
CA PHE C 137 -36.75 -29.43 6.24
C PHE C 137 -38.07 -28.67 6.18
N ALA C 138 -38.96 -28.96 7.11
CA ALA C 138 -40.25 -28.27 7.22
C ALA C 138 -40.15 -27.06 8.14
N ALA C 139 -40.99 -26.06 7.90
CA ALA C 139 -41.04 -24.90 8.79
C ALA C 139 -42.29 -24.99 9.64
N LEU C 140 -42.25 -24.40 10.83
CA LEU C 140 -43.37 -24.51 11.76
C LEU C 140 -44.13 -23.20 11.95
N PRO C 141 -45.44 -23.28 12.27
CA PRO C 141 -46.22 -22.07 12.53
C PRO C 141 -46.01 -21.55 13.95
N LEU C 142 -44.83 -21.01 14.22
CA LEU C 142 -44.43 -20.66 15.58
C LEU C 142 -45.15 -19.44 16.19
N SER C 143 -45.94 -18.72 15.39
CA SER C 143 -46.71 -17.59 15.92
C SER C 143 -48.03 -18.08 16.54
N ALA C 144 -48.37 -19.33 16.28
CA ALA C 144 -49.60 -19.93 16.78
C ALA C 144 -49.39 -20.55 18.16
N PRO C 145 -50.48 -20.91 18.86
CA PRO C 145 -50.36 -21.54 20.17
C PRO C 145 -49.63 -22.88 20.09
N VAL C 146 -48.89 -23.19 21.15
CA VAL C 146 -47.99 -24.37 21.21
C VAL C 146 -48.70 -25.68 20.82
N ASP C 147 -49.99 -25.79 21.12
CA ASP C 147 -50.76 -26.97 20.74
C ASP C 147 -50.95 -27.14 19.24
N ALA C 148 -51.08 -26.04 18.52
CA ALA C 148 -51.15 -26.08 17.06
C ALA C 148 -49.79 -26.45 16.46
N VAL C 149 -48.71 -25.96 17.07
CA VAL C 149 -47.35 -26.25 16.67
C VAL C 149 -47.08 -27.75 16.79
N LYS C 150 -47.47 -28.33 17.93
CA LYS C 150 -47.34 -29.78 18.19
C LYS C 150 -48.05 -30.63 17.14
N ALA C 151 -49.27 -30.25 16.80
CA ALA C 151 -50.05 -30.95 15.78
C ALA C 151 -49.39 -30.79 14.40
N SER C 152 -48.85 -29.60 14.14
CA SER C 152 -48.09 -29.34 12.93
C SER C 152 -46.83 -30.23 12.82
N ILE C 153 -46.16 -30.46 13.95
CA ILE C 153 -44.99 -31.35 14.01
C ILE C 153 -45.37 -32.81 13.70
N GLU C 154 -46.49 -33.27 14.26
CA GLU C 154 -46.96 -34.62 14.00
C GLU C 154 -47.26 -34.84 12.52
N ARG C 155 -47.88 -33.83 11.90
CA ARG C 155 -48.20 -33.88 10.48
C ARG C 155 -46.95 -33.95 9.58
N VAL C 156 -45.95 -33.11 9.84
CA VAL C 156 -44.76 -33.08 8.99
C VAL C 156 -43.89 -34.33 9.10
N LYS C 157 -43.84 -34.94 10.28
CA LYS C 157 -43.08 -36.20 10.42
C LYS C 157 -43.65 -37.32 9.53
N ASN C 158 -44.92 -37.18 9.14
CA ASN C 158 -45.58 -38.15 8.28
C ASN C 158 -45.68 -37.70 6.82
N LEU C 159 -44.97 -36.63 6.47
CA LEU C 159 -44.86 -36.22 5.08
C LEU C 159 -43.69 -36.94 4.43
N LYS C 160 -43.92 -37.53 3.27
CA LYS C 160 -42.84 -38.13 2.49
C LYS C 160 -41.72 -37.11 2.30
N TYR C 161 -40.48 -37.59 2.43
CA TYR C 161 -39.26 -36.82 2.15
C TYR C 161 -38.89 -35.76 3.19
N CYS C 162 -39.72 -35.57 4.21
CA CYS C 162 -39.37 -34.68 5.30
C CYS C 162 -38.30 -35.31 6.18
N ARG C 163 -37.22 -34.56 6.43
CA ARG C 163 -36.12 -35.05 7.24
C ARG C 163 -35.72 -34.10 8.38
N GLY C 164 -36.55 -33.11 8.63
CA GLY C 164 -36.31 -32.20 9.74
C GLY C 164 -37.13 -30.94 9.75
N ILE C 165 -36.75 -30.02 10.62
CA ILE C 165 -37.43 -28.75 10.82
C ILE C 165 -36.40 -27.64 10.66
N ILE C 166 -36.74 -26.61 9.91
CA ILE C 166 -35.93 -25.38 9.91
C ILE C 166 -36.65 -24.37 10.79
N LEU C 167 -35.89 -23.71 11.66
CA LEU C 167 -36.45 -22.63 12.46
C LEU C 167 -35.47 -21.49 12.72
N GLY C 168 -36.05 -20.34 13.05
CA GLY C 168 -35.29 -19.13 13.32
C GLY C 168 -35.04 -18.96 14.80
N THR C 169 -34.46 -17.83 15.15
CA THR C 169 -33.97 -17.59 16.50
C THR C 169 -35.02 -16.96 17.42
N SER C 170 -36.15 -16.54 16.87
CA SER C 170 -37.16 -15.86 17.67
C SER C 170 -38.09 -16.82 18.44
N GLY C 171 -38.11 -18.08 18.04
CA GLY C 171 -38.94 -19.09 18.70
C GLY C 171 -40.41 -18.74 18.67
N LEU C 172 -41.00 -18.60 19.86
CA LEU C 172 -42.40 -18.21 19.99
C LEU C 172 -42.56 -16.69 20.12
N GLY C 173 -41.45 -15.98 20.05
CA GLY C 173 -41.45 -14.53 20.21
C GLY C 173 -40.44 -14.07 21.25
N LYS C 174 -39.97 -15.01 22.08
CA LYS C 174 -39.01 -14.67 23.14
C LYS C 174 -37.65 -15.33 23.01
N GLY C 175 -37.29 -15.77 21.80
CA GLY C 175 -36.02 -16.45 21.58
C GLY C 175 -36.06 -17.91 21.96
N LEU C 176 -34.92 -18.59 21.87
CA LEU C 176 -34.88 -20.05 21.99
C LEU C 176 -34.70 -20.55 23.43
N ASP C 177 -34.44 -19.65 24.35
CA ASP C 177 -34.31 -20.03 25.77
C ASP C 177 -35.62 -19.80 26.52
N ASP C 178 -36.68 -19.58 25.77
CA ASP C 178 -38.03 -19.43 26.30
C ASP C 178 -38.52 -20.82 26.73
N PRO C 179 -38.80 -21.01 28.04
CA PRO C 179 -39.22 -22.32 28.54
C PRO C 179 -40.55 -22.82 27.95
N HIS C 180 -41.36 -21.92 27.40
CA HIS C 180 -42.57 -22.30 26.65
C HIS C 180 -42.24 -23.06 25.39
N LEU C 181 -41.00 -22.93 24.91
CA LEU C 181 -40.55 -23.60 23.70
C LEU C 181 -40.08 -25.04 23.95
N LEU C 182 -39.79 -25.38 25.21
CA LEU C 182 -39.29 -26.71 25.55
C LEU C 182 -40.13 -27.88 24.99
N PRO C 183 -41.47 -27.83 25.14
CA PRO C 183 -42.27 -28.93 24.58
C PRO C 183 -42.21 -29.02 23.05
N VAL C 184 -41.92 -27.90 22.38
CA VAL C 184 -41.70 -27.92 20.93
C VAL C 184 -40.40 -28.68 20.59
N PHE C 185 -39.32 -28.38 21.32
CA PHE C 185 -38.06 -29.11 21.17
C PHE C 185 -38.26 -30.61 21.46
N GLU C 186 -39.01 -30.90 22.53
CA GLU C 186 -39.30 -32.29 22.91
C GLU C 186 -40.03 -33.03 21.79
N ALA C 187 -41.07 -32.41 21.26
CA ALA C 187 -41.88 -33.02 20.21
C ALA C 187 -41.08 -33.28 18.95
N VAL C 188 -40.21 -32.34 18.57
CA VAL C 188 -39.35 -32.50 17.39
C VAL C 188 -38.28 -33.59 17.62
N ALA C 189 -37.68 -33.60 18.80
CA ALA C 189 -36.67 -34.61 19.14
C ALA C 189 -37.26 -36.01 19.19
N ASP C 190 -38.43 -36.14 19.80
CA ASP C 190 -39.11 -37.44 19.90
C ASP C 190 -39.53 -37.97 18.53
N ALA C 191 -39.82 -37.06 17.60
CA ALA C 191 -40.13 -37.42 16.23
C ALA C 191 -38.86 -37.73 15.43
N LYS C 192 -37.71 -37.58 16.08
CA LYS C 192 -36.39 -37.82 15.46
C LYS C 192 -36.11 -36.93 14.24
N LEU C 193 -36.60 -35.69 14.31
CA LEU C 193 -36.38 -34.69 13.25
C LEU C 193 -35.22 -33.78 13.63
N LEU C 194 -34.25 -33.68 12.74
CA LEU C 194 -33.13 -32.77 12.92
C LEU C 194 -33.63 -31.32 12.88
N VAL C 195 -33.21 -30.50 13.84
CA VAL C 195 -33.58 -29.09 13.86
C VAL C 195 -32.45 -28.27 13.23
N PHE C 196 -32.79 -27.55 12.16
CA PHE C 196 -31.86 -26.71 11.42
C PHE C 196 -32.06 -25.26 11.85
N LEU C 197 -31.12 -24.75 12.65
CA LEU C 197 -31.20 -23.39 13.18
C LEU C 197 -30.57 -22.41 12.21
N HIS C 198 -31.34 -21.39 11.86
CA HIS C 198 -30.94 -20.49 10.78
C HIS C 198 -31.24 -19.06 11.15
N PRO C 199 -30.30 -18.14 10.83
CA PRO C 199 -30.48 -16.72 11.14
C PRO C 199 -31.47 -16.01 10.24
N HIS C 200 -31.81 -14.78 10.62
CA HIS C 200 -32.70 -13.89 9.87
C HIS C 200 -32.74 -12.52 10.48
N TYR C 201 -32.92 -12.46 11.80
CA TYR C 201 -33.14 -11.19 12.48
C TYR C 201 -31.88 -10.35 12.63
N GLY C 202 -30.72 -10.99 12.65
CA GLY C 202 -29.44 -10.28 12.72
C GLY C 202 -29.31 -9.47 14.00
N LEU C 203 -28.68 -8.30 13.89
CA LEU C 203 -28.42 -7.44 15.03
C LEU C 203 -29.07 -6.08 14.81
N PRO C 204 -29.42 -5.37 15.89
CA PRO C 204 -30.02 -4.05 15.65
C PRO C 204 -29.10 -3.21 14.75
N ASN C 205 -29.69 -2.54 13.78
CA ASN C 205 -28.94 -1.84 12.75
C ASN C 205 -27.89 -0.84 13.19
N GLU C 206 -28.13 -0.22 14.34
CA GLU C 206 -27.25 0.82 14.85
C GLU C 206 -25.80 0.35 15.01
N VAL C 207 -25.60 -0.94 15.24
CA VAL C 207 -24.24 -1.48 15.46
C VAL C 207 -23.33 -1.31 14.25
N TYR C 208 -23.92 -1.15 13.07
CA TYR C 208 -23.13 -1.03 11.85
C TYR C 208 -22.73 0.41 11.54
N GLY C 209 -23.31 1.36 12.27
CA GLY C 209 -22.92 2.76 12.17
C GLY C 209 -23.56 3.52 11.02
N PRO C 210 -23.26 4.84 10.91
CA PRO C 210 -23.93 5.73 9.95
C PRO C 210 -23.49 5.55 8.49
N ARG C 211 -22.45 4.77 8.25
CA ARG C 211 -21.97 4.54 6.88
C ARG C 211 -22.31 3.13 6.37
N SER C 212 -23.19 2.43 7.08
CA SER C 212 -23.49 1.03 6.73
C SER C 212 -24.01 0.84 5.31
N GLU C 213 -24.87 1.75 4.84
CA GLU C 213 -25.42 1.63 3.48
C GLU C 213 -24.36 1.66 2.35
N GLU C 214 -23.17 2.16 2.68
CA GLU C 214 -22.05 2.21 1.72
C GLU C 214 -21.44 0.83 1.50
N TYR C 215 -21.64 -0.08 2.45
CA TYR C 215 -20.97 -1.37 2.41
C TYR C 215 -21.83 -2.49 1.83
N GLY C 216 -22.97 -2.13 1.24
CA GLY C 216 -23.90 -3.10 0.68
C GLY C 216 -24.55 -3.94 1.76
N HIS C 217 -24.70 -5.24 1.48
CA HIS C 217 -25.26 -6.20 2.46
C HIS C 217 -24.19 -6.91 3.24
N VAL C 218 -22.92 -6.52 3.04
CA VAL C 218 -21.79 -7.21 3.66
C VAL C 218 -21.86 -7.35 5.18
N LEU C 219 -22.09 -6.25 5.89
CA LEU C 219 -22.11 -6.31 7.36
C LEU C 219 -23.25 -7.16 7.93
N PRO C 220 -24.51 -6.90 7.50
CA PRO C 220 -25.59 -7.74 8.07
C PRO C 220 -25.54 -9.21 7.68
N LEU C 221 -25.05 -9.52 6.48
CA LEU C 221 -24.98 -10.90 6.03
C LEU C 221 -23.74 -11.63 6.53
N ALA C 222 -22.59 -10.97 6.47
CA ALA C 222 -21.33 -11.60 6.87
C ALA C 222 -21.11 -11.58 8.38
N LEU C 223 -21.74 -10.65 9.08
CA LEU C 223 -21.57 -10.55 10.53
C LEU C 223 -22.85 -10.76 11.32
N GLY C 224 -23.90 -10.01 11.00
CA GLY C 224 -25.17 -10.09 11.72
C GLY C 224 -25.78 -11.49 11.78
N PHE C 225 -25.79 -12.18 10.65
CA PHE C 225 -26.33 -13.55 10.56
C PHE C 225 -25.60 -14.55 11.47
N PRO C 226 -24.28 -14.76 11.28
CA PRO C 226 -23.61 -15.74 12.14
C PRO C 226 -23.59 -15.37 13.62
N MET C 227 -23.58 -14.08 13.92
CA MET C 227 -23.58 -13.62 15.31
C MET C 227 -24.91 -13.89 15.99
N GLU C 228 -26.01 -13.69 15.24
CA GLU C 228 -27.36 -14.02 15.73
C GLU C 228 -27.47 -15.51 16.10
N THR C 229 -26.95 -16.37 15.23
CA THR C 229 -26.95 -17.81 15.45
C THR C 229 -26.21 -18.19 16.73
N THR C 230 -25.03 -17.61 16.93
CA THR C 230 -24.20 -17.84 18.10
C THR C 230 -24.94 -17.41 19.39
N ILE C 231 -25.53 -16.22 19.36
CA ILE C 231 -26.27 -15.72 20.52
C ILE C 231 -27.46 -16.61 20.87
N ALA C 232 -28.22 -17.00 19.86
CA ALA C 232 -29.37 -17.87 20.07
C ALA C 232 -28.96 -19.22 20.68
N VAL C 233 -27.94 -19.85 20.12
CA VAL C 233 -27.44 -21.16 20.61
C VAL C 233 -26.85 -21.07 22.02
N ALA C 234 -26.07 -20.02 22.26
CA ALA C 234 -25.49 -19.77 23.59
C ALA C 234 -26.59 -19.62 24.63
N ARG C 235 -27.65 -18.89 24.27
CA ARG C 235 -28.82 -18.74 25.14
C ARG C 235 -29.50 -20.07 25.42
N MET C 236 -29.65 -20.90 24.38
CA MET C 236 -30.18 -22.26 24.57
C MET C 236 -29.31 -23.03 25.56
N TYR C 237 -28.01 -22.98 25.34
CA TYR C 237 -27.06 -23.71 26.16
C TYR C 237 -27.10 -23.27 27.64
N MET C 238 -27.04 -21.96 27.88
CA MET C 238 -27.07 -21.40 29.23
C MET C 238 -28.37 -21.74 29.96
N ALA C 239 -29.47 -21.81 29.20
CA ALA C 239 -30.80 -22.12 29.75
C ALA C 239 -30.97 -23.60 30.07
N GLY C 240 -30.02 -24.43 29.66
CA GLY C 240 -30.06 -25.85 29.96
C GLY C 240 -30.95 -26.66 29.03
N VAL C 241 -31.28 -26.08 27.88
CA VAL C 241 -32.12 -26.73 26.87
C VAL C 241 -31.57 -28.09 26.44
N PHE C 242 -30.26 -28.16 26.18
CA PHE C 242 -29.64 -29.40 25.72
C PHE C 242 -29.67 -30.52 26.78
N ASP C 243 -29.63 -30.11 28.06
CA ASP C 243 -29.77 -31.03 29.18
C ASP C 243 -31.23 -31.42 29.43
N HIS C 244 -32.15 -30.47 29.27
CA HIS C 244 -33.58 -30.75 29.42
C HIS C 244 -34.18 -31.55 28.29
N VAL C 245 -33.56 -31.47 27.12
CA VAL C 245 -34.01 -32.23 25.96
C VAL C 245 -32.79 -32.96 25.39
N ARG C 246 -32.52 -34.11 25.99
CA ARG C 246 -31.29 -34.85 25.80
C ARG C 246 -31.15 -35.48 24.41
N ASN C 247 -32.29 -35.81 23.79
CA ASN C 247 -32.30 -36.40 22.46
C ASN C 247 -32.41 -35.36 21.33
N LEU C 248 -32.39 -34.08 21.69
CA LEU C 248 -32.41 -33.01 20.70
C LEU C 248 -31.12 -32.98 19.88
N GLN C 249 -31.25 -32.96 18.56
CA GLN C 249 -30.13 -32.81 17.64
C GLN C 249 -30.34 -31.54 16.80
N MET C 250 -29.32 -30.69 16.76
CA MET C 250 -29.40 -29.42 16.03
C MET C 250 -28.33 -29.27 14.95
N LEU C 251 -28.75 -28.80 13.79
CA LEU C 251 -27.81 -28.42 12.74
C LEU C 251 -27.75 -26.89 12.76
N LEU C 252 -26.53 -26.36 12.85
CA LEU C 252 -26.33 -24.92 12.91
C LEU C 252 -25.83 -24.38 11.58
N ALA C 253 -26.50 -23.34 11.11
CA ALA C 253 -26.12 -22.64 9.89
C ALA C 253 -24.75 -22.00 10.03
N HIS C 254 -24.02 -21.97 8.91
CA HIS C 254 -22.74 -21.27 8.80
C HIS C 254 -21.72 -21.74 9.81
N SER C 255 -21.61 -23.06 9.95
CA SER C 255 -20.66 -23.70 10.87
C SER C 255 -20.81 -23.22 12.32
N GLY C 256 -22.04 -22.94 12.72
CA GLY C 256 -22.33 -22.52 14.08
C GLY C 256 -22.17 -21.03 14.28
N GLY C 257 -22.07 -20.29 13.19
CA GLY C 257 -21.96 -18.84 13.24
C GLY C 257 -20.56 -18.42 13.61
N THR C 258 -20.26 -18.42 14.90
CA THR C 258 -18.92 -18.11 15.39
C THR C 258 -18.60 -19.03 16.57
N LEU C 259 -19.57 -19.88 16.91
CA LEU C 259 -19.48 -20.78 18.07
C LEU C 259 -18.18 -21.57 18.21
N PRO C 260 -17.69 -22.20 17.13
CA PRO C 260 -16.44 -22.97 17.27
C PRO C 260 -15.26 -22.11 17.68
N PHE C 261 -15.31 -20.84 17.30
CA PHE C 261 -14.24 -19.91 17.63
C PHE C 261 -14.36 -19.42 19.06
N LEU C 262 -15.59 -19.29 19.55
CA LEU C 262 -15.86 -18.66 20.85
C LEU C 262 -16.11 -19.65 22.01
N ALA C 263 -16.13 -20.94 21.70
CA ALA C 263 -16.48 -21.97 22.68
C ALA C 263 -15.58 -21.96 23.92
N GLY C 264 -14.28 -21.79 23.70
CA GLY C 264 -13.31 -21.70 24.79
C GLY C 264 -13.56 -20.50 25.67
N ARG C 265 -13.86 -19.36 25.04
CA ARG C 265 -14.22 -18.14 25.76
C ARG C 265 -15.51 -18.30 26.56
N ILE C 266 -16.52 -18.93 25.96
CA ILE C 266 -17.78 -19.16 26.68
C ILE C 266 -17.53 -20.01 27.92
N GLU C 267 -16.79 -21.11 27.75
CA GLU C 267 -16.39 -21.98 28.86
C GLU C 267 -15.62 -21.24 29.95
N SER C 268 -14.64 -20.42 29.56
CA SER C 268 -13.90 -19.62 30.54
C SER C 268 -14.82 -18.65 31.29
N CYS C 269 -15.66 -17.94 30.57
CA CYS C 269 -16.59 -17.00 31.19
C CYS C 269 -17.57 -17.66 32.17
N ILE C 270 -18.01 -18.88 31.85
CA ILE C 270 -18.87 -19.63 32.76
C ILE C 270 -18.16 -19.98 34.07
N VAL C 271 -17.00 -20.63 33.98
CA VAL C 271 -16.30 -21.07 35.19
C VAL C 271 -15.77 -19.89 36.04
N HIS C 272 -15.61 -18.73 35.43
CA HIS C 272 -15.16 -17.54 36.15
C HIS C 272 -16.28 -16.60 36.53
N ASP C 273 -17.52 -17.00 36.33
CA ASP C 273 -18.64 -16.14 36.71
C ASP C 273 -18.99 -16.31 38.18
N GLY C 274 -18.70 -15.29 38.96
CA GLY C 274 -18.94 -15.30 40.40
C GLY C 274 -20.37 -15.63 40.75
N HIS C 275 -21.31 -14.94 40.10
CA HIS C 275 -22.73 -15.13 40.35
C HIS C 275 -23.19 -16.55 40.07
N LEU C 276 -22.79 -17.09 38.93
CA LEU C 276 -23.20 -18.44 38.54
C LEU C 276 -22.59 -19.52 39.45
N VAL C 277 -21.31 -19.38 39.74
CA VAL C 277 -20.59 -20.34 40.57
C VAL C 277 -21.17 -20.37 41.99
N LYS C 278 -21.43 -19.20 42.56
CA LYS C 278 -21.89 -19.11 43.95
C LYS C 278 -23.37 -19.41 44.16
N THR C 279 -24.16 -19.41 43.08
CA THR C 279 -25.56 -19.81 43.17
C THR C 279 -25.79 -21.24 42.65
N GLY C 280 -24.70 -21.95 42.41
CA GLY C 280 -24.76 -23.39 42.10
C GLY C 280 -25.03 -23.76 40.65
N LYS C 281 -24.86 -22.80 39.74
CA LYS C 281 -25.14 -23.03 38.31
C LYS C 281 -23.94 -23.59 37.55
N VAL C 282 -22.86 -23.87 38.27
CA VAL C 282 -21.67 -24.45 37.64
C VAL C 282 -21.21 -25.68 38.42
N PRO C 283 -22.05 -26.75 38.45
CA PRO C 283 -21.65 -27.95 39.19
C PRO C 283 -20.51 -28.72 38.50
N LYS C 284 -19.86 -29.63 39.21
CA LYS C 284 -18.70 -30.35 38.69
C LYS C 284 -19.03 -31.27 37.51
N ASP C 285 -20.19 -31.92 37.57
CA ASP C 285 -20.62 -32.85 36.51
C ASP C 285 -21.27 -32.16 35.31
N ARG C 286 -21.23 -30.82 35.33
CA ARG C 286 -21.74 -29.99 34.25
C ARG C 286 -21.25 -30.43 32.86
N ARG C 287 -22.18 -30.57 31.92
CA ARG C 287 -21.82 -30.86 30.52
C ARG C 287 -21.35 -29.57 29.84
N THR C 288 -20.09 -29.58 29.41
CA THR C 288 -19.49 -28.40 28.79
C THR C 288 -20.03 -28.19 27.39
N ILE C 289 -19.81 -27.00 26.84
CA ILE C 289 -20.24 -26.69 25.50
C ILE C 289 -19.51 -27.59 24.48
N TRP C 290 -18.30 -28.03 24.83
CA TRP C 290 -17.54 -28.96 23.98
C TRP C 290 -18.21 -30.30 23.86
N THR C 291 -18.75 -30.80 24.97
CA THR C 291 -19.49 -32.04 24.99
C THR C 291 -20.75 -31.95 24.13
N VAL C 292 -21.49 -30.84 24.26
CA VAL C 292 -22.69 -30.61 23.47
C VAL C 292 -22.36 -30.49 21.98
N LEU C 293 -21.23 -29.88 21.66
CA LEU C 293 -20.76 -29.78 20.28
C LEU C 293 -20.45 -31.15 19.65
N LYS C 294 -20.06 -32.10 20.48
CA LYS C 294 -19.76 -33.45 20.01
C LYS C 294 -20.97 -34.39 20.05
N GLU C 295 -22.00 -34.01 20.81
CA GLU C 295 -23.11 -34.94 21.08
C GLU C 295 -24.48 -34.54 20.51
N GLN C 296 -24.76 -33.24 20.42
CA GLN C 296 -26.10 -32.80 20.05
C GLN C 296 -26.09 -31.75 18.95
N ILE C 297 -24.91 -31.37 18.49
CA ILE C 297 -24.79 -30.34 17.48
C ILE C 297 -24.11 -30.86 16.22
N TYR C 298 -24.74 -30.61 15.07
CA TYR C 298 -24.12 -30.77 13.78
C TYR C 298 -23.87 -29.38 13.20
N LEU C 299 -22.82 -29.27 12.39
CA LEU C 299 -22.48 -28.00 11.76
C LEU C 299 -22.49 -28.12 10.25
N ASP C 300 -23.06 -27.13 9.56
CA ASP C 300 -22.92 -27.10 8.11
C ASP C 300 -21.52 -26.55 7.76
N ALA C 301 -21.11 -26.71 6.51
CA ALA C 301 -19.76 -26.29 6.10
C ALA C 301 -19.81 -25.03 5.25
N VAL C 302 -20.89 -24.26 5.40
CA VAL C 302 -21.04 -23.01 4.68
C VAL C 302 -20.20 -21.95 5.41
N ILE C 303 -18.89 -21.99 5.16
CA ILE C 303 -17.91 -21.20 5.93
C ILE C 303 -16.82 -20.59 5.04
N TYR C 304 -16.73 -21.06 3.79
CA TYR C 304 -15.96 -20.42 2.71
C TYR C 304 -14.44 -20.47 2.85
N SER C 305 -13.95 -20.97 3.99
CA SER C 305 -12.51 -21.06 4.20
C SER C 305 -12.15 -22.33 4.98
N GLU C 306 -11.01 -22.91 4.62
CA GLU C 306 -10.47 -24.06 5.35
C GLU C 306 -10.08 -23.67 6.79
N VAL C 307 -9.92 -22.37 7.03
CA VAL C 307 -9.60 -21.86 8.36
C VAL C 307 -10.79 -22.07 9.30
N GLY C 308 -11.94 -21.50 8.93
CA GLY C 308 -13.18 -21.71 9.66
C GLY C 308 -13.56 -23.18 9.74
N LEU C 309 -13.42 -23.87 8.61
CA LEU C 309 -13.81 -25.27 8.53
C LEU C 309 -13.02 -26.16 9.50
N GLN C 310 -11.71 -25.89 9.60
CA GLN C 310 -10.85 -26.65 10.49
C GLN C 310 -11.24 -26.43 11.94
N ALA C 311 -11.55 -25.18 12.30
CA ALA C 311 -12.09 -24.89 13.64
C ALA C 311 -13.38 -25.67 13.92
N ALA C 312 -14.29 -25.69 12.95
CA ALA C 312 -15.54 -26.44 13.07
C ALA C 312 -15.31 -27.96 13.22
N ILE C 313 -14.40 -28.50 12.42
CA ILE C 313 -14.04 -29.92 12.50
C ILE C 313 -13.47 -30.28 13.87
N ALA C 314 -12.58 -29.44 14.38
CA ALA C 314 -11.97 -29.63 15.70
C ALA C 314 -12.99 -29.57 16.83
N SER C 315 -14.06 -28.78 16.63
CA SER C 315 -15.13 -28.61 17.61
C SER C 315 -16.13 -29.76 17.63
N SER C 316 -16.58 -30.20 16.46
CA SER C 316 -17.66 -31.18 16.38
C SER C 316 -17.23 -32.55 15.84
N GLY C 317 -16.12 -32.58 15.10
CA GLY C 317 -15.63 -33.81 14.50
C GLY C 317 -16.02 -33.86 13.03
N ALA C 318 -15.20 -34.53 12.23
CA ALA C 318 -15.39 -34.63 10.79
C ALA C 318 -16.69 -35.36 10.41
N ASP C 319 -17.20 -36.18 11.33
CA ASP C 319 -18.45 -36.91 11.12
C ASP C 319 -19.68 -36.07 11.46
N ARG C 320 -19.49 -34.81 11.83
CA ARG C 320 -20.62 -33.95 12.21
C ARG C 320 -20.72 -32.67 11.39
N LEU C 321 -19.92 -32.59 10.33
CA LEU C 321 -19.90 -31.48 9.40
C LEU C 321 -20.60 -31.85 8.10
N MET C 322 -21.46 -30.96 7.61
CA MET C 322 -22.23 -31.23 6.39
C MET C 322 -22.18 -30.08 5.39
N PHE C 323 -21.73 -30.39 4.18
CA PHE C 323 -21.68 -29.44 3.07
C PHE C 323 -23.04 -28.82 2.74
N GLY C 324 -23.01 -27.52 2.45
CA GLY C 324 -24.15 -26.76 1.97
C GLY C 324 -23.67 -25.65 1.04
N THR C 325 -24.60 -25.02 0.32
CA THR C 325 -24.27 -23.99 -0.67
C THR C 325 -24.96 -22.64 -0.42
N ASP C 326 -26.02 -22.65 0.36
CA ASP C 326 -26.90 -21.48 0.57
C ASP C 326 -27.58 -20.95 -0.71
N HIS C 327 -27.72 -21.82 -1.72
CA HIS C 327 -28.43 -21.49 -2.95
C HIS C 327 -29.87 -21.12 -2.62
N PRO C 328 -30.39 -20.05 -3.26
CA PRO C 328 -29.77 -19.24 -4.31
C PRO C 328 -29.38 -17.83 -3.86
N PHE C 329 -28.95 -17.67 -2.61
CA PHE C 329 -28.74 -16.31 -2.07
C PHE C 329 -27.50 -15.59 -2.58
N PHE C 330 -26.48 -16.34 -3.02
CA PHE C 330 -25.25 -15.72 -3.51
C PHE C 330 -24.91 -16.10 -4.96
N PRO C 331 -25.73 -15.63 -5.93
CA PRO C 331 -25.43 -15.87 -7.34
C PRO C 331 -24.17 -15.15 -7.79
N PRO C 332 -23.53 -15.63 -8.87
CA PRO C 332 -22.38 -14.89 -9.42
C PRO C 332 -22.87 -13.54 -9.93
N ILE C 333 -22.08 -12.50 -9.73
CA ILE C 333 -22.48 -11.16 -10.17
C ILE C 333 -22.12 -10.92 -11.63
N GLU C 334 -20.99 -11.45 -12.08
CA GLU C 334 -20.55 -11.18 -13.45
C GLU C 334 -20.45 -12.39 -14.38
N GLU C 335 -20.80 -13.58 -13.88
CA GLU C 335 -20.79 -14.79 -14.69
C GLU C 335 -22.22 -15.28 -14.96
N ASP C 336 -22.34 -16.35 -15.76
CA ASP C 336 -23.64 -16.94 -16.07
C ASP C 336 -24.25 -17.53 -14.80
N VAL C 337 -25.44 -17.04 -14.47
CA VAL C 337 -26.15 -17.44 -13.26
C VAL C 337 -26.70 -18.88 -13.39
N GLN C 338 -26.61 -19.44 -14.59
CA GLN C 338 -26.98 -20.85 -14.81
C GLN C 338 -25.77 -21.79 -14.93
N GLY C 339 -24.57 -21.22 -14.86
CA GLY C 339 -23.34 -22.03 -14.84
C GLY C 339 -22.96 -22.38 -13.41
N PRO C 340 -21.72 -22.84 -13.20
CA PRO C 340 -21.24 -23.12 -11.83
C PRO C 340 -21.28 -21.88 -10.93
N TRP C 341 -21.48 -22.10 -9.63
CA TRP C 341 -21.53 -21.00 -8.67
C TRP C 341 -20.30 -20.97 -7.83
N ASP C 342 -19.67 -19.81 -7.78
CA ASP C 342 -18.53 -19.57 -6.91
C ASP C 342 -18.85 -19.85 -5.44
N SER C 343 -20.00 -19.39 -4.96
CA SER C 343 -20.39 -19.57 -3.55
C SER C 343 -20.46 -21.05 -3.16
N SER C 344 -20.77 -21.89 -4.13
CA SER C 344 -20.77 -23.34 -3.91
C SER C 344 -19.35 -23.93 -3.96
N ARG C 345 -18.57 -23.53 -4.96
CA ARG C 345 -17.22 -24.07 -5.14
C ARG C 345 -16.25 -23.70 -3.99
N LEU C 346 -16.43 -22.52 -3.40
CA LEU C 346 -15.59 -22.07 -2.29
C LEU C 346 -15.70 -23.02 -1.09
N ASN C 347 -16.90 -23.46 -0.79
CA ASN C 347 -17.10 -24.39 0.32
C ASN C 347 -16.53 -25.77 0.03
N ALA C 348 -16.67 -26.25 -1.21
CA ALA C 348 -16.06 -27.52 -1.62
C ALA C 348 -14.53 -27.44 -1.59
N GLN C 349 -14.00 -26.30 -2.05
CA GLN C 349 -12.57 -26.02 -1.97
C GLN C 349 -12.07 -26.04 -0.51
N ALA C 350 -12.83 -25.41 0.38
CA ALA C 350 -12.49 -25.36 1.81
C ALA C 350 -12.37 -26.78 2.39
N VAL C 351 -13.28 -27.66 1.98
CA VAL C 351 -13.25 -29.07 2.38
C VAL C 351 -11.97 -29.74 1.89
N ILE C 352 -11.68 -29.60 0.60
CA ILE C 352 -10.50 -30.22 -0.01
C ILE C 352 -9.22 -29.72 0.65
N LYS C 353 -9.12 -28.41 0.82
CA LYS C 353 -7.97 -27.80 1.47
C LYS C 353 -7.79 -28.24 2.92
N ALA C 354 -8.89 -28.47 3.62
CA ALA C 354 -8.83 -28.80 5.05
C ALA C 354 -8.56 -30.28 5.35
N VAL C 355 -9.13 -31.18 4.55
CA VAL C 355 -9.02 -32.63 4.85
C VAL C 355 -8.49 -33.48 3.70
N GLY C 356 -8.20 -32.86 2.57
CA GLY C 356 -7.61 -33.55 1.41
C GLY C 356 -8.65 -34.13 0.48
N GLU C 357 -8.44 -33.92 -0.82
CA GLU C 357 -9.32 -34.50 -1.85
C GLU C 357 -9.25 -36.03 -1.85
N GLY C 358 -10.41 -36.66 -1.95
CA GLY C 358 -10.50 -38.12 -2.05
C GLY C 358 -10.39 -38.86 -0.73
N SER C 359 -10.19 -38.13 0.37
CA SER C 359 -10.14 -38.74 1.70
C SER C 359 -11.53 -39.16 2.17
N SER C 360 -11.58 -40.02 3.19
CA SER C 360 -12.85 -40.44 3.76
C SER C 360 -13.56 -39.29 4.49
N ASP C 361 -12.78 -38.40 5.12
CA ASP C 361 -13.29 -37.17 5.72
C ASP C 361 -13.96 -36.24 4.69
N ALA C 362 -13.36 -36.15 3.51
CA ALA C 362 -13.93 -35.37 2.40
C ALA C 362 -15.27 -35.94 1.95
N ALA C 363 -15.34 -37.26 1.83
CA ALA C 363 -16.58 -37.93 1.43
C ALA C 363 -17.68 -37.74 2.47
N ALA C 364 -17.29 -37.79 3.75
CA ALA C 364 -18.22 -37.61 4.85
C ALA C 364 -18.84 -36.21 4.83
N VAL C 365 -18.00 -35.18 4.85
CA VAL C 365 -18.48 -33.79 4.87
C VAL C 365 -19.29 -33.48 3.62
N MET C 366 -18.82 -33.93 2.47
CA MET C 366 -19.47 -33.63 1.19
C MET C 366 -20.83 -34.30 0.98
N GLY C 367 -21.13 -35.34 1.74
CA GLY C 367 -22.44 -35.98 1.63
C GLY C 367 -22.75 -37.14 2.55
N LEU C 368 -21.75 -37.93 2.91
CA LEU C 368 -22.01 -39.18 3.62
C LEU C 368 -22.54 -38.99 5.05
N ASN C 369 -22.12 -37.91 5.71
CA ASN C 369 -22.66 -37.57 7.03
C ASN C 369 -24.16 -37.32 6.96
N ALA C 370 -24.57 -36.49 6.00
CA ALA C 370 -25.98 -36.19 5.76
C ALA C 370 -26.76 -37.45 5.39
N VAL C 371 -26.16 -38.32 4.57
CA VAL C 371 -26.79 -39.59 4.21
C VAL C 371 -27.08 -40.43 5.45
N ARG C 372 -26.09 -40.53 6.32
CA ARG C 372 -26.20 -41.28 7.58
C ARG C 372 -27.22 -40.63 8.52
N VAL C 373 -26.91 -39.41 8.95
CA VAL C 373 -27.70 -38.69 9.95
C VAL C 373 -29.16 -38.45 9.53
N LEU C 374 -29.36 -38.19 8.24
CA LEU C 374 -30.70 -37.90 7.74
C LEU C 374 -31.40 -39.08 7.08
N SER C 375 -30.85 -40.29 7.26
CA SER C 375 -31.45 -41.52 6.71
C SER C 375 -31.90 -41.34 5.25
N LEU C 376 -30.93 -41.09 4.39
CA LEU C 376 -31.18 -40.98 2.96
C LEU C 376 -30.72 -42.26 2.26
N LYS C 377 -30.10 -43.16 3.04
CA LYS C 377 -29.38 -44.34 2.53
C LYS C 377 -30.29 -45.40 1.87
N ALA C 378 -31.41 -45.71 2.51
CA ALA C 378 -32.39 -46.65 1.96
C ALA C 378 -32.96 -46.14 0.64
N GLU C 379 -33.09 -44.80 0.55
CA GLU C 379 -33.60 -44.13 -0.64
C GLU C 379 -32.57 -44.03 -1.77
N LEU C 380 -31.28 -44.07 -1.41
CA LEU C 380 -30.19 -44.01 -2.38
C LEU C 380 -29.85 -45.36 -3.00
N GLU C 381 -29.99 -46.42 -2.19
CA GLU C 381 -29.68 -47.78 -2.63
C GLU C 381 -30.82 -48.43 -3.43
N HIS C 382 -32.02 -47.84 -3.36
CA HIS C 382 -33.19 -48.31 -4.11
C HIS C 382 -32.93 -48.37 -5.58
N PRO D 9 -14.26 12.58 -11.03
CA PRO D 9 -13.69 13.38 -9.95
C PRO D 9 -13.08 14.69 -10.45
N VAL D 10 -12.60 15.52 -9.52
CA VAL D 10 -12.04 16.84 -9.84
C VAL D 10 -10.63 16.75 -10.45
N VAL D 11 -10.44 17.43 -11.57
CA VAL D 11 -9.13 17.54 -12.21
C VAL D 11 -8.38 18.78 -11.68
N VAL D 12 -7.18 18.56 -11.14
CA VAL D 12 -6.35 19.64 -10.60
C VAL D 12 -5.02 19.70 -11.34
N ASP D 13 -4.58 20.91 -11.65
CA ASP D 13 -3.29 21.15 -12.30
C ASP D 13 -2.37 21.84 -11.29
N ILE D 14 -1.31 21.16 -10.88
CA ILE D 14 -0.39 21.75 -9.88
C ILE D 14 0.87 22.37 -10.46
N HIS D 15 1.00 22.36 -11.78
CA HIS D 15 2.19 22.88 -12.44
C HIS D 15 1.74 23.81 -13.54
N THR D 16 1.53 25.07 -13.18
CA THR D 16 0.94 26.05 -14.07
C THR D 16 1.31 27.48 -13.61
N HIS D 17 1.73 28.31 -14.54
CA HIS D 17 2.46 29.55 -14.19
C HIS D 17 1.80 30.83 -14.62
N MET D 18 2.19 31.93 -13.94
CA MET D 18 1.84 33.29 -14.33
C MET D 18 2.93 34.29 -13.98
N TYR D 19 3.04 35.34 -14.81
CA TYR D 19 3.76 36.55 -14.44
C TYR D 19 2.75 37.68 -14.31
N PRO D 20 2.54 38.20 -13.08
CA PRO D 20 1.68 39.39 -12.95
C PRO D 20 2.25 40.56 -13.74
N PRO D 21 1.38 41.46 -14.25
CA PRO D 21 1.82 42.62 -15.03
C PRO D 21 2.94 43.43 -14.37
N SER D 22 2.88 43.64 -13.05
CA SER D 22 3.93 44.35 -12.30
C SER D 22 5.29 43.65 -12.37
N TYR D 23 5.27 42.32 -12.37
CA TYR D 23 6.48 41.52 -12.52
C TYR D 23 7.05 41.67 -13.94
N ILE D 24 6.17 41.65 -14.95
CA ILE D 24 6.56 41.91 -16.34
C ILE D 24 7.24 43.28 -16.48
N ALA D 25 6.67 44.30 -15.82
CA ALA D 25 7.23 45.66 -15.84
C ALA D 25 8.69 45.68 -15.37
N MET D 26 8.98 44.95 -14.30
CA MET D 26 10.35 44.79 -13.81
C MET D 26 11.27 44.21 -14.89
N LEU D 27 10.79 43.21 -15.62
CA LEU D 27 11.60 42.54 -16.63
C LEU D 27 11.99 43.42 -17.81
N GLU D 28 11.06 44.25 -18.30
CA GLU D 28 11.37 45.18 -19.39
C GLU D 28 12.31 46.30 -18.95
N LYS D 29 12.43 46.48 -17.64
CA LYS D 29 13.34 47.47 -17.04
C LYS D 29 14.78 46.99 -16.97
N ARG D 30 14.98 45.68 -17.17
CA ARG D 30 16.28 45.07 -16.94
C ARG D 30 17.18 45.09 -18.17
N GLN D 31 18.48 45.19 -17.92
CA GLN D 31 19.49 45.25 -19.00
C GLN D 31 20.19 43.90 -19.18
N THR D 32 20.13 43.06 -18.14
CA THR D 32 20.63 41.69 -18.24
C THR D 32 19.53 40.69 -17.93
N ILE D 33 19.69 39.48 -18.47
CA ILE D 33 18.77 38.36 -18.28
C ILE D 33 18.55 38.05 -16.78
N PRO D 34 17.28 37.86 -16.36
CA PRO D 34 16.03 37.80 -17.14
C PRO D 34 15.52 39.17 -17.58
N LEU D 35 14.98 39.25 -18.79
CA LEU D 35 14.48 40.51 -19.33
C LEU D 35 13.42 40.32 -20.42
N VAL D 36 12.65 41.38 -20.66
CA VAL D 36 11.67 41.43 -21.74
C VAL D 36 12.02 42.57 -22.69
N ARG D 37 12.12 42.25 -23.99
CA ARG D 37 12.44 43.25 -25.01
C ARG D 37 11.52 43.15 -26.22
N THR D 38 11.14 44.30 -26.75
CA THR D 38 10.40 44.37 -28.00
C THR D 38 11.37 44.64 -29.15
N PHE D 39 11.14 43.99 -30.28
CA PHE D 39 11.94 44.16 -31.48
C PHE D 39 11.03 44.68 -32.60
N PRO D 40 11.53 45.61 -33.43
CA PRO D 40 10.77 46.24 -34.51
C PRO D 40 9.87 45.28 -35.31
N GLN D 41 10.40 44.12 -35.69
CA GLN D 41 9.65 43.15 -36.50
C GLN D 41 8.61 42.34 -35.72
N ALA D 42 8.91 42.06 -34.45
CA ALA D 42 8.06 41.21 -33.60
C ALA D 42 6.78 41.91 -33.18
N ASP D 43 5.67 41.18 -33.30
CA ASP D 43 4.36 41.67 -32.87
C ASP D 43 4.25 41.69 -31.35
N GLU D 44 4.77 40.65 -30.71
CA GLU D 44 4.78 40.54 -29.26
C GLU D 44 6.19 40.64 -28.72
N PRO D 45 6.34 41.11 -27.46
CA PRO D 45 7.67 41.21 -26.86
C PRO D 45 8.33 39.85 -26.66
N ARG D 46 9.65 39.86 -26.51
CA ARG D 46 10.40 38.62 -26.34
C ARG D 46 10.79 38.41 -24.88
N LEU D 47 10.49 37.23 -24.36
CA LEU D 47 10.87 36.84 -23.02
C LEU D 47 12.19 36.08 -23.08
N ILE D 48 13.21 36.64 -22.42
CA ILE D 48 14.56 36.08 -22.44
C ILE D 48 14.99 35.77 -21.00
N LEU D 49 14.89 34.49 -20.64
CA LEU D 49 15.08 34.06 -19.26
C LEU D 49 16.38 33.29 -19.03
N LEU D 50 16.88 32.63 -20.06
CA LEU D 50 17.93 31.63 -19.88
C LEU D 50 19.32 32.05 -20.37
N SER D 51 20.34 31.53 -19.69
CA SER D 51 21.75 31.73 -20.08
C SER D 51 22.00 31.25 -21.51
N SER D 52 21.27 30.21 -21.91
CA SER D 52 21.37 29.65 -23.25
C SER D 52 20.86 30.58 -24.36
N GLU D 53 20.08 31.59 -23.99
CA GLU D 53 19.57 32.58 -24.95
C GLU D 53 20.49 33.78 -25.11
N LEU D 54 21.56 33.82 -24.31
CA LEU D 54 22.48 34.96 -24.27
C LEU D 54 23.13 35.25 -25.64
N ALA D 55 23.61 34.20 -26.30
CA ALA D 55 24.27 34.34 -27.60
C ALA D 55 23.33 34.87 -28.68
N ALA D 56 22.12 34.33 -28.75
CA ALA D 56 21.12 34.73 -29.74
C ALA D 56 20.57 36.14 -29.48
N LEU D 57 20.59 36.57 -28.22
CA LEU D 57 20.20 37.93 -27.85
C LEU D 57 21.21 38.96 -28.39
N ASP D 58 22.50 38.72 -28.15
CA ASP D 58 23.56 39.59 -28.65
C ASP D 58 23.58 39.66 -30.17
N ALA D 59 23.38 38.51 -30.81
CA ALA D 59 23.32 38.41 -32.28
C ALA D 59 22.14 39.20 -32.88
N ALA D 60 21.04 39.30 -32.13
CA ALA D 60 19.85 40.03 -32.58
C ALA D 60 19.95 41.53 -32.29
N LEU D 61 20.71 41.90 -31.27
CA LEU D 61 20.93 43.31 -30.93
C LEU D 61 21.85 44.01 -31.92
N ALA D 62 22.80 43.27 -32.47
CA ALA D 62 23.73 43.79 -33.48
C ALA D 62 23.13 43.76 -34.89
N ASP D 63 22.34 42.73 -35.17
CA ASP D 63 21.80 42.48 -36.51
C ASP D 63 20.27 42.36 -36.49
N PRO D 64 19.57 43.27 -37.20
CA PRO D 64 18.11 43.21 -37.29
C PRO D 64 17.59 42.09 -38.22
N ALA D 65 18.50 41.32 -38.81
CA ALA D 65 18.15 40.21 -39.69
C ALA D 65 18.30 38.84 -39.00
N ALA D 66 18.92 38.83 -37.83
CA ALA D 66 19.09 37.61 -37.03
C ALA D 66 17.76 37.17 -36.42
N LYS D 67 17.67 35.90 -36.01
CA LYS D 67 16.42 35.36 -35.46
C LYS D 67 16.01 36.04 -34.15
N LEU D 68 14.71 36.04 -33.87
CA LEU D 68 14.18 36.61 -32.64
C LEU D 68 14.67 35.80 -31.44
N PRO D 69 15.27 36.48 -30.45
CA PRO D 69 15.81 35.81 -29.27
C PRO D 69 14.73 35.43 -28.25
N GLY D 70 15.05 34.49 -27.38
CA GLY D 70 14.14 34.03 -26.34
C GLY D 70 12.86 33.44 -26.91
N ARG D 71 11.76 33.67 -26.21
CA ARG D 71 10.47 33.15 -26.64
C ARG D 71 9.42 34.27 -26.62
N PRO D 72 8.32 34.12 -27.37
CA PRO D 72 7.33 35.20 -27.37
C PRO D 72 6.68 35.35 -26.01
N LEU D 73 6.63 36.58 -25.51
CA LEU D 73 5.85 36.89 -24.32
C LEU D 73 4.41 37.07 -24.77
N SER D 74 3.69 35.96 -24.88
CA SER D 74 2.28 35.99 -25.23
C SER D 74 1.49 36.56 -24.07
N THR D 75 0.21 36.87 -24.31
CA THR D 75 -0.66 37.40 -23.27
C THR D 75 -0.99 36.37 -22.19
N HIS D 76 -0.79 35.08 -22.50
CA HIS D 76 -1.12 33.97 -21.59
C HIS D 76 -0.41 34.06 -20.27
N PHE D 77 0.74 34.71 -20.24
CA PHE D 77 1.53 34.81 -19.03
C PHE D 77 0.87 35.66 -17.94
N ALA D 78 0.27 36.78 -18.33
CA ALA D 78 -0.28 37.74 -17.37
C ALA D 78 -1.80 37.68 -17.23
N SER D 79 -2.47 37.06 -18.21
CA SER D 79 -3.92 37.12 -18.27
C SER D 79 -4.61 36.04 -17.44
N LEU D 80 -5.29 36.46 -16.37
CA LEU D 80 -6.08 35.56 -15.55
C LEU D 80 -7.30 35.03 -16.32
N ALA D 81 -7.90 35.87 -17.16
CA ALA D 81 -9.02 35.45 -18.00
C ALA D 81 -8.62 34.31 -18.95
N GLN D 82 -7.43 34.41 -19.54
CA GLN D 82 -6.93 33.34 -20.42
C GLN D 82 -6.55 32.06 -19.66
N LYS D 83 -6.10 32.20 -18.42
CA LYS D 83 -5.89 31.03 -17.57
C LYS D 83 -7.20 30.26 -17.37
N MET D 84 -8.28 30.99 -17.06
CA MET D 84 -9.58 30.36 -16.82
C MET D 84 -10.14 29.75 -18.09
N HIS D 85 -9.95 30.44 -19.22
CA HIS D 85 -10.30 29.90 -20.53
C HIS D 85 -9.57 28.62 -20.79
N PHE D 86 -8.26 28.60 -20.54
CA PHE D 86 -7.44 27.40 -20.70
C PHE D 86 -8.01 26.25 -19.86
N MET D 87 -8.32 26.52 -18.60
CA MET D 87 -8.86 25.52 -17.68
C MET D 87 -10.19 24.94 -18.17
N ASP D 88 -11.08 25.81 -18.63
CA ASP D 88 -12.37 25.40 -19.15
C ASP D 88 -12.27 24.60 -20.45
N THR D 89 -11.29 24.91 -21.29
CA THR D 89 -11.16 24.24 -22.57
C THR D 89 -10.34 22.96 -22.49
N ASN D 90 -9.62 22.77 -21.38
CA ASN D 90 -8.79 21.57 -21.19
C ASN D 90 -9.28 20.63 -20.09
N GLY D 91 -10.48 20.88 -19.58
CA GLY D 91 -11.10 20.01 -18.58
C GLY D 91 -10.52 20.13 -17.17
N ILE D 92 -9.94 21.29 -16.86
CA ILE D 92 -9.30 21.50 -15.55
C ILE D 92 -10.21 22.29 -14.60
N ARG D 93 -10.53 21.68 -13.47
CA ARG D 93 -11.39 22.32 -12.47
C ARG D 93 -10.61 23.30 -11.59
N VAL D 94 -9.44 22.89 -11.14
CA VAL D 94 -8.65 23.67 -10.19
C VAL D 94 -7.21 23.78 -10.67
N SER D 95 -6.66 24.99 -10.63
CA SER D 95 -5.23 25.24 -10.86
C SER D 95 -4.56 25.74 -9.58
N VAL D 96 -3.37 25.23 -9.30
CA VAL D 96 -2.52 25.80 -8.25
C VAL D 96 -1.43 26.57 -8.97
N ILE D 97 -1.66 27.86 -9.18
CA ILE D 97 -0.74 28.68 -9.97
C ILE D 97 0.52 29.03 -9.19
N SER D 98 1.60 29.29 -9.93
CA SER D 98 2.82 29.71 -9.31
C SER D 98 3.51 30.70 -10.23
N LEU D 99 4.23 31.64 -9.63
CA LEU D 99 5.13 32.50 -10.39
C LEU D 99 6.15 31.62 -11.09
N ALA D 100 6.44 31.96 -12.34
CA ALA D 100 7.40 31.21 -13.14
C ALA D 100 8.83 31.63 -12.80
N ASN D 101 9.79 30.82 -13.23
CA ASN D 101 11.20 31.15 -13.15
C ASN D 101 11.54 32.52 -13.79
N PRO D 102 12.48 33.28 -13.23
CA PRO D 102 13.32 32.95 -12.09
C PRO D 102 12.86 33.59 -10.78
N TRP D 103 11.55 33.80 -10.63
CA TRP D 103 10.98 34.27 -9.35
C TRP D 103 11.63 35.55 -8.88
N PHE D 104 12.08 35.60 -7.63
CA PHE D 104 12.73 36.80 -7.09
C PHE D 104 14.25 36.70 -6.95
N ASP D 105 14.86 35.73 -7.64
CA ASP D 105 16.30 35.43 -7.48
C ASP D 105 17.23 36.58 -7.87
N PHE D 106 16.79 37.42 -8.81
CA PHE D 106 17.61 38.49 -9.37
C PHE D 106 17.48 39.82 -8.61
N LEU D 107 16.54 39.91 -7.69
CA LEU D 107 16.31 41.14 -6.94
C LEU D 107 17.41 41.43 -5.92
N ALA D 108 17.67 42.72 -5.68
CA ALA D 108 18.63 43.15 -4.66
C ALA D 108 18.08 42.83 -3.27
N PRO D 109 18.96 42.49 -2.31
CA PRO D 109 18.56 42.06 -0.97
C PRO D 109 17.55 42.99 -0.28
N ASP D 110 17.77 44.29 -0.36
CA ASP D 110 16.99 45.26 0.39
C ASP D 110 15.56 45.44 -0.15
N GLU D 111 15.42 45.38 -1.47
CA GLU D 111 14.10 45.55 -2.11
C GLU D 111 13.30 44.24 -2.09
N ALA D 112 14.00 43.12 -2.09
CA ALA D 112 13.40 41.80 -2.29
C ALA D 112 12.17 41.49 -1.42
N PRO D 113 12.27 41.70 -0.08
CA PRO D 113 11.13 41.36 0.78
C PRO D 113 9.85 42.13 0.47
N GLY D 114 9.98 43.43 0.20
CA GLY D 114 8.84 44.27 -0.14
C GLY D 114 8.17 43.86 -1.43
N ILE D 115 8.98 43.54 -2.44
CA ILE D 115 8.46 43.12 -3.74
C ILE D 115 7.77 41.76 -3.63
N ALA D 116 8.41 40.80 -2.96
CA ALA D 116 7.83 39.47 -2.75
C ALA D 116 6.46 39.53 -2.07
N ASP D 117 6.38 40.31 -1.00
CA ASP D 117 5.15 40.48 -0.24
C ASP D 117 4.01 41.04 -1.11
N ALA D 118 4.32 42.02 -1.94
CA ALA D 118 3.34 42.60 -2.87
C ALA D 118 2.87 41.59 -3.93
N VAL D 119 3.82 40.89 -4.56
CA VAL D 119 3.50 39.92 -5.61
C VAL D 119 2.66 38.76 -5.06
N ASN D 120 3.05 38.24 -3.89
CA ASN D 120 2.30 37.18 -3.22
C ASN D 120 0.88 37.60 -2.83
N ALA D 121 0.75 38.84 -2.36
CA ALA D 121 -0.58 39.42 -2.13
C ALA D 121 -1.39 39.45 -3.43
N GLU D 122 -0.73 39.80 -4.53
CA GLU D 122 -1.37 39.85 -5.85
C GLU D 122 -1.88 38.45 -6.26
N PHE D 123 -1.07 37.41 -6.03
CA PHE D 123 -1.49 36.04 -6.32
C PHE D 123 -2.70 35.64 -5.49
N SER D 124 -2.71 36.04 -4.22
CA SER D 124 -3.84 35.79 -3.34
C SER D 124 -5.12 36.43 -3.88
N ASP D 125 -5.02 37.70 -4.27
CA ASP D 125 -6.16 38.42 -4.84
C ASP D 125 -6.64 37.81 -6.15
N MET D 126 -5.70 37.35 -6.98
CA MET D 126 -6.04 36.66 -8.23
C MET D 126 -6.90 35.41 -7.97
N CYS D 127 -6.47 34.59 -7.01
CA CYS D 127 -7.23 33.43 -6.59
C CYS D 127 -8.63 33.78 -6.06
N ALA D 128 -8.74 34.93 -5.39
CA ALA D 128 -10.03 35.40 -4.88
C ALA D 128 -11.06 35.74 -5.97
N GLN D 129 -10.58 35.94 -7.20
CA GLN D 129 -11.46 36.23 -8.34
C GLN D 129 -12.25 35.00 -8.83
N HIS D 130 -11.78 33.80 -8.49
CA HIS D 130 -12.45 32.57 -8.92
C HIS D 130 -12.43 31.56 -7.82
N VAL D 131 -13.17 31.89 -6.76
CA VAL D 131 -13.20 31.13 -5.51
C VAL D 131 -13.41 29.64 -5.74
N GLY D 132 -12.53 28.82 -5.18
CA GLY D 132 -12.66 27.36 -5.29
C GLY D 132 -11.93 26.78 -6.49
N ARG D 133 -11.55 27.62 -7.44
CA ARG D 133 -10.88 27.15 -8.65
C ARG D 133 -9.37 27.46 -8.72
N LEU D 134 -8.89 28.31 -7.81
CA LEU D 134 -7.52 28.80 -7.85
C LEU D 134 -6.86 28.87 -6.47
N PHE D 135 -5.70 28.23 -6.36
CA PHE D 135 -4.83 28.34 -5.20
C PHE D 135 -3.44 28.65 -5.74
N PHE D 136 -2.48 28.94 -4.86
CA PHE D 136 -1.15 29.29 -5.36
C PHE D 136 0.01 28.80 -4.50
N PHE D 137 1.15 28.60 -5.16
CA PHE D 137 2.45 28.45 -4.51
C PHE D 137 3.06 29.84 -4.47
N ALA D 138 3.50 30.27 -3.29
CA ALA D 138 4.16 31.58 -3.14
C ALA D 138 5.65 31.48 -3.40
N ALA D 139 6.24 32.57 -3.89
CA ALA D 139 7.69 32.63 -4.07
C ALA D 139 8.33 33.43 -2.94
N LEU D 140 9.59 33.12 -2.64
CA LEU D 140 10.28 33.71 -1.50
C LEU D 140 11.40 34.68 -1.92
N PRO D 141 11.62 35.74 -1.11
CA PRO D 141 12.73 36.66 -1.37
C PRO D 141 14.07 36.07 -0.94
N LEU D 142 14.54 35.05 -1.65
CA LEU D 142 15.72 34.30 -1.21
C LEU D 142 17.07 35.01 -1.36
N SER D 143 17.07 36.21 -1.95
CA SER D 143 18.30 37.00 -2.03
C SER D 143 18.46 37.89 -0.79
N ALA D 144 17.42 37.91 0.04
CA ALA D 144 17.44 38.65 1.31
C ALA D 144 18.00 37.78 2.43
N PRO D 145 18.28 38.39 3.61
CA PRO D 145 18.75 37.65 4.78
C PRO D 145 17.74 36.62 5.25
N VAL D 146 18.24 35.51 5.77
CA VAL D 146 17.40 34.38 6.16
C VAL D 146 16.21 34.79 7.03
N ASP D 147 16.40 35.80 7.89
CA ASP D 147 15.32 36.16 8.79
C ASP D 147 14.19 36.92 8.11
N ALA D 148 14.52 37.68 7.06
CA ALA D 148 13.52 38.27 6.19
C ALA D 148 12.75 37.16 5.44
N VAL D 149 13.46 36.11 5.03
CA VAL D 149 12.85 34.96 4.37
C VAL D 149 11.83 34.33 5.30
N LYS D 150 12.24 34.08 6.56
CA LYS D 150 11.35 33.51 7.57
C LYS D 150 10.12 34.38 7.80
N ALA D 151 10.34 35.69 7.89
CA ALA D 151 9.26 36.66 8.06
C ALA D 151 8.27 36.50 6.93
N SER D 152 8.79 36.37 5.71
CA SER D 152 7.96 36.22 4.51
C SER D 152 7.16 34.92 4.50
N ILE D 153 7.78 33.82 4.96
CA ILE D 153 7.10 32.53 5.10
C ILE D 153 5.92 32.64 6.07
N GLU D 154 6.14 33.28 7.22
CA GLU D 154 5.08 33.45 8.22
C GLU D 154 3.90 34.26 7.69
N ARG D 155 4.18 35.26 6.85
CA ARG D 155 3.13 36.03 6.17
C ARG D 155 2.32 35.21 5.16
N VAL D 156 3.01 34.48 4.27
CA VAL D 156 2.32 33.75 3.20
C VAL D 156 1.45 32.61 3.71
N LYS D 157 1.83 32.02 4.85
CA LYS D 157 1.02 30.94 5.42
C LYS D 157 -0.36 31.42 5.86
N ASN D 158 -0.48 32.73 6.13
CA ASN D 158 -1.76 33.33 6.50
C ASN D 158 -2.50 34.03 5.36
N LEU D 159 -1.97 33.88 4.13
CA LEU D 159 -2.65 34.37 2.95
C LEU D 159 -3.69 33.37 2.47
N LYS D 160 -4.90 33.85 2.21
CA LYS D 160 -5.95 33.02 1.64
C LYS D 160 -5.46 32.42 0.32
N TYR D 161 -5.77 31.13 0.15
CA TYR D 161 -5.50 30.39 -1.10
C TYR D 161 -4.05 29.94 -1.28
N CYS D 162 -3.17 30.34 -0.39
CA CYS D 162 -1.79 29.88 -0.45
C CYS D 162 -1.73 28.44 0.05
N ARG D 163 -1.13 27.56 -0.76
CA ARG D 163 -1.00 26.14 -0.41
C ARG D 163 0.43 25.62 -0.49
N GLY D 164 1.39 26.51 -0.68
CA GLY D 164 2.77 26.09 -0.68
C GLY D 164 3.73 27.16 -1.16
N ILE D 165 4.98 26.73 -1.37
CA ILE D 165 6.08 27.58 -1.75
C ILE D 165 6.70 27.02 -3.03
N ILE D 166 6.95 27.88 -4.03
CA ILE D 166 7.76 27.47 -5.17
C ILE D 166 9.17 28.03 -4.98
N LEU D 167 10.18 27.19 -5.25
CA LEU D 167 11.54 27.69 -5.27
C LEU D 167 12.46 27.00 -6.29
N GLY D 168 13.55 27.70 -6.62
CA GLY D 168 14.53 27.19 -7.54
C GLY D 168 15.67 26.49 -6.83
N THR D 169 16.67 26.10 -7.62
CA THR D 169 17.74 25.24 -7.15
C THR D 169 18.92 26.02 -6.55
N SER D 170 18.94 27.33 -6.72
CA SER D 170 20.09 28.11 -6.23
C SER D 170 20.01 28.45 -4.73
N GLY D 171 18.84 28.23 -4.12
CA GLY D 171 18.63 28.53 -2.71
C GLY D 171 19.00 29.96 -2.38
N LEU D 172 19.90 30.13 -1.41
CA LEU D 172 20.41 31.46 -1.06
C LEU D 172 21.55 31.91 -1.98
N GLY D 173 21.98 31.02 -2.86
CA GLY D 173 23.04 31.34 -3.81
C GLY D 173 24.02 30.18 -3.94
N LYS D 174 23.94 29.24 -3.01
CA LYS D 174 24.89 28.12 -2.98
C LYS D 174 24.20 26.75 -3.07
N GLY D 175 23.01 26.73 -3.67
CA GLY D 175 22.27 25.48 -3.85
C GLY D 175 21.51 25.06 -2.62
N LEU D 176 20.87 23.89 -2.70
CA LEU D 176 19.94 23.45 -1.68
C LEU D 176 20.58 22.66 -0.54
N ASP D 177 21.86 22.36 -0.68
CA ASP D 177 22.64 21.70 0.37
C ASP D 177 23.43 22.71 1.21
N ASP D 178 23.13 23.99 1.03
CA ASP D 178 23.70 25.09 1.80
C ASP D 178 23.14 25.05 3.23
N PRO D 179 24.01 24.86 4.24
CA PRO D 179 23.50 24.79 5.63
C PRO D 179 22.83 26.08 6.13
N HIS D 180 23.10 27.22 5.47
CA HIS D 180 22.37 28.47 5.76
C HIS D 180 20.92 28.41 5.35
N LEU D 181 20.58 27.48 4.46
CA LEU D 181 19.21 27.34 3.96
C LEU D 181 18.38 26.39 4.83
N LEU D 182 19.05 25.64 5.71
CA LEU D 182 18.36 24.69 6.58
C LEU D 182 17.17 25.27 7.37
N PRO D 183 17.32 26.47 7.99
CA PRO D 183 16.21 27.05 8.75
C PRO D 183 15.04 27.51 7.88
N VAL D 184 15.30 27.79 6.60
CA VAL D 184 14.24 28.07 5.63
C VAL D 184 13.39 26.81 5.37
N PHE D 185 14.04 25.67 5.15
CA PHE D 185 13.33 24.39 5.01
C PHE D 185 12.51 24.05 6.27
N GLU D 186 13.09 24.34 7.44
CA GLU D 186 12.43 24.11 8.73
C GLU D 186 11.15 24.95 8.89
N ALA D 187 11.26 26.24 8.55
CA ALA D 187 10.12 27.16 8.67
C ALA D 187 8.98 26.77 7.72
N VAL D 188 9.30 26.43 6.48
CA VAL D 188 8.27 26.00 5.51
C VAL D 188 7.65 24.68 5.95
N ALA D 189 8.49 23.75 6.43
CA ALA D 189 8.01 22.48 6.92
C ALA D 189 7.09 22.65 8.12
N ASP D 190 7.48 23.51 9.05
CA ASP D 190 6.69 23.76 10.26
C ASP D 190 5.37 24.46 9.95
N ALA D 191 5.37 25.33 8.93
CA ALA D 191 4.17 26.00 8.46
C ALA D 191 3.26 25.06 7.65
N LYS D 192 3.72 23.82 7.47
CA LYS D 192 2.96 22.81 6.70
C LYS D 192 2.72 23.26 5.25
N LEU D 193 3.70 23.94 4.67
CA LEU D 193 3.63 24.33 3.26
C LEU D 193 4.44 23.37 2.42
N LEU D 194 3.83 22.87 1.36
CA LEU D 194 4.51 22.00 0.41
C LEU D 194 5.51 22.84 -0.39
N VAL D 195 6.73 22.34 -0.53
CA VAL D 195 7.77 23.01 -1.32
C VAL D 195 7.78 22.46 -2.75
N PHE D 196 7.52 23.32 -3.72
CA PHE D 196 7.53 22.96 -5.12
C PHE D 196 8.88 23.35 -5.69
N LEU D 197 9.72 22.35 -5.98
CA LEU D 197 11.04 22.59 -6.52
C LEU D 197 11.00 22.58 -8.04
N HIS D 198 11.56 23.62 -8.65
CA HIS D 198 11.42 23.87 -10.06
C HIS D 198 12.72 24.34 -10.66
N PRO D 199 13.07 23.84 -11.87
CA PRO D 199 14.31 24.22 -12.53
C PRO D 199 14.29 25.62 -13.13
N HIS D 200 15.48 26.08 -13.56
CA HIS D 200 15.67 27.35 -14.25
C HIS D 200 17.07 27.51 -14.75
N TYR D 201 18.04 27.22 -13.89
CA TYR D 201 19.45 27.50 -14.20
C TYR D 201 20.05 26.56 -15.24
N GLY D 202 19.47 25.37 -15.38
CA GLY D 202 19.95 24.36 -16.31
C GLY D 202 21.41 23.98 -16.06
N LEU D 203 22.12 23.74 -17.15
CA LEU D 203 23.52 23.30 -17.12
C LEU D 203 24.40 24.32 -17.84
N PRO D 204 25.71 24.37 -17.52
CA PRO D 204 26.59 25.27 -18.26
C PRO D 204 26.47 24.97 -19.75
N ASN D 205 26.32 26.03 -20.53
CA ASN D 205 25.99 25.93 -21.95
C ASN D 205 26.94 25.13 -22.83
N GLU D 206 28.21 25.11 -22.45
CA GLU D 206 29.23 24.39 -23.21
C GLU D 206 28.90 22.90 -23.39
N VAL D 207 28.12 22.31 -22.48
CA VAL D 207 27.79 20.87 -22.56
C VAL D 207 26.98 20.51 -23.80
N TYR D 208 26.27 21.48 -24.37
CA TYR D 208 25.45 21.24 -25.55
C TYR D 208 26.22 21.35 -26.86
N GLY D 209 27.44 21.88 -26.82
CA GLY D 209 28.31 21.91 -27.99
C GLY D 209 28.07 23.06 -28.95
N PRO D 210 28.92 23.20 -29.98
CA PRO D 210 28.93 24.37 -30.86
C PRO D 210 27.75 24.43 -31.83
N ARG D 211 26.91 23.41 -31.83
CA ARG D 211 25.76 23.35 -32.74
C ARG D 211 24.43 23.54 -32.01
N SER D 212 24.48 23.82 -30.71
CA SER D 212 23.26 23.89 -29.91
CA SER D 212 23.29 23.95 -29.86
C SER D 212 22.23 24.88 -30.44
N GLU D 213 22.69 26.02 -30.98
CA GLU D 213 21.79 27.02 -31.59
C GLU D 213 20.83 26.42 -32.62
N GLU D 214 21.29 25.38 -33.32
CA GLU D 214 20.53 24.77 -34.41
C GLU D 214 19.34 23.96 -33.93
N TYR D 215 19.34 23.58 -32.65
CA TYR D 215 18.28 22.74 -32.11
C TYR D 215 17.24 23.51 -31.30
N GLY D 216 17.19 24.83 -31.47
CA GLY D 216 16.23 25.67 -30.77
C GLY D 216 16.40 25.59 -29.27
N HIS D 217 15.28 25.43 -28.55
CA HIS D 217 15.29 25.31 -27.09
C HIS D 217 15.30 23.89 -26.60
N VAL D 218 15.34 22.92 -27.52
CA VAL D 218 15.17 21.51 -27.17
C VAL D 218 16.12 20.97 -26.09
N LEU D 219 17.42 21.23 -26.23
CA LEU D 219 18.40 20.70 -25.25
C LEU D 219 18.32 21.34 -23.86
N PRO D 220 18.31 22.70 -23.78
CA PRO D 220 18.20 23.27 -22.43
C PRO D 220 16.87 22.98 -21.73
N LEU D 221 15.78 22.88 -22.48
CA LEU D 221 14.47 22.60 -21.90
C LEU D 221 14.20 21.12 -21.67
N ALA D 222 14.54 20.28 -22.65
CA ALA D 222 14.28 18.85 -22.54
C ALA D 222 15.30 18.10 -21.67
N LEU D 223 16.52 18.62 -21.61
CA LEU D 223 17.60 17.95 -20.86
C LEU D 223 18.05 18.74 -19.64
N GLY D 224 18.44 19.99 -19.87
CA GLY D 224 18.99 20.85 -18.82
C GLY D 224 18.10 21.00 -17.59
N PHE D 225 16.83 21.30 -17.82
CA PHE D 225 15.87 21.52 -16.73
C PHE D 225 15.73 20.30 -15.81
N PRO D 226 15.32 19.14 -16.36
CA PRO D 226 15.16 17.99 -15.47
C PRO D 226 16.47 17.49 -14.87
N MET D 227 17.59 17.72 -15.54
CA MET D 227 18.90 17.33 -15.00
C MET D 227 19.28 18.23 -13.82
N GLU D 228 19.03 19.53 -13.97
CA GLU D 228 19.21 20.48 -12.88
C GLU D 228 18.43 20.08 -11.63
N THR D 229 17.16 19.71 -11.80
CA THR D 229 16.30 19.26 -10.70
C THR D 229 16.90 18.04 -9.99
N THR D 230 17.41 17.09 -10.79
CA THR D 230 17.99 15.86 -10.27
C THR D 230 19.23 16.17 -9.43
N ILE D 231 20.10 17.02 -9.95
CA ILE D 231 21.35 17.38 -9.26
C ILE D 231 21.04 18.05 -7.91
N ALA D 232 20.13 19.01 -7.93
CA ALA D 232 19.75 19.73 -6.72
C ALA D 232 19.19 18.83 -5.62
N VAL D 233 18.25 17.95 -5.98
CA VAL D 233 17.62 17.02 -5.03
C VAL D 233 18.64 16.01 -4.49
N ALA D 234 19.53 15.56 -5.37
CA ALA D 234 20.57 14.59 -4.98
C ALA D 234 21.55 15.24 -4.00
N ARG D 235 21.89 16.50 -4.24
CA ARG D 235 22.68 17.27 -3.29
C ARG D 235 21.98 17.39 -1.94
N MET D 236 20.69 17.70 -1.94
CA MET D 236 19.90 17.79 -0.70
C MET D 236 19.98 16.49 0.07
N TYR D 237 19.75 15.40 -0.66
CA TYR D 237 19.74 14.07 -0.09
C TYR D 237 21.11 13.72 0.52
N MET D 238 22.16 13.92 -0.26
CA MET D 238 23.51 13.60 0.17
C MET D 238 23.95 14.41 1.40
N ALA D 239 23.46 15.64 1.52
CA ALA D 239 23.76 16.50 2.66
C ALA D 239 22.91 16.19 3.90
N GLY D 240 21.95 15.27 3.76
CA GLY D 240 21.11 14.84 4.89
C GLY D 240 19.94 15.75 5.20
N VAL D 241 19.60 16.64 4.26
CA VAL D 241 18.50 17.59 4.48
C VAL D 241 17.20 16.90 4.89
N PHE D 242 16.86 15.82 4.19
CA PHE D 242 15.62 15.09 4.45
C PHE D 242 15.59 14.44 5.83
N ASP D 243 16.76 14.01 6.31
CA ASP D 243 16.91 13.53 7.69
C ASP D 243 16.88 14.65 8.73
N HIS D 244 17.44 15.80 8.37
CA HIS D 244 17.54 16.95 9.27
C HIS D 244 16.24 17.70 9.40
N VAL D 245 15.39 17.58 8.38
CA VAL D 245 14.07 18.19 8.37
C VAL D 245 13.05 17.13 7.99
N ARG D 246 12.65 16.36 9.00
CA ARG D 246 11.85 15.16 8.81
C ARG D 246 10.42 15.43 8.35
N ASN D 247 9.92 16.64 8.63
CA ASN D 247 8.56 17.01 8.22
C ASN D 247 8.52 17.72 6.86
N LEU D 248 9.67 17.95 6.26
CA LEU D 248 9.73 18.57 4.94
C LEU D 248 9.08 17.67 3.87
N GLN D 249 8.18 18.28 3.10
CA GLN D 249 7.56 17.61 1.96
C GLN D 249 7.85 18.41 0.70
N MET D 250 8.38 17.72 -0.31
CA MET D 250 8.72 18.37 -1.58
C MET D 250 7.95 17.83 -2.76
N LEU D 251 7.50 18.74 -3.62
CA LEU D 251 6.95 18.38 -4.92
C LEU D 251 8.01 18.66 -5.98
N LEU D 252 8.35 17.64 -6.77
CA LEU D 252 9.40 17.80 -7.79
C LEU D 252 8.82 18.01 -9.19
N ALA D 253 9.34 19.02 -9.87
CA ALA D 253 8.96 19.31 -11.25
C ALA D 253 9.38 18.17 -12.20
N HIS D 254 8.56 17.95 -13.21
CA HIS D 254 8.85 17.00 -14.30
C HIS D 254 9.17 15.63 -13.78
N SER D 255 8.28 15.14 -12.91
CA SER D 255 8.41 13.81 -12.30
C SER D 255 9.76 13.55 -11.63
N GLY D 256 10.33 14.59 -11.03
CA GLY D 256 11.64 14.45 -10.38
C GLY D 256 12.83 14.59 -11.31
N GLY D 257 12.57 15.04 -12.54
CA GLY D 257 13.63 15.28 -13.51
C GLY D 257 14.04 13.99 -14.18
N THR D 258 14.96 13.27 -13.55
CA THR D 258 15.39 11.94 -14.01
C THR D 258 15.51 11.01 -12.80
N LEU D 259 15.18 11.55 -11.63
CA LEU D 259 15.44 10.87 -10.36
C LEU D 259 14.89 9.44 -10.26
N PRO D 260 13.63 9.18 -10.69
CA PRO D 260 13.12 7.82 -10.61
C PRO D 260 13.91 6.83 -11.46
N PHE D 261 14.49 7.32 -12.56
CA PHE D 261 15.30 6.46 -13.42
C PHE D 261 16.68 6.19 -12.83
N LEU D 262 17.24 7.18 -12.10
CA LEU D 262 18.61 7.09 -11.58
C LEU D 262 18.72 6.67 -10.10
N ALA D 263 17.57 6.52 -9.44
CA ALA D 263 17.56 6.25 -8.00
C ALA D 263 18.35 5.00 -7.65
N GLY D 264 18.18 3.93 -8.44
CA GLY D 264 18.94 2.68 -8.24
C GLY D 264 20.44 2.90 -8.33
N ARG D 265 20.85 3.71 -9.31
CA ARG D 265 22.26 4.01 -9.55
C ARG D 265 22.86 4.86 -8.42
N ILE D 266 22.09 5.83 -7.96
CA ILE D 266 22.48 6.64 -6.81
C ILE D 266 22.76 5.71 -5.60
N GLU D 267 21.81 4.82 -5.31
CA GLU D 267 21.94 3.90 -4.20
C GLU D 267 23.19 3.01 -4.31
N SER D 268 23.42 2.49 -5.51
CA SER D 268 24.59 1.64 -5.73
C SER D 268 25.89 2.42 -5.53
N CYS D 269 25.93 3.63 -6.06
CA CYS D 269 27.13 4.46 -5.94
C CYS D 269 27.42 4.81 -4.47
N ILE D 270 26.37 5.01 -3.69
CA ILE D 270 26.53 5.27 -2.25
C ILE D 270 27.16 4.07 -1.54
N VAL D 271 26.57 2.89 -1.68
CA VAL D 271 27.04 1.70 -0.95
C VAL D 271 28.41 1.19 -1.42
N HIS D 272 28.84 1.63 -2.61
CA HIS D 272 30.13 1.26 -3.17
C HIS D 272 31.14 2.37 -3.11
N ASP D 273 30.77 3.47 -2.44
CA ASP D 273 31.72 4.57 -2.31
C ASP D 273 32.69 4.34 -1.15
N GLY D 274 33.93 3.98 -1.48
CA GLY D 274 34.97 3.68 -0.49
C GLY D 274 35.07 4.73 0.59
N HIS D 275 35.21 5.99 0.20
CA HIS D 275 35.36 7.09 1.15
C HIS D 275 34.19 7.24 2.08
N LEU D 276 32.98 7.18 1.53
CA LEU D 276 31.77 7.33 2.34
C LEU D 276 31.55 6.16 3.31
N VAL D 277 31.78 4.94 2.84
CA VAL D 277 31.61 3.76 3.68
C VAL D 277 32.64 3.77 4.82
N LYS D 278 33.89 4.01 4.48
CA LYS D 278 34.98 3.95 5.46
C LYS D 278 35.01 5.10 6.46
N THR D 279 34.33 6.20 6.17
CA THR D 279 34.21 7.30 7.14
C THR D 279 32.84 7.32 7.83
N GLY D 280 32.15 6.18 7.79
CA GLY D 280 30.87 6.02 8.50
C GLY D 280 29.69 6.81 7.97
N LYS D 281 29.75 7.23 6.71
CA LYS D 281 28.65 8.00 6.12
C LYS D 281 27.56 7.10 5.52
N VAL D 282 27.75 5.79 5.58
CA VAL D 282 26.78 4.84 5.03
C VAL D 282 26.41 3.78 6.09
N PRO D 283 25.78 4.21 7.20
CA PRO D 283 25.44 3.24 8.26
C PRO D 283 24.28 2.31 7.88
N LYS D 284 24.08 1.26 8.67
CA LYS D 284 23.02 0.27 8.45
C LYS D 284 21.59 0.84 8.45
N ASP D 285 21.34 1.83 9.30
CA ASP D 285 19.99 2.38 9.49
C ASP D 285 19.70 3.60 8.60
N ARG D 286 20.60 3.84 7.66
CA ARG D 286 20.48 4.90 6.66
C ARG D 286 19.13 4.87 5.93
N ARG D 287 18.49 6.03 5.79
CA ARG D 287 17.26 6.14 5.00
C ARG D 287 17.62 6.25 3.53
N THR D 288 17.20 5.26 2.74
CA THR D 288 17.54 5.20 1.31
C THR D 288 16.76 6.25 0.54
N ILE D 289 17.25 6.59 -0.65
CA ILE D 289 16.50 7.48 -1.54
C ILE D 289 15.13 6.90 -1.88
N TRP D 290 15.00 5.58 -1.84
CA TRP D 290 13.70 4.93 -2.06
C TRP D 290 12.73 5.26 -0.95
N THR D 291 13.23 5.30 0.27
CA THR D 291 12.43 5.66 1.43
C THR D 291 11.99 7.14 1.35
N VAL D 292 12.93 8.02 1.03
CA VAL D 292 12.64 9.45 0.88
C VAL D 292 11.60 9.70 -0.22
N LEU D 293 11.72 8.97 -1.33
CA LEU D 293 10.78 9.07 -2.46
C LEU D 293 9.35 8.67 -2.10
N LYS D 294 9.21 7.76 -1.13
CA LYS D 294 7.91 7.31 -0.63
C LYS D 294 7.39 8.15 0.54
N GLU D 295 8.28 8.88 1.22
CA GLU D 295 7.91 9.54 2.47
C GLU D 295 7.91 11.08 2.46
N GLN D 296 8.76 11.68 1.62
CA GLN D 296 8.92 13.14 1.65
C GLN D 296 8.90 13.78 0.26
N ILE D 297 8.72 12.97 -0.77
CA ILE D 297 8.73 13.48 -2.13
C ILE D 297 7.41 13.20 -2.85
N TYR D 298 6.84 14.24 -3.43
CA TYR D 298 5.75 14.11 -4.39
C TYR D 298 6.31 14.41 -5.77
N LEU D 299 5.69 13.86 -6.80
CA LEU D 299 6.16 14.07 -8.15
C LEU D 299 5.01 14.58 -9.00
N ASP D 300 5.28 15.59 -9.82
CA ASP D 300 4.28 16.00 -10.80
C ASP D 300 4.29 14.99 -11.94
N ALA D 301 3.25 15.00 -12.77
CA ALA D 301 3.17 14.05 -13.87
C ALA D 301 3.48 14.72 -15.22
N VAL D 302 4.28 15.78 -15.18
CA VAL D 302 4.66 16.48 -16.40
C VAL D 302 5.85 15.73 -17.01
N ILE D 303 5.54 14.62 -17.67
CA ILE D 303 6.54 13.68 -18.16
C ILE D 303 6.29 13.24 -19.61
N TYR D 304 5.09 13.51 -20.11
CA TYR D 304 4.75 13.35 -21.54
C TYR D 304 4.71 11.91 -22.07
N SER D 305 4.93 10.93 -21.20
CA SER D 305 4.94 9.52 -21.62
C SER D 305 4.61 8.56 -20.49
N GLU D 306 3.85 7.51 -20.83
CA GLU D 306 3.55 6.44 -19.87
C GLU D 306 4.80 5.71 -19.41
N VAL D 307 5.85 5.73 -20.23
CA VAL D 307 7.13 5.12 -19.88
C VAL D 307 7.72 5.81 -18.65
N GLY D 308 7.96 7.12 -18.77
CA GLY D 308 8.45 7.91 -17.64
C GLY D 308 7.50 7.85 -16.44
N LEU D 309 6.20 7.92 -16.72
CA LEU D 309 5.18 7.95 -15.66
C LEU D 309 5.16 6.66 -14.84
N GLN D 310 5.27 5.52 -15.52
CA GLN D 310 5.30 4.24 -14.83
C GLN D 310 6.48 4.17 -13.87
N ALA D 311 7.65 4.61 -14.33
CA ALA D 311 8.84 4.67 -13.46
C ALA D 311 8.61 5.57 -12.25
N ALA D 312 7.94 6.69 -12.50
CA ALA D 312 7.61 7.65 -11.44
C ALA D 312 6.66 7.04 -10.40
N ILE D 313 5.59 6.39 -10.89
CA ILE D 313 4.64 5.68 -10.02
C ILE D 313 5.32 4.57 -9.21
N ALA D 314 6.11 3.74 -9.88
CA ALA D 314 6.87 2.68 -9.21
C ALA D 314 7.79 3.22 -8.11
N SER D 315 8.26 4.46 -8.27
CA SER D 315 9.19 5.07 -7.31
C SER D 315 8.49 5.71 -6.10
N SER D 316 7.45 6.50 -6.36
CA SER D 316 6.78 7.23 -5.29
C SER D 316 5.43 6.67 -4.88
N GLY D 317 4.79 5.91 -5.76
CA GLY D 317 3.44 5.41 -5.52
C GLY D 317 2.43 6.28 -6.26
N ALA D 318 1.31 5.67 -6.64
CA ALA D 318 0.27 6.35 -7.40
C ALA D 318 -0.40 7.47 -6.58
N ASP D 319 -0.38 7.33 -5.26
CA ASP D 319 -0.93 8.35 -4.36
C ASP D 319 -0.03 9.58 -4.20
N ARG D 320 1.15 9.57 -4.82
CA ARG D 320 2.11 10.67 -4.66
C ARG D 320 2.46 11.36 -5.99
N LEU D 321 1.66 11.09 -7.02
CA LEU D 321 1.82 11.68 -8.35
C LEU D 321 0.70 12.69 -8.62
N MET D 322 1.06 13.84 -9.21
CA MET D 322 0.09 14.91 -9.43
C MET D 322 0.18 15.51 -10.82
N PHE D 323 -0.93 15.48 -11.54
CA PHE D 323 -1.05 16.05 -12.89
C PHE D 323 -0.70 17.54 -12.94
N GLY D 324 -0.07 17.94 -14.04
CA GLY D 324 0.21 19.35 -14.32
C GLY D 324 0.32 19.54 -15.82
N THR D 325 0.42 20.81 -16.25
CA THR D 325 0.43 21.15 -17.69
C THR D 325 1.62 21.98 -18.13
N ASP D 326 2.26 22.68 -17.20
CA ASP D 326 3.28 23.69 -17.50
C ASP D 326 2.76 24.84 -18.38
N HIS D 327 1.46 25.09 -18.31
CA HIS D 327 0.84 26.25 -18.94
C HIS D 327 1.49 27.50 -18.41
N PRO D 328 1.85 28.45 -19.29
CA PRO D 328 1.65 28.48 -20.74
C PRO D 328 2.95 28.37 -21.57
N PHE D 329 3.92 27.62 -21.09
CA PHE D 329 5.23 27.57 -21.75
C PHE D 329 5.32 26.81 -23.09
N PHE D 330 4.40 25.88 -23.32
CA PHE D 330 4.40 25.10 -24.56
C PHE D 330 3.08 25.23 -25.33
N PRO D 331 2.83 26.42 -25.92
CA PRO D 331 1.62 26.57 -26.72
C PRO D 331 1.73 25.80 -28.04
N PRO D 332 0.58 25.44 -28.66
CA PRO D 332 0.62 24.88 -30.01
C PRO D 332 1.29 25.85 -30.97
N ILE D 333 2.05 25.33 -31.94
CA ILE D 333 2.74 26.19 -32.90
C ILE D 333 1.87 26.56 -34.11
N GLU D 334 1.19 25.57 -34.69
CA GLU D 334 0.37 25.80 -35.87
C GLU D 334 -1.14 25.59 -35.67
N GLU D 335 -1.50 24.80 -34.64
CA GLU D 335 -2.91 24.65 -34.24
C GLU D 335 -3.42 25.94 -33.59
N ASP D 336 -4.71 26.01 -33.27
CA ASP D 336 -5.24 27.21 -32.60
C ASP D 336 -4.79 27.26 -31.13
N VAL D 337 -4.12 28.35 -30.75
CA VAL D 337 -3.46 28.46 -29.44
C VAL D 337 -4.41 28.31 -28.25
N GLN D 338 -5.70 28.50 -28.47
CA GLN D 338 -6.69 28.23 -27.43
C GLN D 338 -7.85 27.33 -27.89
N GLY D 339 -7.46 26.17 -28.44
CA GLY D 339 -8.27 24.94 -28.42
C GLY D 339 -7.61 24.11 -27.33
N PRO D 340 -7.78 22.76 -27.36
CA PRO D 340 -7.04 21.95 -26.38
C PRO D 340 -5.53 21.93 -26.68
N TRP D 341 -4.72 22.01 -25.63
CA TRP D 341 -3.25 22.02 -25.78
C TRP D 341 -2.70 20.64 -25.80
N ASP D 342 -1.83 20.40 -26.79
CA ASP D 342 -1.16 19.13 -26.96
C ASP D 342 -0.28 18.80 -25.75
N SER D 343 0.35 19.83 -25.19
CA SER D 343 1.26 19.67 -24.04
C SER D 343 0.52 19.29 -22.76
N SER D 344 -0.79 19.54 -22.73
CA SER D 344 -1.63 19.13 -21.63
C SER D 344 -2.24 17.75 -21.90
N ARG D 345 -2.69 17.54 -23.15
CA ARG D 345 -3.28 16.28 -23.58
C ARG D 345 -2.28 15.10 -23.50
N LEU D 346 -1.03 15.35 -23.88
CA LEU D 346 0.01 14.31 -23.81
C LEU D 346 0.14 13.72 -22.41
N ASN D 347 0.08 14.57 -21.38
CA ASN D 347 0.21 14.11 -20.00
C ASN D 347 -1.03 13.38 -19.51
N ALA D 348 -2.19 13.84 -19.95
CA ALA D 348 -3.45 13.17 -19.63
C ALA D 348 -3.47 11.79 -20.27
N GLN D 349 -3.02 11.73 -21.52
CA GLN D 349 -2.94 10.49 -22.29
C GLN D 349 -2.00 9.50 -21.60
N ALA D 350 -0.84 10.00 -21.16
CA ALA D 350 0.15 9.18 -20.45
C ALA D 350 -0.39 8.57 -19.16
N VAL D 351 -1.26 9.31 -18.45
CA VAL D 351 -1.92 8.81 -17.23
C VAL D 351 -2.89 7.68 -17.57
N ILE D 352 -3.77 7.94 -18.53
CA ILE D 352 -4.69 6.92 -19.04
C ILE D 352 -3.94 5.65 -19.44
N LYS D 353 -2.87 5.82 -20.22
CA LYS D 353 -2.09 4.68 -20.72
C LYS D 353 -1.39 3.88 -19.61
N ALA D 354 -0.97 4.55 -18.55
CA ALA D 354 -0.23 3.89 -17.48
C ALA D 354 -1.14 3.18 -16.48
N VAL D 355 -2.26 3.79 -16.10
CA VAL D 355 -3.10 3.24 -15.03
C VAL D 355 -4.55 2.92 -15.42
N GLY D 356 -4.94 3.29 -16.64
CA GLY D 356 -6.28 2.99 -17.14
C GLY D 356 -7.29 4.09 -16.88
N GLU D 357 -8.05 4.43 -17.90
CA GLU D 357 -9.09 5.45 -17.81
C GLU D 357 -10.14 5.04 -16.78
N GLY D 358 -10.55 5.99 -15.94
CA GLY D 358 -11.60 5.76 -14.96
C GLY D 358 -11.18 4.96 -13.74
N SER D 359 -9.92 4.54 -13.68
CA SER D 359 -9.41 3.86 -12.49
C SER D 359 -9.31 4.84 -11.32
N SER D 360 -9.16 4.32 -10.11
CA SER D 360 -8.98 5.18 -8.95
C SER D 360 -7.57 5.79 -8.98
N ASP D 361 -6.62 5.07 -9.57
CA ASP D 361 -5.27 5.60 -9.77
C ASP D 361 -5.30 6.83 -10.67
N ALA D 362 -6.07 6.77 -11.75
CA ALA D 362 -6.25 7.90 -12.66
C ALA D 362 -6.88 9.11 -11.95
N ALA D 363 -7.92 8.86 -11.15
CA ALA D 363 -8.58 9.93 -10.42
C ALA D 363 -7.62 10.60 -9.43
N ALA D 364 -6.77 9.80 -8.81
CA ALA D 364 -5.80 10.27 -7.83
C ALA D 364 -4.77 11.20 -8.48
N VAL D 365 -4.11 10.70 -9.52
CA VAL D 365 -3.09 11.46 -10.24
C VAL D 365 -3.68 12.72 -10.88
N MET D 366 -4.88 12.60 -11.45
CA MET D 366 -5.50 13.70 -12.19
C MET D 366 -5.97 14.87 -11.33
N GLY D 367 -6.08 14.67 -10.02
CA GLY D 367 -6.46 15.75 -9.12
C GLY D 367 -6.69 15.39 -7.65
N LEU D 368 -7.11 14.16 -7.38
CA LEU D 368 -7.48 13.80 -6.02
C LEU D 368 -6.31 13.79 -5.03
N ASN D 369 -5.12 13.43 -5.50
CA ASN D 369 -3.92 13.51 -4.67
C ASN D 369 -3.66 14.95 -4.23
N ALA D 370 -3.72 15.88 -5.19
CA ALA D 370 -3.58 17.32 -4.92
C ALA D 370 -4.62 17.82 -3.93
N VAL D 371 -5.87 17.39 -4.11
CA VAL D 371 -6.98 17.78 -3.24
C VAL D 371 -6.69 17.37 -1.79
N ARG D 372 -6.21 16.14 -1.61
CA ARG D 372 -5.89 15.60 -0.29
C ARG D 372 -4.67 16.29 0.30
N VAL D 373 -3.58 16.30 -0.46
CA VAL D 373 -2.29 16.78 0.07
C VAL D 373 -2.29 18.29 0.31
N LEU D 374 -2.95 19.04 -0.57
CA LEU D 374 -2.99 20.49 -0.46
C LEU D 374 -4.26 21.05 0.19
N SER D 375 -5.07 20.18 0.78
CA SER D 375 -6.33 20.59 1.43
C SER D 375 -7.11 21.61 0.61
N LEU D 376 -7.60 21.17 -0.56
CA LEU D 376 -8.33 22.07 -1.45
C LEU D 376 -9.85 21.94 -1.29
N LYS D 377 -10.29 21.05 -0.41
CA LYS D 377 -11.72 20.79 -0.18
C LYS D 377 -12.23 21.48 1.09
ZN ZN E . -9.35 -6.75 28.39
O4 5NU F . -11.15 -5.87 29.40
C4 5NU F . -12.19 -6.25 29.91
N3 5NU F . -12.94 -5.34 30.64
C2 5NU F . -14.13 -5.75 31.23
O2 5NU F . -14.81 -4.96 31.87
N1 5NU F . -14.56 -7.08 31.09
C6 5NU F . -13.85 -7.95 30.41
C5 5NU F . -12.66 -7.56 29.80
N51 5NU F . -11.97 -8.41 29.07
O53 5NU F . -12.09 -9.68 29.32
O52 5NU F . -11.27 -7.95 27.86
ZN ZN G . 31.74 1.39 -17.62
O4 5NU H . 33.17 2.90 -16.68
C4 5NU H . 33.36 3.58 -15.69
N3 5NU H . 34.59 4.22 -15.53
C2 5NU H . 34.80 5.00 -14.41
O2 5NU H . 35.88 5.57 -14.27
N1 5NU H . 33.80 5.14 -13.44
C6 5NU H . 32.64 4.54 -13.58
C5 5NU H . 32.39 3.75 -14.70
N51 5NU H . 31.20 3.19 -14.88
O53 5NU H . 30.37 3.22 -13.91
O52 5NU H . 30.75 2.87 -16.25
ZN ZN I . -29.41 -19.74 4.27
O4 5NU J . -30.37 -17.73 3.91
C4 5NU J . -30.09 -16.54 3.73
N3 5NU J . -31.13 -15.66 3.53
C2 5NU J . -30.87 -14.33 3.32
O2 5NU J . -31.79 -13.55 3.14
N1 5NU J . -29.56 -13.87 3.31
C6 5NU J . -28.55 -14.70 3.50
C5 5NU J . -28.80 -16.06 3.71
N51 5NU J . -27.78 -16.88 3.97
O53 5NU J . -26.62 -16.48 3.73
O52 5NU J . -27.99 -18.07 4.81
ZN ZN K . 7.33 24.95 -15.25
O4 5NU L . 8.65 26.51 -16.31
C4 5NU L . 9.30 26.62 -17.34
N3 5NU L . 9.87 27.84 -17.64
C2 5NU L . 10.61 27.99 -18.80
O2 5NU L . 11.11 29.07 -19.05
N1 5NU L . 10.77 26.93 -19.69
C6 5NU L . 10.23 25.76 -19.40
C5 5NU L . 9.48 25.57 -18.24
N51 5NU L . 8.99 24.37 -17.95
O53 5NU L . 8.88 23.56 -18.87
O52 5NU L . 8.90 23.95 -16.60
#